data_7HLL
# 
_entry.id   7HLL 
# 
_audit_conform.dict_name       mmcif_pdbx.dic 
_audit_conform.dict_version    5.399 
_audit_conform.dict_location   http://mmcif.pdb.org/dictionaries/ascii/mmcif_pdbx.dic 
# 
loop_
_database_2.database_id 
_database_2.database_code 
_database_2.pdbx_database_accession 
_database_2.pdbx_DOI 
PDB   7HLL         pdb_00007hll 10.2210/pdb7hll/pdb 
WWPDB D_1001407627 ?            ?                   
# 
_pdbx_audit_revision_history.ordinal             1 
_pdbx_audit_revision_history.data_content_type   'Structure model' 
_pdbx_audit_revision_history.major_revision      1 
_pdbx_audit_revision_history.minor_revision      0 
_pdbx_audit_revision_history.revision_date       2024-11-27 
# 
_pdbx_audit_revision_details.ordinal             1 
_pdbx_audit_revision_details.revision_ordinal    1 
_pdbx_audit_revision_details.data_content_type   'Structure model' 
_pdbx_audit_revision_details.provider            repository 
_pdbx_audit_revision_details.type                'Initial release' 
_pdbx_audit_revision_details.description         ? 
_pdbx_audit_revision_details.details             ? 
# 
_pdbx_database_status.entry_id                        7HLL 
_pdbx_database_status.status_code                     REL 
_pdbx_database_status.status_code_sf                  REL 
_pdbx_database_status.status_code_mr                  ? 
_pdbx_database_status.status_code_cs                  ? 
_pdbx_database_status.recvd_initial_deposition_date   2024-11-04 
_pdbx_database_status.status_code_nmr_data            ? 
_pdbx_database_status.deposit_site                    RCSB 
_pdbx_database_status.process_site                    RCSB 
_pdbx_database_status.SG_entry                        ? 
_pdbx_database_status.pdb_format_compatible           Y 
_pdbx_database_status.methods_development_category    ? 
# 
_pdbx_contact_author.id                 1 
_pdbx_contact_author.email              knapp@pharmchem.uni-frankfurt.de 
_pdbx_contact_author.name_first         Stefan 
_pdbx_contact_author.name_last          Knapp 
_pdbx_contact_author.role               'principal investigator/group leader' 
_pdbx_contact_author.identifier_ORCID   0000-0001-5995-6494 
_pdbx_contact_author.name_mi            ? 
# 
loop_
_audit_author.name 
_audit_author.pdbx_ordinal 
'Kim, Y.'                              1 
'Marples, P.'                          2 
'Fearon, D.'                           3 
'von Delft, F.'                        4 
'Knapp, S.'                            5 
'Kraemer, A.'                          6 
'Structural Genomics Consortium (SGC)' 7 
# 
_citation.id                        primary 
_citation.title                     'PanDDA analysis group deposition' 
_citation.journal_abbrev            'To Be Published' 
_citation.journal_volume            ? 
_citation.page_first                ? 
_citation.page_last                 ? 
_citation.year                      ? 
_citation.journal_id_ASTM           ? 
_citation.country                   ? 
_citation.journal_id_ISSN           ? 
_citation.journal_id_CSD            0353 
_citation.book_publisher            ? 
_citation.pdbx_database_id_PubMed   ? 
_citation.pdbx_database_id_DOI      ? 
# 
loop_
_citation_author.citation_id 
_citation_author.name 
_citation_author.identifier_ORCID 
_citation_author.ordinal 
primary 'Kim, Y.'                              ? 1 
primary 'Marples, P.'                          ? 2 
primary 'Fearon, D.'                           ? 3 
primary 'von Delft, F.'                        ? 4 
primary 'Knapp, S.'                            ? 5 
primary 'Kraemer, A.'                          ? 6 
primary 'Structural Genomics Consortium (SGC)' ? 7 
# 
loop_
_entity.id 
_entity.type 
_entity.src_method 
_entity.pdbx_description 
_entity.formula_weight 
_entity.pdbx_number_of_molecules 
_entity.pdbx_ec 
_entity.pdbx_mutation 
_entity.pdbx_fragment 
_entity.details 
1 polymer     man 'E3 ubiquitin-protein ligase TRIM21'                     21596.361 1  2.3.2.27 ? ? ? 
2 non-polymer syn 1,2-ETHANEDIOL                                           62.068    1  ?        ? ? ? 
3 non-polymer syn '4-[(2-methylsulfonylimidazol-1-yl)methyl]-1,3-thiazole' 243.306   1  ?        ? ? ? 
4 non-polymer syn 'SULFATE ION'                                            96.063    1  ?        ? ? ? 
5 water       nat water                                                    18.015    19 ?        ? ? ? 
# 
_entity_name_com.entity_id   1 
_entity_name_com.name        
;52 kDa Ro protein,52 kDa ribonucleoprotein autoantigen Ro/SS-A,Ro(SS-A),Sjoegren syndrome type A antigen,SS-A,Tripartite motif-containing protein 21
;
# 
_entity_poly.entity_id                      1 
_entity_poly.type                           'polypeptide(L)' 
_entity_poly.nstd_linkage                   no 
_entity_poly.nstd_monomer                   no 
_entity_poly.pdbx_seq_one_letter_code       
;MHHHHHHMVHITLDRNTANSWLIISKDRRQVRMGDTHQNVSDNKERFSNYPMVLGAQRFSSGKMYWEVDVTQKEAWDLGV
CRDSVQRKGQFSLSPENGFWTIWLWQDSYEAGTSPQTTLHIQVPPCQIGIFVDYEAGVVSFYNITDHGSLIYTFSECVFA
GPLRPFFNVGFNYSGGNAAPLKLCPLKM
;
_entity_poly.pdbx_seq_one_letter_code_can   
;MHHHHHHMVHITLDRNTANSWLIISKDRRQVRMGDTHQNVSDNKERFSNYPMVLGAQRFSSGKMYWEVDVTQKEAWDLGV
CRDSVQRKGQFSLSPENGFWTIWLWQDSYEAGTSPQTTLHIQVPPCQIGIFVDYEAGVVSFYNITDHGSLIYTFSECVFA
GPLRPFFNVGFNYSGGNAAPLKLCPLKM
;
_entity_poly.pdbx_strand_id                 B 
_entity_poly.pdbx_target_identifier         ? 
# 
loop_
_pdbx_entity_nonpoly.entity_id 
_pdbx_entity_nonpoly.name 
_pdbx_entity_nonpoly.comp_id 
2 1,2-ETHANEDIOL                                           EDO 
3 '4-[(2-methylsulfonylimidazol-1-yl)methyl]-1,3-thiazole' J4Q 
4 'SULFATE ION'                                            SO4 
5 water                                                    HOH 
# 
loop_
_entity_poly_seq.entity_id 
_entity_poly_seq.num 
_entity_poly_seq.mon_id 
_entity_poly_seq.hetero 
1 1   MET n 
1 2   HIS n 
1 3   HIS n 
1 4   HIS n 
1 5   HIS n 
1 6   HIS n 
1 7   HIS n 
1 8   MET n 
1 9   VAL n 
1 10  HIS n 
1 11  ILE n 
1 12  THR n 
1 13  LEU n 
1 14  ASP n 
1 15  ARG n 
1 16  ASN n 
1 17  THR n 
1 18  ALA n 
1 19  ASN n 
1 20  SER n 
1 21  TRP n 
1 22  LEU n 
1 23  ILE n 
1 24  ILE n 
1 25  SER n 
1 26  LYS n 
1 27  ASP n 
1 28  ARG n 
1 29  ARG n 
1 30  GLN n 
1 31  VAL n 
1 32  ARG n 
1 33  MET n 
1 34  GLY n 
1 35  ASP n 
1 36  THR n 
1 37  HIS n 
1 38  GLN n 
1 39  ASN n 
1 40  VAL n 
1 41  SER n 
1 42  ASP n 
1 43  ASN n 
1 44  LYS n 
1 45  GLU n 
1 46  ARG n 
1 47  PHE n 
1 48  SER n 
1 49  ASN n 
1 50  TYR n 
1 51  PRO n 
1 52  MET n 
1 53  VAL n 
1 54  LEU n 
1 55  GLY n 
1 56  ALA n 
1 57  GLN n 
1 58  ARG n 
1 59  PHE n 
1 60  SER n 
1 61  SER n 
1 62  GLY n 
1 63  LYS n 
1 64  MET n 
1 65  TYR n 
1 66  TRP n 
1 67  GLU n 
1 68  VAL n 
1 69  ASP n 
1 70  VAL n 
1 71  THR n 
1 72  GLN n 
1 73  LYS n 
1 74  GLU n 
1 75  ALA n 
1 76  TRP n 
1 77  ASP n 
1 78  LEU n 
1 79  GLY n 
1 80  VAL n 
1 81  CYS n 
1 82  ARG n 
1 83  ASP n 
1 84  SER n 
1 85  VAL n 
1 86  GLN n 
1 87  ARG n 
1 88  LYS n 
1 89  GLY n 
1 90  GLN n 
1 91  PHE n 
1 92  SER n 
1 93  LEU n 
1 94  SER n 
1 95  PRO n 
1 96  GLU n 
1 97  ASN n 
1 98  GLY n 
1 99  PHE n 
1 100 TRP n 
1 101 THR n 
1 102 ILE n 
1 103 TRP n 
1 104 LEU n 
1 105 TRP n 
1 106 GLN n 
1 107 ASP n 
1 108 SER n 
1 109 TYR n 
1 110 GLU n 
1 111 ALA n 
1 112 GLY n 
1 113 THR n 
1 114 SER n 
1 115 PRO n 
1 116 GLN n 
1 117 THR n 
1 118 THR n 
1 119 LEU n 
1 120 HIS n 
1 121 ILE n 
1 122 GLN n 
1 123 VAL n 
1 124 PRO n 
1 125 PRO n 
1 126 CYS n 
1 127 GLN n 
1 128 ILE n 
1 129 GLY n 
1 130 ILE n 
1 131 PHE n 
1 132 VAL n 
1 133 ASP n 
1 134 TYR n 
1 135 GLU n 
1 136 ALA n 
1 137 GLY n 
1 138 VAL n 
1 139 VAL n 
1 140 SER n 
1 141 PHE n 
1 142 TYR n 
1 143 ASN n 
1 144 ILE n 
1 145 THR n 
1 146 ASP n 
1 147 HIS n 
1 148 GLY n 
1 149 SER n 
1 150 LEU n 
1 151 ILE n 
1 152 TYR n 
1 153 THR n 
1 154 PHE n 
1 155 SER n 
1 156 GLU n 
1 157 CYS n 
1 158 VAL n 
1 159 PHE n 
1 160 ALA n 
1 161 GLY n 
1 162 PRO n 
1 163 LEU n 
1 164 ARG n 
1 165 PRO n 
1 166 PHE n 
1 167 PHE n 
1 168 ASN n 
1 169 VAL n 
1 170 GLY n 
1 171 PHE n 
1 172 ASN n 
1 173 TYR n 
1 174 SER n 
1 175 GLY n 
1 176 GLY n 
1 177 ASN n 
1 178 ALA n 
1 179 ALA n 
1 180 PRO n 
1 181 LEU n 
1 182 LYS n 
1 183 LEU n 
1 184 CYS n 
1 185 PRO n 
1 186 LEU n 
1 187 LYS n 
1 188 MET n 
# 
_entity_src_gen.entity_id                          1 
_entity_src_gen.pdbx_src_id                        1 
_entity_src_gen.pdbx_alt_source_flag               sample 
_entity_src_gen.pdbx_seq_type                      'Biological sequence' 
_entity_src_gen.pdbx_beg_seq_num                   1 
_entity_src_gen.pdbx_end_seq_num                   188 
_entity_src_gen.gene_src_common_name               'house mouse' 
_entity_src_gen.gene_src_genus                     ? 
_entity_src_gen.pdbx_gene_src_gene                 'Trim21, Ro52, Ssa1' 
_entity_src_gen.gene_src_species                   ? 
_entity_src_gen.gene_src_strain                    ? 
_entity_src_gen.gene_src_tissue                    ? 
_entity_src_gen.gene_src_tissue_fraction           ? 
_entity_src_gen.gene_src_details                   ? 
_entity_src_gen.pdbx_gene_src_fragment             ? 
_entity_src_gen.pdbx_gene_src_scientific_name      'Mus musculus' 
_entity_src_gen.pdbx_gene_src_ncbi_taxonomy_id     10090 
_entity_src_gen.pdbx_gene_src_variant              ? 
_entity_src_gen.pdbx_gene_src_cell_line            ? 
_entity_src_gen.pdbx_gene_src_atcc                 ? 
_entity_src_gen.pdbx_gene_src_organ                ? 
_entity_src_gen.pdbx_gene_src_organelle            ? 
_entity_src_gen.pdbx_gene_src_cell                 ? 
_entity_src_gen.pdbx_gene_src_cellular_location    ? 
_entity_src_gen.host_org_common_name               ? 
_entity_src_gen.pdbx_host_org_scientific_name      'Escherichia coli' 
_entity_src_gen.pdbx_host_org_ncbi_taxonomy_id     562 
_entity_src_gen.host_org_genus                     ? 
_entity_src_gen.pdbx_host_org_gene                 ? 
_entity_src_gen.pdbx_host_org_organ                ? 
_entity_src_gen.host_org_species                   ? 
_entity_src_gen.pdbx_host_org_tissue               ? 
_entity_src_gen.pdbx_host_org_tissue_fraction      ? 
_entity_src_gen.pdbx_host_org_strain               ? 
_entity_src_gen.pdbx_host_org_variant              ? 
_entity_src_gen.pdbx_host_org_cell_line            ? 
_entity_src_gen.pdbx_host_org_atcc                 ? 
_entity_src_gen.pdbx_host_org_culture_collection   ? 
_entity_src_gen.pdbx_host_org_cell                 ? 
_entity_src_gen.pdbx_host_org_organelle            ? 
_entity_src_gen.pdbx_host_org_cellular_location    ? 
_entity_src_gen.pdbx_host_org_vector_type          ? 
_entity_src_gen.pdbx_host_org_vector               ? 
_entity_src_gen.host_org_details                   ? 
_entity_src_gen.expression_system_id               ? 
_entity_src_gen.plasmid_name                       ? 
_entity_src_gen.plasmid_details                    ? 
_entity_src_gen.pdbx_description                   ? 
# 
loop_
_chem_comp.id 
_chem_comp.type 
_chem_comp.mon_nstd_flag 
_chem_comp.name 
_chem_comp.pdbx_synonyms 
_chem_comp.formula 
_chem_comp.formula_weight 
ALA 'L-peptide linking' y ALANINE                                                  ?                 'C3 H7 N O2'     89.093  
ARG 'L-peptide linking' y ARGININE                                                 ?                 'C6 H15 N4 O2 1' 175.209 
ASN 'L-peptide linking' y ASPARAGINE                                               ?                 'C4 H8 N2 O3'    132.118 
ASP 'L-peptide linking' y 'ASPARTIC ACID'                                          ?                 'C4 H7 N O4'     133.103 
CYS 'L-peptide linking' y CYSTEINE                                                 ?                 'C3 H7 N O2 S'   121.158 
EDO non-polymer         . 1,2-ETHANEDIOL                                           'ETHYLENE GLYCOL' 'C2 H6 O2'       62.068  
GLN 'L-peptide linking' y GLUTAMINE                                                ?                 'C5 H10 N2 O3'   146.144 
GLU 'L-peptide linking' y 'GLUTAMIC ACID'                                          ?                 'C5 H9 N O4'     147.129 
GLY 'peptide linking'   y GLYCINE                                                  ?                 'C2 H5 N O2'     75.067  
HIS 'L-peptide linking' y HISTIDINE                                                ?                 'C6 H10 N3 O2 1' 156.162 
HOH non-polymer         . WATER                                                    ?                 'H2 O'           18.015  
ILE 'L-peptide linking' y ISOLEUCINE                                               ?                 'C6 H13 N O2'    131.173 
J4Q non-polymer         . '4-[(2-methylsulfonylimidazol-1-yl)methyl]-1,3-thiazole' ?                 'C8 H9 N3 O2 S2' 243.306 
LEU 'L-peptide linking' y LEUCINE                                                  ?                 'C6 H13 N O2'    131.173 
LYS 'L-peptide linking' y LYSINE                                                   ?                 'C6 H15 N2 O2 1' 147.195 
MET 'L-peptide linking' y METHIONINE                                               ?                 'C5 H11 N O2 S'  149.211 
PHE 'L-peptide linking' y PHENYLALANINE                                            ?                 'C9 H11 N O2'    165.189 
PRO 'L-peptide linking' y PROLINE                                                  ?                 'C5 H9 N O2'     115.130 
SER 'L-peptide linking' y SERINE                                                   ?                 'C3 H7 N O3'     105.093 
SO4 non-polymer         . 'SULFATE ION'                                            ?                 'O4 S -2'        96.063  
THR 'L-peptide linking' y THREONINE                                                ?                 'C4 H9 N O3'     119.119 
TRP 'L-peptide linking' y TRYPTOPHAN                                               ?                 'C11 H12 N2 O2'  204.225 
TYR 'L-peptide linking' y TYROSINE                                                 ?                 'C9 H11 N O3'    181.189 
VAL 'L-peptide linking' y VALINE                                                   ?                 'C5 H11 N O2'    117.146 
# 
loop_
_pdbx_poly_seq_scheme.asym_id 
_pdbx_poly_seq_scheme.entity_id 
_pdbx_poly_seq_scheme.seq_id 
_pdbx_poly_seq_scheme.mon_id 
_pdbx_poly_seq_scheme.ndb_seq_num 
_pdbx_poly_seq_scheme.pdb_seq_num 
_pdbx_poly_seq_scheme.auth_seq_num 
_pdbx_poly_seq_scheme.pdb_mon_id 
_pdbx_poly_seq_scheme.auth_mon_id 
_pdbx_poly_seq_scheme.pdb_strand_id 
_pdbx_poly_seq_scheme.pdb_ins_code 
_pdbx_poly_seq_scheme.hetero 
A 1 1   MET 1   7   ?   ?   ?   B . n 
A 1 2   HIS 2   8   8   HIS HIS B . n 
A 1 3   HIS 3   9   9   HIS HIS B . n 
A 1 4   HIS 4   10  10  HIS HIS B . n 
A 1 5   HIS 5   11  11  HIS HIS B . n 
A 1 6   HIS 6   12  12  HIS HIS B . n 
A 1 7   HIS 7   13  13  HIS HIS B . n 
A 1 8   MET 8   14  14  MET MET B . n 
A 1 9   VAL 9   15  15  VAL VAL B . n 
A 1 10  HIS 10  16  16  HIS HIS B . n 
A 1 11  ILE 11  17  17  ILE ILE B . n 
A 1 12  THR 12  18  18  THR THR B . n 
A 1 13  LEU 13  19  19  LEU LEU B . n 
A 1 14  ASP 14  20  20  ASP ASP B . n 
A 1 15  ARG 15  21  21  ARG ARG B . n 
A 1 16  ASN 16  22  22  ASN ASN B . n 
A 1 17  THR 17  23  23  THR THR B . n 
A 1 18  ALA 18  24  24  ALA ALA B . n 
A 1 19  ASN 19  25  25  ASN ASN B . n 
A 1 20  SER 20  26  26  SER SER B . n 
A 1 21  TRP 21  27  27  TRP TRP B . n 
A 1 22  LEU 22  28  28  LEU LEU B . n 
A 1 23  ILE 23  29  29  ILE ILE B . n 
A 1 24  ILE 24  30  30  ILE ILE B . n 
A 1 25  SER 25  31  31  SER SER B . n 
A 1 26  LYS 26  32  32  LYS LYS B . n 
A 1 27  ASP 27  33  33  ASP ASP B . n 
A 1 28  ARG 28  34  34  ARG ARG B . n 
A 1 29  ARG 29  35  35  ARG ARG B . n 
A 1 30  GLN 30  36  36  GLN GLN B . n 
A 1 31  VAL 31  37  37  VAL VAL B . n 
A 1 32  ARG 32  38  38  ARG ARG B . n 
A 1 33  MET 33  39  39  MET MET B . n 
A 1 34  GLY 34  40  40  GLY GLY B . n 
A 1 35  ASP 35  41  41  ASP ASP B . n 
A 1 36  THR 36  42  42  THR THR B . n 
A 1 37  HIS 37  43  43  HIS HIS B . n 
A 1 38  GLN 38  44  44  GLN GLN B . n 
A 1 39  ASN 39  45  45  ASN ASN B . n 
A 1 40  VAL 40  46  46  VAL VAL B . n 
A 1 41  SER 41  47  47  SER SER B . n 
A 1 42  ASP 42  48  48  ASP ASP B . n 
A 1 43  ASN 43  49  49  ASN ASN B . n 
A 1 44  LYS 44  50  50  LYS LYS B . n 
A 1 45  GLU 45  51  51  GLU GLU B . n 
A 1 46  ARG 46  52  52  ARG ARG B . n 
A 1 47  PHE 47  53  53  PHE PHE B . n 
A 1 48  SER 48  54  54  SER SER B . n 
A 1 49  ASN 49  55  55  ASN ASN B . n 
A 1 50  TYR 50  56  56  TYR TYR B . n 
A 1 51  PRO 51  57  57  PRO PRO B . n 
A 1 52  MET 52  58  58  MET MET B . n 
A 1 53  VAL 53  59  59  VAL VAL B . n 
A 1 54  LEU 54  60  60  LEU LEU B . n 
A 1 55  GLY 55  61  61  GLY GLY B . n 
A 1 56  ALA 56  62  62  ALA ALA B . n 
A 1 57  GLN 57  63  63  GLN GLN B . n 
A 1 58  ARG 58  64  64  ARG ARG B . n 
A 1 59  PHE 59  65  65  PHE PHE B . n 
A 1 60  SER 60  66  66  SER SER B . n 
A 1 61  SER 61  67  67  SER SER B . n 
A 1 62  GLY 62  68  68  GLY GLY B . n 
A 1 63  LYS 63  69  69  LYS LYS B . n 
A 1 64  MET 64  70  70  MET MET B . n 
A 1 65  TYR 65  71  71  TYR TYR B . n 
A 1 66  TRP 66  72  72  TRP TRP B . n 
A 1 67  GLU 67  73  73  GLU GLU B . n 
A 1 68  VAL 68  74  74  VAL VAL B . n 
A 1 69  ASP 69  75  75  ASP ASP B . n 
A 1 70  VAL 70  76  76  VAL VAL B . n 
A 1 71  THR 71  77  77  THR THR B . n 
A 1 72  GLN 72  78  78  GLN GLN B . n 
A 1 73  LYS 73  79  79  LYS LYS B . n 
A 1 74  GLU 74  80  80  GLU GLU B . n 
A 1 75  ALA 75  81  81  ALA ALA B . n 
A 1 76  TRP 76  82  82  TRP TRP B . n 
A 1 77  ASP 77  83  83  ASP ASP B . n 
A 1 78  LEU 78  84  84  LEU LEU B . n 
A 1 79  GLY 79  85  85  GLY GLY B . n 
A 1 80  VAL 80  86  86  VAL VAL B . n 
A 1 81  CYS 81  87  87  CYS CYS B . n 
A 1 82  ARG 82  88  88  ARG ARG B . n 
A 1 83  ASP 83  89  89  ASP ASP B . n 
A 1 84  SER 84  90  90  SER SER B . n 
A 1 85  VAL 85  91  91  VAL VAL B . n 
A 1 86  GLN 86  92  92  GLN GLN B . n 
A 1 87  ARG 87  93  93  ARG ARG B . n 
A 1 88  LYS 88  94  94  LYS LYS B . n 
A 1 89  GLY 89  95  95  GLY GLY B . n 
A 1 90  GLN 90  96  96  GLN GLN B . n 
A 1 91  PHE 91  97  97  PHE PHE B . n 
A 1 92  SER 92  98  98  SER SER B . n 
A 1 93  LEU 93  99  99  LEU LEU B . n 
A 1 94  SER 94  100 100 SER SER B . n 
A 1 95  PRO 95  101 101 PRO PRO B . n 
A 1 96  GLU 96  102 102 GLU GLU B . n 
A 1 97  ASN 97  103 103 ASN ASN B . n 
A 1 98  GLY 98  104 104 GLY GLY B . n 
A 1 99  PHE 99  105 105 PHE PHE B . n 
A 1 100 TRP 100 106 106 TRP TRP B . n 
A 1 101 THR 101 107 107 THR THR B . n 
A 1 102 ILE 102 108 108 ILE ILE B . n 
A 1 103 TRP 103 109 109 TRP TRP B . n 
A 1 104 LEU 104 110 110 LEU LEU B . n 
A 1 105 TRP 105 111 111 TRP TRP B . n 
A 1 106 GLN 106 112 112 GLN GLN B . n 
A 1 107 ASP 107 113 113 ASP ASP B . n 
A 1 108 SER 108 114 114 SER SER B . n 
A 1 109 TYR 109 115 115 TYR TYR B . n 
A 1 110 GLU 110 116 116 GLU GLU B . n 
A 1 111 ALA 111 117 117 ALA ALA B . n 
A 1 112 GLY 112 118 118 GLY GLY B . n 
A 1 113 THR 113 119 119 THR THR B . n 
A 1 114 SER 114 120 120 SER SER B . n 
A 1 115 PRO 115 121 121 PRO PRO B . n 
A 1 116 GLN 116 122 122 GLN GLN B . n 
A 1 117 THR 117 123 123 THR THR B . n 
A 1 118 THR 118 124 124 THR THR B . n 
A 1 119 LEU 119 125 125 LEU LEU B . n 
A 1 120 HIS 120 126 126 HIS HIS B . n 
A 1 121 ILE 121 127 127 ILE ILE B . n 
A 1 122 GLN 122 128 128 GLN GLN B . n 
A 1 123 VAL 123 129 129 VAL VAL B . n 
A 1 124 PRO 124 130 130 PRO PRO B . n 
A 1 125 PRO 125 131 131 PRO PRO B . n 
A 1 126 CYS 126 132 132 CYS CYS B . n 
A 1 127 GLN 127 133 133 GLN GLN B . n 
A 1 128 ILE 128 134 134 ILE ILE B . n 
A 1 129 GLY 129 135 135 GLY GLY B . n 
A 1 130 ILE 130 136 136 ILE ILE B . n 
A 1 131 PHE 131 137 137 PHE PHE B . n 
A 1 132 VAL 132 138 138 VAL VAL B . n 
A 1 133 ASP 133 139 139 ASP ASP B . n 
A 1 134 TYR 134 140 140 TYR TYR B . n 
A 1 135 GLU 135 141 141 GLU GLU B . n 
A 1 136 ALA 136 142 142 ALA ALA B . n 
A 1 137 GLY 137 143 143 GLY GLY B . n 
A 1 138 VAL 138 144 144 VAL VAL B . n 
A 1 139 VAL 139 145 145 VAL VAL B . n 
A 1 140 SER 140 146 146 SER SER B . n 
A 1 141 PHE 141 147 147 PHE PHE B . n 
A 1 142 TYR 142 148 148 TYR TYR B . n 
A 1 143 ASN 143 149 149 ASN ASN B . n 
A 1 144 ILE 144 150 150 ILE ILE B . n 
A 1 145 THR 145 151 151 THR THR B . n 
A 1 146 ASP 146 152 152 ASP ASP B . n 
A 1 147 HIS 147 153 153 HIS HIS B . n 
A 1 148 GLY 148 154 154 GLY GLY B . n 
A 1 149 SER 149 155 155 SER SER B . n 
A 1 150 LEU 150 156 156 LEU LEU B . n 
A 1 151 ILE 151 157 157 ILE ILE B . n 
A 1 152 TYR 152 158 158 TYR TYR B . n 
A 1 153 THR 153 159 159 THR THR B . n 
A 1 154 PHE 154 160 160 PHE PHE B . n 
A 1 155 SER 155 161 161 SER SER B . n 
A 1 156 GLU 156 162 162 GLU GLU B . n 
A 1 157 CYS 157 163 163 CYS CYS B . n 
A 1 158 VAL 158 164 164 VAL VAL B . n 
A 1 159 PHE 159 165 165 PHE PHE B . n 
A 1 160 ALA 160 166 166 ALA ALA B . n 
A 1 161 GLY 161 167 167 GLY GLY B . n 
A 1 162 PRO 162 168 168 PRO PRO B . n 
A 1 163 LEU 163 169 169 LEU LEU B . n 
A 1 164 ARG 164 170 170 ARG ARG B . n 
A 1 165 PRO 165 171 171 PRO PRO B . n 
A 1 166 PHE 166 172 172 PHE PHE B . n 
A 1 167 PHE 167 173 173 PHE PHE B . n 
A 1 168 ASN 168 174 174 ASN ASN B . n 
A 1 169 VAL 169 175 175 VAL VAL B . n 
A 1 170 GLY 170 176 176 GLY GLY B . n 
A 1 171 PHE 171 177 177 PHE PHE B . n 
A 1 172 ASN 172 178 178 ASN ASN B . n 
A 1 173 TYR 173 179 179 TYR TYR B . n 
A 1 174 SER 174 180 180 SER SER B . n 
A 1 175 GLY 175 181 181 GLY GLY B . n 
A 1 176 GLY 176 182 182 GLY GLY B . n 
A 1 177 ASN 177 183 183 ASN ASN B . n 
A 1 178 ALA 178 184 184 ALA ALA B . n 
A 1 179 ALA 179 185 185 ALA ALA B . n 
A 1 180 PRO 180 186 186 PRO PRO B . n 
A 1 181 LEU 181 187 187 LEU LEU B . n 
A 1 182 LYS 182 188 188 LYS LYS B . n 
A 1 183 LEU 183 189 189 LEU LEU B . n 
A 1 184 CYS 184 190 190 CYS CYS B . n 
A 1 185 PRO 185 191 191 PRO PRO B . n 
A 1 186 LEU 186 192 192 LEU LEU B . n 
A 1 187 LYS 187 193 ?   ?   ?   B . n 
A 1 188 MET 188 194 ?   ?   ?   B . n 
# 
_pdbx_entity_instance_feature.ordinal        1 
_pdbx_entity_instance_feature.comp_id        J4Q 
_pdbx_entity_instance_feature.asym_id        ? 
_pdbx_entity_instance_feature.seq_num        ? 
_pdbx_entity_instance_feature.auth_comp_id   J4Q 
_pdbx_entity_instance_feature.auth_asym_id   ? 
_pdbx_entity_instance_feature.auth_seq_num   ? 
_pdbx_entity_instance_feature.feature_type   'SUBJECT OF INVESTIGATION' 
_pdbx_entity_instance_feature.details        ? 
# 
loop_
_pdbx_nonpoly_scheme.asym_id 
_pdbx_nonpoly_scheme.entity_id 
_pdbx_nonpoly_scheme.mon_id 
_pdbx_nonpoly_scheme.ndb_seq_num 
_pdbx_nonpoly_scheme.pdb_seq_num 
_pdbx_nonpoly_scheme.auth_seq_num 
_pdbx_nonpoly_scheme.pdb_mon_id 
_pdbx_nonpoly_scheme.auth_mon_id 
_pdbx_nonpoly_scheme.pdb_strand_id 
_pdbx_nonpoly_scheme.pdb_ins_code 
B 2 EDO 1  201 202 EDO EDO B . 
C 3 J4Q 1  202 303 J4Q LIG B . 
D 4 SO4 1  203 1   SO4 SO4 B . 
E 5 HOH 1  301 99  HOH HOH B . 
E 5 HOH 2  302 90  HOH HOH B . 
E 5 HOH 3  303 28  HOH HOH B . 
E 5 HOH 4  304 95  HOH HOH B . 
E 5 HOH 5  305 25  HOH HOH B . 
E 5 HOH 6  306 27  HOH HOH B . 
E 5 HOH 7  307 126 HOH HOH B . 
E 5 HOH 8  308 36  HOH HOH B . 
E 5 HOH 9  309 264 HOH HOH B . 
E 5 HOH 10 310 1   HOH HOH B . 
E 5 HOH 11 311 66  HOH HOH B . 
E 5 HOH 12 312 9   HOH HOH B . 
E 5 HOH 13 313 41  HOH HOH B . 
E 5 HOH 14 314 120 HOH HOH B . 
E 5 HOH 15 315 265 HOH HOH B . 
E 5 HOH 16 316 263 HOH HOH B . 
E 5 HOH 17 317 107 HOH HOH B . 
E 5 HOH 18 318 166 HOH HOH B . 
E 5 HOH 19 319 259 HOH HOH B . 
# 
loop_
_pdbx_unobs_or_zero_occ_atoms.id 
_pdbx_unobs_or_zero_occ_atoms.PDB_model_num 
_pdbx_unobs_or_zero_occ_atoms.polymer_flag 
_pdbx_unobs_or_zero_occ_atoms.occupancy_flag 
_pdbx_unobs_or_zero_occ_atoms.auth_asym_id 
_pdbx_unobs_or_zero_occ_atoms.auth_comp_id 
_pdbx_unobs_or_zero_occ_atoms.auth_seq_id 
_pdbx_unobs_or_zero_occ_atoms.PDB_ins_code 
_pdbx_unobs_or_zero_occ_atoms.auth_atom_id 
_pdbx_unobs_or_zero_occ_atoms.label_alt_id 
_pdbx_unobs_or_zero_occ_atoms.label_asym_id 
_pdbx_unobs_or_zero_occ_atoms.label_comp_id 
_pdbx_unobs_or_zero_occ_atoms.label_seq_id 
_pdbx_unobs_or_zero_occ_atoms.label_atom_id 
1 1 Y 1 B LEU 192 ? CG  ? A LEU 186 CG  
2 1 Y 1 B LEU 192 ? CD1 ? A LEU 186 CD1 
3 1 Y 1 B LEU 192 ? CD2 ? A LEU 186 CD2 
# 
loop_
_software.pdbx_ordinal 
_software.name 
_software.version 
_software.date 
_software.type 
_software.contact_author 
_software.contact_author_email 
_software.classification 
_software.location 
_software.language 
_software.citation_id 
1 REFMAC      5.8.0267 ?               program 'Garib N. Murshudov' garib@ysbl.york.ac.uk    refinement        
http://www.ccp4.ac.uk/dist/html/refmac5.html        Fortran_77 ? 
2 Aimless     0.7.7    23/04/21        program 'Phil Evans'         ?                        'data scaling'    
http://www.mrc-lmb.cam.ac.uk/harry/pre/aimless.html ?          ? 
3 PDB_EXTRACT 3.23     'SEP. 23, 2016' package PDB                  deposit@deposit.rcsb.org 'data extraction' 
http://sw-tools.pdb.org/apps/PDB_EXTRACT/           C++        ? 
4 XDS         .        ?               program ?                    ?                        'data reduction'  ? ?          ? 
5 REFMAC      .        ?               program ?                    ?                        phasing           ? ?          ? 
# 
_cell.entry_id           7HLL 
_cell.length_a           95.378 
_cell.length_b           95.378 
_cell.length_c           45.818 
_cell.angle_alpha        90.000 
_cell.angle_beta         90.000 
_cell.angle_gamma        90.000 
_cell.Z_PDB              8 
_cell.pdbx_unique_axis   ? 
# 
_symmetry.entry_id                         7HLL 
_symmetry.space_group_name_H-M             'I 4' 
_symmetry.pdbx_full_space_group_name_H-M   ? 
_symmetry.cell_setting                     ? 
_symmetry.Int_Tables_number                79 
# 
_exptl.crystals_number   1 
_exptl.entry_id          7HLL 
_exptl.method            'X-RAY DIFFRACTION' 
# 
_exptl_crystal.id                    1 
_exptl_crystal.pdbx_mosaicity        0.000 
_exptl_crystal.pdbx_mosaicity_esd    ? 
_exptl_crystal.density_Matthews      2.41 
_exptl_crystal.density_diffrn        ? 
_exptl_crystal.density_meas          ? 
_exptl_crystal.density_meas_temp     ? 
_exptl_crystal.density_percent_sol   49.01 
_exptl_crystal.size_max              ? 
_exptl_crystal.size_mid              ? 
_exptl_crystal.size_min              ? 
_exptl_crystal.size_rad              ? 
_exptl_crystal.description           ? 
# 
_exptl_crystal_grow.crystal_id      1 
_exptl_crystal_grow.method          'VAPOR DIFFUSION, SITTING DROP' 
_exptl_crystal_grow.pH              8 
_exptl_crystal_grow.temp            293 
_exptl_crystal_grow.pdbx_details    '4 % PEG 400, 2 M AmmSO4, 0.1 M HEPES pH 8' 
_exptl_crystal_grow.temp_details    ? 
_exptl_crystal_grow.pdbx_pH_range   ? 
# 
_diffrn.id                     1 
_diffrn.ambient_temp           100 
_diffrn.crystal_id             1 
_diffrn.ambient_temp_details   ? 
# 
_diffrn_detector.detector               PIXEL 
_diffrn_detector.type                   'DECTRIS EIGER2 XE 9M' 
_diffrn_detector.pdbx_collection_date   2024-05-22 
_diffrn_detector.diffrn_id              1 
_diffrn_detector.details                ? 
# 
_diffrn_radiation.diffrn_id                        1 
_diffrn_radiation.wavelength_id                    1 
_diffrn_radiation.pdbx_diffrn_protocol             'SINGLE WAVELENGTH' 
_diffrn_radiation.pdbx_monochromatic_or_laue_m_l   ? 
_diffrn_radiation.monochromator                    ? 
_diffrn_radiation.pdbx_scattering_type             x-ray 
# 
_diffrn_radiation_wavelength.id           1 
_diffrn_radiation_wavelength.wavelength   0.92124 
_diffrn_radiation_wavelength.wt           1.0 
# 
_diffrn_source.diffrn_id                   1 
_diffrn_source.source                      SYNCHROTRON 
_diffrn_source.type                        'DIAMOND BEAMLINE I04-1' 
_diffrn_source.pdbx_wavelength_list        0.92124 
_diffrn_source.pdbx_synchrotron_site       Diamond 
_diffrn_source.pdbx_synchrotron_beamline   I04-1 
_diffrn_source.pdbx_wavelength             ? 
# 
_reflns.entry_id                     7HLL 
_reflns.pdbx_diffrn_id               1 
_reflns.pdbx_ordinal                 1 
_reflns.observed_criterion_sigma_I   ? 
_reflns.observed_criterion_sigma_F   ? 
_reflns.d_resolution_low             33.720 
_reflns.d_resolution_high            1.150 
_reflns.number_obs                   62166 
_reflns.number_all                   ? 
_reflns.percent_possible_obs         85.200 
_reflns.pdbx_Rmerge_I_obs            0.038 
_reflns.pdbx_Rsym_value              ? 
_reflns.pdbx_netI_over_sigmaI        31.700 
_reflns.B_iso_Wilson_estimate        ? 
_reflns.pdbx_redundancy              9.400 
_reflns.pdbx_Rrim_I_all              0.039 
_reflns.pdbx_Rpim_I_all              0.011 
_reflns.pdbx_CC_half                 0.999 
_reflns.pdbx_netI_over_av_sigmaI     ? 
_reflns.pdbx_number_measured_all     585256 
_reflns.pdbx_scaling_rejects         0 
_reflns.pdbx_chi_squared             ? 
_reflns.Rmerge_F_all                 ? 
_reflns.Rmerge_F_obs                 ? 
_reflns.observed_criterion_F_max     ? 
_reflns.observed_criterion_F_min     ? 
_reflns.observed_criterion_I_max     ? 
_reflns.observed_criterion_I_min     ? 
_reflns.pdbx_d_res_high_opt          ? 
_reflns.pdbx_d_res_low_opt           ? 
_reflns.details                      ? 
# 
loop_
_reflns_shell.pdbx_diffrn_id 
_reflns_shell.pdbx_ordinal 
_reflns_shell.d_res_high 
_reflns_shell.d_res_low 
_reflns_shell.number_measured_obs 
_reflns_shell.number_measured_all 
_reflns_shell.number_unique_obs 
_reflns_shell.pdbx_rejects 
_reflns_shell.Rmerge_I_obs 
_reflns_shell.meanI_over_sigI_obs 
_reflns_shell.pdbx_Rsym_value 
_reflns_shell.pdbx_chi_squared 
_reflns_shell.pdbx_redundancy 
_reflns_shell.percent_possible_obs 
_reflns_shell.pdbx_netI_over_sigmaI_obs 
_reflns_shell.number_possible 
_reflns_shell.number_unique_all 
_reflns_shell.Rmerge_F_all 
_reflns_shell.Rmerge_F_obs 
_reflns_shell.Rmerge_I_all 
_reflns_shell.meanI_over_sigI_all 
_reflns_shell.percent_possible_all 
_reflns_shell.pdbx_Rrim_I_all 
_reflns_shell.pdbx_Rpim_I_all 
_reflns_shell.pdbx_CC_half 
1 1 1.150 1.170  ? 446  433 ? 0.122 ? ? ? 1.000  ? 1.800  ? ? ? ? ? ? 12.100 0.173 0.122 0.927 
1 2 6.300 33.720 ? 5948 475 ? 0.055 ? ? ? 12.500 ? 88.500 ? ? ? ? ? ? 99.500 0.058 0.019 0.989 
# 
_refine.entry_id                                 7HLL 
_refine.pdbx_refine_id                           'X-RAY DIFFRACTION' 
_refine.ls_d_res_high                            1.1500 
_refine.ls_d_res_low                             33.7400 
_refine.pdbx_ls_sigma_F                          0.000 
_refine.pdbx_data_cutoff_high_absF               ? 
_refine.pdbx_data_cutoff_low_absF                ? 
_refine.ls_percent_reflns_obs                    85.1800 
_refine.ls_number_reflns_obs                     59143 
_refine.ls_number_reflns_all                     ? 
_refine.pdbx_ls_cross_valid_method               THROUGHOUT 
_refine.ls_matrix_type                           ? 
_refine.pdbx_R_Free_selection_details            RANDOM 
_refine.details                                  
'HYDROGENS HAVE BEEN ADDED IN THE RIDING POSITIONS U VALUES      : REFINED INDIVIDUALLY' 
_refine.ls_R_factor_all                          ? 
_refine.ls_R_factor_obs                          0.1711 
_refine.ls_R_factor_R_work                       0.1703 
_refine.ls_wR_factor_R_work                      ? 
_refine.ls_R_factor_R_free                       0.1877 
_refine.ls_wR_factor_R_free                      ? 
_refine.ls_percent_reflns_R_free                 4.9000 
_refine.ls_number_reflns_R_free                  3023 
_refine.ls_number_reflns_R_work                  ? 
_refine.ls_R_factor_R_free_error                 ? 
_refine.B_iso_mean                               12.7070 
_refine.solvent_model_param_bsol                 ? 
_refine.solvent_model_param_ksol                 ? 
_refine.pdbx_isotropic_thermal_model             ? 
_refine.aniso_B[1][1]                            0.0900 
_refine.aniso_B[2][2]                            0.0900 
_refine.aniso_B[3][3]                            -0.1800 
_refine.aniso_B[1][2]                            -0.0000 
_refine.aniso_B[1][3]                            0.0000 
_refine.aniso_B[2][3]                            0.0000 
_refine.correlation_coeff_Fo_to_Fc               0.9660 
_refine.correlation_coeff_Fo_to_Fc_free          0.9610 
_refine.overall_SU_R_Cruickshank_DPI             ? 
_refine.pdbx_overall_SU_R_free_Cruickshank_DPI   ? 
_refine.pdbx_overall_SU_R_Blow_DPI               ? 
_refine.pdbx_overall_SU_R_free_Blow_DPI          ? 
_refine.overall_SU_R_free                        ? 
_refine.pdbx_overall_ESU_R                       0.0430 
_refine.pdbx_overall_ESU_R_Free                  0.0440 
_refine.overall_SU_ML                            0.0260 
_refine.overall_SU_B                             0.5640 
_refine.solvent_model_details                    MASK 
_refine.pdbx_solvent_vdw_probe_radii             1.2000 
_refine.pdbx_solvent_ion_probe_radii             0.8000 
_refine.pdbx_solvent_shrinkage_radii             0.8000 
_refine.ls_number_parameters                     ? 
_refine.ls_number_restraints                     ? 
_refine.pdbx_starting_model                      ? 
_refine.pdbx_method_to_determine_struct          'FOURIER SYNTHESIS' 
_refine.pdbx_stereochemistry_target_values       'MAXIMUM LIKELIHOOD' 
_refine.pdbx_stereochem_target_val_spec_case     ? 
_refine.overall_FOM_work_R_set                   ? 
_refine.B_iso_max                                53.270 
_refine.B_iso_min                                6.390 
_refine.pdbx_overall_phase_error                 ? 
_refine.occupancy_max                            ? 
_refine.occupancy_min                            ? 
_refine.pdbx_diffrn_id                           1 
_refine.pdbx_TLS_residual_ADP_flag               ? 
_refine.pdbx_ls_sigma_I                          ? 
_refine.pdbx_data_cutoff_high_rms_absF           ? 
_refine.ls_R_factor_R_free_error_details         ? 
# 
_refine_hist.cycle_id                         final 
_refine_hist.pdbx_refine_id                   'X-RAY DIFFRACTION' 
_refine_hist.d_res_high                       1.1500 
_refine_hist.d_res_low                        33.7400 
_refine_hist.pdbx_number_atoms_ligand         24 
_refine_hist.number_atoms_solvent             19 
_refine_hist.number_atoms_total               1536 
_refine_hist.pdbx_number_residues_total       185 
_refine_hist.pdbx_B_iso_mean_ligand           24.95 
_refine_hist.pdbx_B_iso_mean_solvent          22.67 
_refine_hist.pdbx_number_atoms_protein        1493 
_refine_hist.pdbx_number_atoms_nucleic_acid   0 
# 
loop_
_refine_ls_restr.pdbx_refine_id 
_refine_ls_restr.type 
_refine_ls_restr.number 
_refine_ls_restr.dev_ideal 
_refine_ls_restr.dev_ideal_target 
_refine_ls_restr.weight 
_refine_ls_restr.pdbx_restraint_function 
'X-RAY DIFFRACTION' r_bond_refined_d       2219 0.014  0.014  ? ? 
'X-RAY DIFFRACTION' r_bond_other_d         1645 0.001  0.015  ? ? 
'X-RAY DIFFRACTION' r_angle_refined_deg    2601 1.987  1.645  ? ? 
'X-RAY DIFFRACTION' r_angle_other_deg      3797 1.465  1.581  ? ? 
'X-RAY DIFFRACTION' r_dihedral_angle_1_deg 247  7.378  5.000  ? ? 
'X-RAY DIFFRACTION' r_dihedral_angle_2_deg 115  29.799 21.478 ? ? 
'X-RAY DIFFRACTION' r_dihedral_angle_3_deg 294  11.738 15.000 ? ? 
'X-RAY DIFFRACTION' r_dihedral_angle_4_deg 15   22.693 15.000 ? ? 
'X-RAY DIFFRACTION' r_chiral_restr         225  0.092  0.200  ? ? 
'X-RAY DIFFRACTION' r_gen_planes_refined   2354 0.011  0.020  ? ? 
'X-RAY DIFFRACTION' r_gen_planes_other     518  0.003  0.020  ? ? 
'X-RAY DIFFRACTION' r_mcbond_it            1123 1.044  1.199  ? ? 
'X-RAY DIFFRACTION' r_mcbond_other         988  1.074  1.059  ? ? 
'X-RAY DIFFRACTION' r_mcangle_it           1177 1.716  1.601  ? ? 
# 
_refine_ls_shell.d_res_high                       1.1510 
_refine_ls_shell.d_res_low                        1.1810 
_refine_ls_shell.pdbx_total_number_of_bins_used   20 
_refine_ls_shell.percent_reflns_obs               15.8700 
_refine_ls_shell.number_reflns_R_work             802 
_refine_ls_shell.R_factor_all                     ? 
_refine_ls_shell.R_factor_R_work                  0.2280 
_refine_ls_shell.R_factor_R_free                  0.2670 
_refine_ls_shell.percent_reflns_R_free            ? 
_refine_ls_shell.number_reflns_R_free             47 
_refine_ls_shell.R_factor_R_free_error            ? 
_refine_ls_shell.number_reflns_all                849 
_refine_ls_shell.number_reflns_obs                ? 
_refine_ls_shell.pdbx_refine_id                   'X-RAY DIFFRACTION' 
# 
_struct.entry_id                  7HLL 
_struct.title                     'PanDDA analysis group deposition -- Crystal Structure of TRIM21 in complex with Z1328968520' 
_struct.pdbx_model_details        ? 
_struct.pdbx_CASP_flag            ? 
_struct.pdbx_model_type_details   ? 
# 
_struct_keywords.entry_id        7HLL 
_struct_keywords.text            'SGC - Diamond I04-1 fragment screening, PanDDA, XChemExplorer, TRIM21, LIGASE' 
_struct_keywords.pdbx_keywords   LIGASE 
# 
loop_
_struct_asym.id 
_struct_asym.pdbx_blank_PDB_chainid_flag 
_struct_asym.pdbx_modified 
_struct_asym.entity_id 
_struct_asym.details 
A N N 1 ? 
B N N 2 ? 
C N N 3 ? 
D N N 4 ? 
E N N 5 ? 
# 
_struct_ref.id                         1 
_struct_ref.db_name                    UNP 
_struct_ref.db_code                    RO52_MOUSE 
_struct_ref.pdbx_db_accession          Q62191 
_struct_ref.pdbx_db_isoform            ? 
_struct_ref.entity_id                  1 
_struct_ref.pdbx_seq_one_letter_code   
;VHITLDRNTANSWLIISKDRRQVRMGDTHQNVSDNKERFSNYPMVLGAQRFSSGKMYWEVDVTQKEAWDLGVCRDSVQRK
GQFSLSPENGFWTIWLWQDSYEAGTSPQTTLHIQVPPCQIGIFVDYEAGVVSFYNITDHGSLIYTFSECVFAGPLRPFFN
VGFNYSGGNAAPLKLCPLKM
;
_struct_ref.pdbx_align_begin           291 
# 
_struct_ref_seq.align_id                      1 
_struct_ref_seq.ref_id                        1 
_struct_ref_seq.pdbx_PDB_id_code              7HLL 
_struct_ref_seq.pdbx_strand_id                B 
_struct_ref_seq.seq_align_beg                 9 
_struct_ref_seq.pdbx_seq_align_beg_ins_code   ? 
_struct_ref_seq.seq_align_end                 188 
_struct_ref_seq.pdbx_seq_align_end_ins_code   ? 
_struct_ref_seq.pdbx_db_accession             Q62191 
_struct_ref_seq.db_align_beg                  291 
_struct_ref_seq.pdbx_db_align_beg_ins_code    ? 
_struct_ref_seq.db_align_end                  470 
_struct_ref_seq.pdbx_db_align_end_ins_code    ? 
_struct_ref_seq.pdbx_auth_seq_align_beg       15 
_struct_ref_seq.pdbx_auth_seq_align_end       194 
# 
loop_
_struct_ref_seq_dif.align_id 
_struct_ref_seq_dif.pdbx_pdb_id_code 
_struct_ref_seq_dif.mon_id 
_struct_ref_seq_dif.pdbx_pdb_strand_id 
_struct_ref_seq_dif.seq_num 
_struct_ref_seq_dif.pdbx_pdb_ins_code 
_struct_ref_seq_dif.pdbx_seq_db_name 
_struct_ref_seq_dif.pdbx_seq_db_accession_code 
_struct_ref_seq_dif.db_mon_id 
_struct_ref_seq_dif.pdbx_seq_db_seq_num 
_struct_ref_seq_dif.details 
_struct_ref_seq_dif.pdbx_auth_seq_num 
_struct_ref_seq_dif.pdbx_ordinal 
1 7HLL MET B 1 ? UNP Q62191 ? ? 'initiating methionine' 7  1 
1 7HLL HIS B 2 ? UNP Q62191 ? ? 'expression tag'        8  2 
1 7HLL HIS B 3 ? UNP Q62191 ? ? 'expression tag'        9  3 
1 7HLL HIS B 4 ? UNP Q62191 ? ? 'expression tag'        10 4 
1 7HLL HIS B 5 ? UNP Q62191 ? ? 'expression tag'        11 5 
1 7HLL HIS B 6 ? UNP Q62191 ? ? 'expression tag'        12 6 
1 7HLL HIS B 7 ? UNP Q62191 ? ? 'expression tag'        13 7 
1 7HLL MET B 8 ? UNP Q62191 ? ? 'expression tag'        14 8 
# 
_pdbx_struct_assembly.id                   1 
_pdbx_struct_assembly.details              author_defined_assembly 
_pdbx_struct_assembly.method_details       ? 
_pdbx_struct_assembly.oligomeric_details   monomeric 
_pdbx_struct_assembly.oligomeric_count     1 
# 
_pdbx_struct_assembly_gen.assembly_id       1 
_pdbx_struct_assembly_gen.oper_expression   1 
_pdbx_struct_assembly_gen.asym_id_list      A,B,C,D,E 
# 
_pdbx_struct_oper_list.id                   1 
_pdbx_struct_oper_list.type                 'identity operation' 
_pdbx_struct_oper_list.name                 1_555 
_pdbx_struct_oper_list.symmetry_operation   x,y,z 
_pdbx_struct_oper_list.matrix[1][1]         1.0000000000 
_pdbx_struct_oper_list.matrix[1][2]         0.0000000000 
_pdbx_struct_oper_list.matrix[1][3]         0.0000000000 
_pdbx_struct_oper_list.vector[1]            0.0000000000 
_pdbx_struct_oper_list.matrix[2][1]         0.0000000000 
_pdbx_struct_oper_list.matrix[2][2]         1.0000000000 
_pdbx_struct_oper_list.matrix[2][3]         0.0000000000 
_pdbx_struct_oper_list.vector[2]            0.0000000000 
_pdbx_struct_oper_list.matrix[3][1]         0.0000000000 
_pdbx_struct_oper_list.matrix[3][2]         0.0000000000 
_pdbx_struct_oper_list.matrix[3][3]         1.0000000000 
_pdbx_struct_oper_list.vector[3]            0.0000000000 
# 
loop_
_struct_conf.conf_type_id 
_struct_conf.id 
_struct_conf.pdbx_PDB_helix_id 
_struct_conf.beg_label_comp_id 
_struct_conf.beg_label_asym_id 
_struct_conf.beg_label_seq_id 
_struct_conf.pdbx_beg_PDB_ins_code 
_struct_conf.end_label_comp_id 
_struct_conf.end_label_asym_id 
_struct_conf.end_label_seq_id 
_struct_conf.pdbx_end_PDB_ins_code 
_struct_conf.beg_auth_comp_id 
_struct_conf.beg_auth_asym_id 
_struct_conf.beg_auth_seq_id 
_struct_conf.end_auth_comp_id 
_struct_conf.end_auth_asym_id 
_struct_conf.end_auth_seq_id 
_struct_conf.pdbx_PDB_helix_class 
_struct_conf.details 
_struct_conf.pdbx_PDB_helix_length 
HELX_P HELX_P1 AA1 HIS A 4  ? MET A 8  ? HIS B 10  MET B 14  5 ? 5 
HELX_P HELX_P2 AA2 ASP A 14 ? ALA A 18 ? ASP B 20  ALA B 24  5 ? 5 
HELX_P HELX_P3 AA3 SER A 94 ? ASN A 97 ? SER B 100 ASN B 103 5 ? 4 
# 
_struct_conf_type.id          HELX_P 
_struct_conf_type.criteria    ? 
_struct_conf_type.reference   ? 
# 
_struct_mon_prot_cis.pdbx_id                1 
_struct_mon_prot_cis.label_comp_id          SER 
_struct_mon_prot_cis.label_seq_id           114 
_struct_mon_prot_cis.label_asym_id          A 
_struct_mon_prot_cis.label_alt_id           . 
_struct_mon_prot_cis.pdbx_PDB_ins_code      ? 
_struct_mon_prot_cis.auth_comp_id           SER 
_struct_mon_prot_cis.auth_seq_id            120 
_struct_mon_prot_cis.auth_asym_id           B 
_struct_mon_prot_cis.pdbx_label_comp_id_2   PRO 
_struct_mon_prot_cis.pdbx_label_seq_id_2    115 
_struct_mon_prot_cis.pdbx_label_asym_id_2   A 
_struct_mon_prot_cis.pdbx_PDB_ins_code_2    ? 
_struct_mon_prot_cis.pdbx_auth_comp_id_2    PRO 
_struct_mon_prot_cis.pdbx_auth_seq_id_2     121 
_struct_mon_prot_cis.pdbx_auth_asym_id_2    B 
_struct_mon_prot_cis.pdbx_PDB_model_num     1 
_struct_mon_prot_cis.pdbx_omega_angle       -1.17 
# 
loop_
_struct_sheet.id 
_struct_sheet.type 
_struct_sheet.number_strands 
_struct_sheet.details 
AA1 ? 7 ? 
AA2 ? 6 ? 
# 
loop_
_struct_sheet_order.sheet_id 
_struct_sheet_order.range_id_1 
_struct_sheet_order.range_id_2 
_struct_sheet_order.offset 
_struct_sheet_order.sense 
AA1 1 2 ? anti-parallel 
AA1 2 3 ? anti-parallel 
AA1 3 4 ? anti-parallel 
AA1 4 5 ? anti-parallel 
AA1 5 6 ? anti-parallel 
AA1 6 7 ? anti-parallel 
AA2 1 2 ? anti-parallel 
AA2 2 3 ? anti-parallel 
AA2 3 4 ? anti-parallel 
AA2 4 5 ? anti-parallel 
AA2 5 6 ? anti-parallel 
# 
loop_
_struct_sheet_range.sheet_id 
_struct_sheet_range.id 
_struct_sheet_range.beg_label_comp_id 
_struct_sheet_range.beg_label_asym_id 
_struct_sheet_range.beg_label_seq_id 
_struct_sheet_range.pdbx_beg_PDB_ins_code 
_struct_sheet_range.end_label_comp_id 
_struct_sheet_range.end_label_asym_id 
_struct_sheet_range.end_label_seq_id 
_struct_sheet_range.pdbx_end_PDB_ins_code 
_struct_sheet_range.beg_auth_comp_id 
_struct_sheet_range.beg_auth_asym_id 
_struct_sheet_range.beg_auth_seq_id 
_struct_sheet_range.end_auth_comp_id 
_struct_sheet_range.end_auth_asym_id 
_struct_sheet_range.end_auth_seq_id 
AA1 1 LEU A 22  ? ILE A 24  ? LEU B 28  ILE B 30  
AA1 2 GLN A 30  ? MET A 33  ? GLN B 36  MET B 39  
AA1 3 LEU A 181 ? LEU A 183 ? LEU B 187 LEU B 189 
AA1 4 LYS A 63  ? ASP A 69  ? LYS B 69  ASP B 75  
AA1 5 GLN A 127 ? ASP A 133 ? GLN B 133 ASP B 139 
AA1 6 VAL A 138 ? ASN A 143 ? VAL B 144 ASN B 149 
AA1 7 SER A 149 ? PHE A 154 ? SER B 155 PHE B 160 
AA2 1 MET A 52  ? LEU A 54  ? MET B 58  LEU B 60  
AA2 2 LEU A 163 ? ASN A 168 ? LEU B 169 ASN B 174 
AA2 3 TRP A 76  ? ARG A 82  ? TRP B 82  ARG B 88  
AA2 4 PHE A 99  ? TRP A 105 ? PHE B 105 TRP B 111 
AA2 5 SER A 108 ? ALA A 111 ? SER B 114 ALA B 117 
AA2 6 THR A 117 ? THR A 118 ? THR B 123 THR B 124 
# 
loop_
_pdbx_struct_sheet_hbond.sheet_id 
_pdbx_struct_sheet_hbond.range_id_1 
_pdbx_struct_sheet_hbond.range_id_2 
_pdbx_struct_sheet_hbond.range_1_label_atom_id 
_pdbx_struct_sheet_hbond.range_1_label_comp_id 
_pdbx_struct_sheet_hbond.range_1_label_asym_id 
_pdbx_struct_sheet_hbond.range_1_label_seq_id 
_pdbx_struct_sheet_hbond.range_1_PDB_ins_code 
_pdbx_struct_sheet_hbond.range_1_auth_atom_id 
_pdbx_struct_sheet_hbond.range_1_auth_comp_id 
_pdbx_struct_sheet_hbond.range_1_auth_asym_id 
_pdbx_struct_sheet_hbond.range_1_auth_seq_id 
_pdbx_struct_sheet_hbond.range_2_label_atom_id 
_pdbx_struct_sheet_hbond.range_2_label_comp_id 
_pdbx_struct_sheet_hbond.range_2_label_asym_id 
_pdbx_struct_sheet_hbond.range_2_label_seq_id 
_pdbx_struct_sheet_hbond.range_2_PDB_ins_code 
_pdbx_struct_sheet_hbond.range_2_auth_atom_id 
_pdbx_struct_sheet_hbond.range_2_auth_comp_id 
_pdbx_struct_sheet_hbond.range_2_auth_asym_id 
_pdbx_struct_sheet_hbond.range_2_auth_seq_id 
AA1 1 2 N ILE A 23  ? N ILE B 29  O ARG A 32  ? O ARG B 38  
AA1 2 3 N VAL A 31  ? N VAL B 37  O LEU A 181 ? O LEU B 187 
AA1 3 4 O LYS A 182 ? O LYS B 188 N ASP A 69  ? N ASP B 75  
AA1 4 5 N TRP A 66  ? N TRP B 72  O ILE A 130 ? O ILE B 136 
AA1 5 6 N PHE A 131 ? N PHE B 137 O SER A 140 ? O SER B 146 
AA1 6 7 N ASN A 143 ? N ASN B 149 O SER A 149 ? O SER B 155 
AA2 1 2 N VAL A 53  ? N VAL B 59  O PHE A 167 ? O PHE B 173 
AA2 2 3 O ARG A 164 ? O ARG B 170 N CYS A 81  ? N CYS B 87  
AA2 3 4 N VAL A 80  ? N VAL B 86  O TRP A 100 ? O TRP B 106 
AA2 4 5 N TRP A 105 ? N TRP B 111 O SER A 108 ? O SER B 114 
AA2 5 6 N ALA A 111 ? N ALA B 117 O THR A 117 ? O THR B 123 
# 
_pdbx_entry_details.entry_id                   7HLL 
_pdbx_entry_details.compound_details           ? 
_pdbx_entry_details.source_details             ? 
_pdbx_entry_details.nonpolymer_details         ? 
_pdbx_entry_details.sequence_details           ? 
_pdbx_entry_details.has_ligand_of_interest     Y 
_pdbx_entry_details.has_protein_modification   N 
# 
loop_
_pdbx_validate_rmsd_angle.id 
_pdbx_validate_rmsd_angle.PDB_model_num 
_pdbx_validate_rmsd_angle.auth_atom_id_1 
_pdbx_validate_rmsd_angle.auth_asym_id_1 
_pdbx_validate_rmsd_angle.auth_comp_id_1 
_pdbx_validate_rmsd_angle.auth_seq_id_1 
_pdbx_validate_rmsd_angle.PDB_ins_code_1 
_pdbx_validate_rmsd_angle.label_alt_id_1 
_pdbx_validate_rmsd_angle.auth_atom_id_2 
_pdbx_validate_rmsd_angle.auth_asym_id_2 
_pdbx_validate_rmsd_angle.auth_comp_id_2 
_pdbx_validate_rmsd_angle.auth_seq_id_2 
_pdbx_validate_rmsd_angle.PDB_ins_code_2 
_pdbx_validate_rmsd_angle.label_alt_id_2 
_pdbx_validate_rmsd_angle.auth_atom_id_3 
_pdbx_validate_rmsd_angle.auth_asym_id_3 
_pdbx_validate_rmsd_angle.auth_comp_id_3 
_pdbx_validate_rmsd_angle.auth_seq_id_3 
_pdbx_validate_rmsd_angle.PDB_ins_code_3 
_pdbx_validate_rmsd_angle.label_alt_id_3 
_pdbx_validate_rmsd_angle.angle_value 
_pdbx_validate_rmsd_angle.angle_target_value 
_pdbx_validate_rmsd_angle.angle_deviation 
_pdbx_validate_rmsd_angle.angle_standard_deviation 
_pdbx_validate_rmsd_angle.linker_flag 
1 1 NE B ARG 34 ? ? CZ B ARG 34 ? ? NH1 B ARG 34 ? ? 124.06 120.30 3.76  0.50 N 
2 1 NE B ARG 34 ? ? CZ B ARG 34 ? ? NH2 B ARG 34 ? ? 117.01 120.30 -3.29 0.50 N 
3 1 CG B ARG 64 ? ? CD B ARG 64 ? ? NE  B ARG 64 ? ? 131.77 111.80 19.97 2.10 N 
# 
loop_
_pdbx_validate_torsion.id 
_pdbx_validate_torsion.PDB_model_num 
_pdbx_validate_torsion.auth_comp_id 
_pdbx_validate_torsion.auth_asym_id 
_pdbx_validate_torsion.auth_seq_id 
_pdbx_validate_torsion.PDB_ins_code 
_pdbx_validate_torsion.label_alt_id 
_pdbx_validate_torsion.phi 
_pdbx_validate_torsion.psi 
1 1 ASN B 45  ? ? 71.05   34.60  
2 1 SER B 67  ? B 179.80  160.13 
3 1 ASP B 152 ? ? -102.64 51.73  
# 
_phasing.method   MR 
# 
loop_
_pdbx_unobs_or_zero_occ_residues.id 
_pdbx_unobs_or_zero_occ_residues.PDB_model_num 
_pdbx_unobs_or_zero_occ_residues.polymer_flag 
_pdbx_unobs_or_zero_occ_residues.occupancy_flag 
_pdbx_unobs_or_zero_occ_residues.auth_asym_id 
_pdbx_unobs_or_zero_occ_residues.auth_comp_id 
_pdbx_unobs_or_zero_occ_residues.auth_seq_id 
_pdbx_unobs_or_zero_occ_residues.PDB_ins_code 
_pdbx_unobs_or_zero_occ_residues.label_asym_id 
_pdbx_unobs_or_zero_occ_residues.label_comp_id 
_pdbx_unobs_or_zero_occ_residues.label_seq_id 
1 1 Y 1 B MET 7   ? A MET 1   
2 1 Y 1 B LYS 193 ? A LYS 187 
3 1 Y 1 B MET 194 ? A MET 188 
# 
loop_
_chem_comp_atom.comp_id 
_chem_comp_atom.atom_id 
_chem_comp_atom.type_symbol 
_chem_comp_atom.pdbx_aromatic_flag 
_chem_comp_atom.pdbx_stereo_config 
_chem_comp_atom.pdbx_ordinal 
ALA N    N N N 1   
ALA CA   C N S 2   
ALA C    C N N 3   
ALA O    O N N 4   
ALA CB   C N N 5   
ALA OXT  O N N 6   
ALA H    H N N 7   
ALA H2   H N N 8   
ALA HA   H N N 9   
ALA HB1  H N N 10  
ALA HB2  H N N 11  
ALA HB3  H N N 12  
ALA HXT  H N N 13  
ARG N    N N N 14  
ARG CA   C N S 15  
ARG C    C N N 16  
ARG O    O N N 17  
ARG CB   C N N 18  
ARG CG   C N N 19  
ARG CD   C N N 20  
ARG NE   N N N 21  
ARG CZ   C N N 22  
ARG NH1  N N N 23  
ARG NH2  N N N 24  
ARG OXT  O N N 25  
ARG H    H N N 26  
ARG H2   H N N 27  
ARG HA   H N N 28  
ARG HB2  H N N 29  
ARG HB3  H N N 30  
ARG HG2  H N N 31  
ARG HG3  H N N 32  
ARG HD2  H N N 33  
ARG HD3  H N N 34  
ARG HE   H N N 35  
ARG HH11 H N N 36  
ARG HH12 H N N 37  
ARG HH21 H N N 38  
ARG HH22 H N N 39  
ARG HXT  H N N 40  
ASN N    N N N 41  
ASN CA   C N S 42  
ASN C    C N N 43  
ASN O    O N N 44  
ASN CB   C N N 45  
ASN CG   C N N 46  
ASN OD1  O N N 47  
ASN ND2  N N N 48  
ASN OXT  O N N 49  
ASN H    H N N 50  
ASN H2   H N N 51  
ASN HA   H N N 52  
ASN HB2  H N N 53  
ASN HB3  H N N 54  
ASN HD21 H N N 55  
ASN HD22 H N N 56  
ASN HXT  H N N 57  
ASP N    N N N 58  
ASP CA   C N S 59  
ASP C    C N N 60  
ASP O    O N N 61  
ASP CB   C N N 62  
ASP CG   C N N 63  
ASP OD1  O N N 64  
ASP OD2  O N N 65  
ASP OXT  O N N 66  
ASP H    H N N 67  
ASP H2   H N N 68  
ASP HA   H N N 69  
ASP HB2  H N N 70  
ASP HB3  H N N 71  
ASP HD2  H N N 72  
ASP HXT  H N N 73  
CYS N    N N N 74  
CYS CA   C N R 75  
CYS C    C N N 76  
CYS O    O N N 77  
CYS CB   C N N 78  
CYS SG   S N N 79  
CYS OXT  O N N 80  
CYS H    H N N 81  
CYS H2   H N N 82  
CYS HA   H N N 83  
CYS HB2  H N N 84  
CYS HB3  H N N 85  
CYS HG   H N N 86  
CYS HXT  H N N 87  
EDO C1   C N N 88  
EDO O1   O N N 89  
EDO C2   C N N 90  
EDO O2   O N N 91  
EDO H11  H N N 92  
EDO H12  H N N 93  
EDO HO1  H N N 94  
EDO H21  H N N 95  
EDO H22  H N N 96  
EDO HO2  H N N 97  
GLN N    N N N 98  
GLN CA   C N S 99  
GLN C    C N N 100 
GLN O    O N N 101 
GLN CB   C N N 102 
GLN CG   C N N 103 
GLN CD   C N N 104 
GLN OE1  O N N 105 
GLN NE2  N N N 106 
GLN OXT  O N N 107 
GLN H    H N N 108 
GLN H2   H N N 109 
GLN HA   H N N 110 
GLN HB2  H N N 111 
GLN HB3  H N N 112 
GLN HG2  H N N 113 
GLN HG3  H N N 114 
GLN HE21 H N N 115 
GLN HE22 H N N 116 
GLN HXT  H N N 117 
GLU N    N N N 118 
GLU CA   C N S 119 
GLU C    C N N 120 
GLU O    O N N 121 
GLU CB   C N N 122 
GLU CG   C N N 123 
GLU CD   C N N 124 
GLU OE1  O N N 125 
GLU OE2  O N N 126 
GLU OXT  O N N 127 
GLU H    H N N 128 
GLU H2   H N N 129 
GLU HA   H N N 130 
GLU HB2  H N N 131 
GLU HB3  H N N 132 
GLU HG2  H N N 133 
GLU HG3  H N N 134 
GLU HE2  H N N 135 
GLU HXT  H N N 136 
GLY N    N N N 137 
GLY CA   C N N 138 
GLY C    C N N 139 
GLY O    O N N 140 
GLY OXT  O N N 141 
GLY H    H N N 142 
GLY H2   H N N 143 
GLY HA2  H N N 144 
GLY HA3  H N N 145 
GLY HXT  H N N 146 
HIS N    N N N 147 
HIS CA   C N S 148 
HIS C    C N N 149 
HIS O    O N N 150 
HIS CB   C N N 151 
HIS CG   C Y N 152 
HIS ND1  N Y N 153 
HIS CD2  C Y N 154 
HIS CE1  C Y N 155 
HIS NE2  N Y N 156 
HIS OXT  O N N 157 
HIS H    H N N 158 
HIS H2   H N N 159 
HIS HA   H N N 160 
HIS HB2  H N N 161 
HIS HB3  H N N 162 
HIS HD1  H N N 163 
HIS HD2  H N N 164 
HIS HE1  H N N 165 
HIS HE2  H N N 166 
HIS HXT  H N N 167 
HOH O    O N N 168 
HOH H1   H N N 169 
HOH H2   H N N 170 
ILE N    N N N 171 
ILE CA   C N S 172 
ILE C    C N N 173 
ILE O    O N N 174 
ILE CB   C N S 175 
ILE CG1  C N N 176 
ILE CG2  C N N 177 
ILE CD1  C N N 178 
ILE OXT  O N N 179 
ILE H    H N N 180 
ILE H2   H N N 181 
ILE HA   H N N 182 
ILE HB   H N N 183 
ILE HG12 H N N 184 
ILE HG13 H N N 185 
ILE HG21 H N N 186 
ILE HG22 H N N 187 
ILE HG23 H N N 188 
ILE HD11 H N N 189 
ILE HD12 H N N 190 
ILE HD13 H N N 191 
ILE HXT  H N N 192 
J4Q N1   N Y N 193 
J4Q N3   N Y N 194 
J4Q C4   C Y N 195 
J4Q C5   C N N 196 
J4Q C6   C Y N 197 
J4Q C7   C Y N 198 
J4Q C8   C Y N 199 
J4Q C1   C N N 200 
J4Q S1   S N N 201 
J4Q O1   O N N 202 
J4Q O2   O N N 203 
J4Q C2   C Y N 204 
J4Q C3   C Y N 205 
J4Q N2   N Y N 206 
J4Q S2   S Y N 207 
J4Q H2   H N N 208 
J4Q H3   H N N 209 
J4Q H4   H N N 210 
J4Q H6   H N N 211 
J4Q H8   H N N 212 
J4Q H10  H N N 213 
J4Q H11  H N N 214 
J4Q H12  H N N 215 
J4Q H13  H N N 216 
LEU N    N N N 217 
LEU CA   C N S 218 
LEU C    C N N 219 
LEU O    O N N 220 
LEU CB   C N N 221 
LEU CG   C N N 222 
LEU CD1  C N N 223 
LEU CD2  C N N 224 
LEU OXT  O N N 225 
LEU H    H N N 226 
LEU H2   H N N 227 
LEU HA   H N N 228 
LEU HB2  H N N 229 
LEU HB3  H N N 230 
LEU HG   H N N 231 
LEU HD11 H N N 232 
LEU HD12 H N N 233 
LEU HD13 H N N 234 
LEU HD21 H N N 235 
LEU HD22 H N N 236 
LEU HD23 H N N 237 
LEU HXT  H N N 238 
LYS N    N N N 239 
LYS CA   C N S 240 
LYS C    C N N 241 
LYS O    O N N 242 
LYS CB   C N N 243 
LYS CG   C N N 244 
LYS CD   C N N 245 
LYS CE   C N N 246 
LYS NZ   N N N 247 
LYS OXT  O N N 248 
LYS H    H N N 249 
LYS H2   H N N 250 
LYS HA   H N N 251 
LYS HB2  H N N 252 
LYS HB3  H N N 253 
LYS HG2  H N N 254 
LYS HG3  H N N 255 
LYS HD2  H N N 256 
LYS HD3  H N N 257 
LYS HE2  H N N 258 
LYS HE3  H N N 259 
LYS HZ1  H N N 260 
LYS HZ2  H N N 261 
LYS HZ3  H N N 262 
LYS HXT  H N N 263 
MET N    N N N 264 
MET CA   C N S 265 
MET C    C N N 266 
MET O    O N N 267 
MET CB   C N N 268 
MET CG   C N N 269 
MET SD   S N N 270 
MET CE   C N N 271 
MET OXT  O N N 272 
MET H    H N N 273 
MET H2   H N N 274 
MET HA   H N N 275 
MET HB2  H N N 276 
MET HB3  H N N 277 
MET HG2  H N N 278 
MET HG3  H N N 279 
MET HE1  H N N 280 
MET HE2  H N N 281 
MET HE3  H N N 282 
MET HXT  H N N 283 
PHE N    N N N 284 
PHE CA   C N S 285 
PHE C    C N N 286 
PHE O    O N N 287 
PHE CB   C N N 288 
PHE CG   C Y N 289 
PHE CD1  C Y N 290 
PHE CD2  C Y N 291 
PHE CE1  C Y N 292 
PHE CE2  C Y N 293 
PHE CZ   C Y N 294 
PHE OXT  O N N 295 
PHE H    H N N 296 
PHE H2   H N N 297 
PHE HA   H N N 298 
PHE HB2  H N N 299 
PHE HB3  H N N 300 
PHE HD1  H N N 301 
PHE HD2  H N N 302 
PHE HE1  H N N 303 
PHE HE2  H N N 304 
PHE HZ   H N N 305 
PHE HXT  H N N 306 
PRO N    N N N 307 
PRO CA   C N S 308 
PRO C    C N N 309 
PRO O    O N N 310 
PRO CB   C N N 311 
PRO CG   C N N 312 
PRO CD   C N N 313 
PRO OXT  O N N 314 
PRO H    H N N 315 
PRO HA   H N N 316 
PRO HB2  H N N 317 
PRO HB3  H N N 318 
PRO HG2  H N N 319 
PRO HG3  H N N 320 
PRO HD2  H N N 321 
PRO HD3  H N N 322 
PRO HXT  H N N 323 
SER N    N N N 324 
SER CA   C N S 325 
SER C    C N N 326 
SER O    O N N 327 
SER CB   C N N 328 
SER OG   O N N 329 
SER OXT  O N N 330 
SER H    H N N 331 
SER H2   H N N 332 
SER HA   H N N 333 
SER HB2  H N N 334 
SER HB3  H N N 335 
SER HG   H N N 336 
SER HXT  H N N 337 
SO4 S    S N N 338 
SO4 O1   O N N 339 
SO4 O2   O N N 340 
SO4 O3   O N N 341 
SO4 O4   O N N 342 
THR N    N N N 343 
THR CA   C N S 344 
THR C    C N N 345 
THR O    O N N 346 
THR CB   C N R 347 
THR OG1  O N N 348 
THR CG2  C N N 349 
THR OXT  O N N 350 
THR H    H N N 351 
THR H2   H N N 352 
THR HA   H N N 353 
THR HB   H N N 354 
THR HG1  H N N 355 
THR HG21 H N N 356 
THR HG22 H N N 357 
THR HG23 H N N 358 
THR HXT  H N N 359 
TRP N    N N N 360 
TRP CA   C N S 361 
TRP C    C N N 362 
TRP O    O N N 363 
TRP CB   C N N 364 
TRP CG   C Y N 365 
TRP CD1  C Y N 366 
TRP CD2  C Y N 367 
TRP NE1  N Y N 368 
TRP CE2  C Y N 369 
TRP CE3  C Y N 370 
TRP CZ2  C Y N 371 
TRP CZ3  C Y N 372 
TRP CH2  C Y N 373 
TRP OXT  O N N 374 
TRP H    H N N 375 
TRP H2   H N N 376 
TRP HA   H N N 377 
TRP HB2  H N N 378 
TRP HB3  H N N 379 
TRP HD1  H N N 380 
TRP HE1  H N N 381 
TRP HE3  H N N 382 
TRP HZ2  H N N 383 
TRP HZ3  H N N 384 
TRP HH2  H N N 385 
TRP HXT  H N N 386 
TYR N    N N N 387 
TYR CA   C N S 388 
TYR C    C N N 389 
TYR O    O N N 390 
TYR CB   C N N 391 
TYR CG   C Y N 392 
TYR CD1  C Y N 393 
TYR CD2  C Y N 394 
TYR CE1  C Y N 395 
TYR CE2  C Y N 396 
TYR CZ   C Y N 397 
TYR OH   O N N 398 
TYR OXT  O N N 399 
TYR H    H N N 400 
TYR H2   H N N 401 
TYR HA   H N N 402 
TYR HB2  H N N 403 
TYR HB3  H N N 404 
TYR HD1  H N N 405 
TYR HD2  H N N 406 
TYR HE1  H N N 407 
TYR HE2  H N N 408 
TYR HH   H N N 409 
TYR HXT  H N N 410 
VAL N    N N N 411 
VAL CA   C N S 412 
VAL C    C N N 413 
VAL O    O N N 414 
VAL CB   C N N 415 
VAL CG1  C N N 416 
VAL CG2  C N N 417 
VAL OXT  O N N 418 
VAL H    H N N 419 
VAL H2   H N N 420 
VAL HA   H N N 421 
VAL HB   H N N 422 
VAL HG11 H N N 423 
VAL HG12 H N N 424 
VAL HG13 H N N 425 
VAL HG21 H N N 426 
VAL HG22 H N N 427 
VAL HG23 H N N 428 
VAL HXT  H N N 429 
# 
loop_
_chem_comp_bond.comp_id 
_chem_comp_bond.atom_id_1 
_chem_comp_bond.atom_id_2 
_chem_comp_bond.value_order 
_chem_comp_bond.pdbx_aromatic_flag 
_chem_comp_bond.pdbx_stereo_config 
_chem_comp_bond.pdbx_ordinal 
ALA N   CA   sing N N 1   
ALA N   H    sing N N 2   
ALA N   H2   sing N N 3   
ALA CA  C    sing N N 4   
ALA CA  CB   sing N N 5   
ALA CA  HA   sing N N 6   
ALA C   O    doub N N 7   
ALA C   OXT  sing N N 8   
ALA CB  HB1  sing N N 9   
ALA CB  HB2  sing N N 10  
ALA CB  HB3  sing N N 11  
ALA OXT HXT  sing N N 12  
ARG N   CA   sing N N 13  
ARG N   H    sing N N 14  
ARG N   H2   sing N N 15  
ARG CA  C    sing N N 16  
ARG CA  CB   sing N N 17  
ARG CA  HA   sing N N 18  
ARG C   O    doub N N 19  
ARG C   OXT  sing N N 20  
ARG CB  CG   sing N N 21  
ARG CB  HB2  sing N N 22  
ARG CB  HB3  sing N N 23  
ARG CG  CD   sing N N 24  
ARG CG  HG2  sing N N 25  
ARG CG  HG3  sing N N 26  
ARG CD  NE   sing N N 27  
ARG CD  HD2  sing N N 28  
ARG CD  HD3  sing N N 29  
ARG NE  CZ   sing N N 30  
ARG NE  HE   sing N N 31  
ARG CZ  NH1  sing N N 32  
ARG CZ  NH2  doub N N 33  
ARG NH1 HH11 sing N N 34  
ARG NH1 HH12 sing N N 35  
ARG NH2 HH21 sing N N 36  
ARG NH2 HH22 sing N N 37  
ARG OXT HXT  sing N N 38  
ASN N   CA   sing N N 39  
ASN N   H    sing N N 40  
ASN N   H2   sing N N 41  
ASN CA  C    sing N N 42  
ASN CA  CB   sing N N 43  
ASN CA  HA   sing N N 44  
ASN C   O    doub N N 45  
ASN C   OXT  sing N N 46  
ASN CB  CG   sing N N 47  
ASN CB  HB2  sing N N 48  
ASN CB  HB3  sing N N 49  
ASN CG  OD1  doub N N 50  
ASN CG  ND2  sing N N 51  
ASN ND2 HD21 sing N N 52  
ASN ND2 HD22 sing N N 53  
ASN OXT HXT  sing N N 54  
ASP N   CA   sing N N 55  
ASP N   H    sing N N 56  
ASP N   H2   sing N N 57  
ASP CA  C    sing N N 58  
ASP CA  CB   sing N N 59  
ASP CA  HA   sing N N 60  
ASP C   O    doub N N 61  
ASP C   OXT  sing N N 62  
ASP CB  CG   sing N N 63  
ASP CB  HB2  sing N N 64  
ASP CB  HB3  sing N N 65  
ASP CG  OD1  doub N N 66  
ASP CG  OD2  sing N N 67  
ASP OD2 HD2  sing N N 68  
ASP OXT HXT  sing N N 69  
CYS N   CA   sing N N 70  
CYS N   H    sing N N 71  
CYS N   H2   sing N N 72  
CYS CA  C    sing N N 73  
CYS CA  CB   sing N N 74  
CYS CA  HA   sing N N 75  
CYS C   O    doub N N 76  
CYS C   OXT  sing N N 77  
CYS CB  SG   sing N N 78  
CYS CB  HB2  sing N N 79  
CYS CB  HB3  sing N N 80  
CYS SG  HG   sing N N 81  
CYS OXT HXT  sing N N 82  
EDO C1  O1   sing N N 83  
EDO C1  C2   sing N N 84  
EDO C1  H11  sing N N 85  
EDO C1  H12  sing N N 86  
EDO O1  HO1  sing N N 87  
EDO C2  O2   sing N N 88  
EDO C2  H21  sing N N 89  
EDO C2  H22  sing N N 90  
EDO O2  HO2  sing N N 91  
GLN N   CA   sing N N 92  
GLN N   H    sing N N 93  
GLN N   H2   sing N N 94  
GLN CA  C    sing N N 95  
GLN CA  CB   sing N N 96  
GLN CA  HA   sing N N 97  
GLN C   O    doub N N 98  
GLN C   OXT  sing N N 99  
GLN CB  CG   sing N N 100 
GLN CB  HB2  sing N N 101 
GLN CB  HB3  sing N N 102 
GLN CG  CD   sing N N 103 
GLN CG  HG2  sing N N 104 
GLN CG  HG3  sing N N 105 
GLN CD  OE1  doub N N 106 
GLN CD  NE2  sing N N 107 
GLN NE2 HE21 sing N N 108 
GLN NE2 HE22 sing N N 109 
GLN OXT HXT  sing N N 110 
GLU N   CA   sing N N 111 
GLU N   H    sing N N 112 
GLU N   H2   sing N N 113 
GLU CA  C    sing N N 114 
GLU CA  CB   sing N N 115 
GLU CA  HA   sing N N 116 
GLU C   O    doub N N 117 
GLU C   OXT  sing N N 118 
GLU CB  CG   sing N N 119 
GLU CB  HB2  sing N N 120 
GLU CB  HB3  sing N N 121 
GLU CG  CD   sing N N 122 
GLU CG  HG2  sing N N 123 
GLU CG  HG3  sing N N 124 
GLU CD  OE1  doub N N 125 
GLU CD  OE2  sing N N 126 
GLU OE2 HE2  sing N N 127 
GLU OXT HXT  sing N N 128 
GLY N   CA   sing N N 129 
GLY N   H    sing N N 130 
GLY N   H2   sing N N 131 
GLY CA  C    sing N N 132 
GLY CA  HA2  sing N N 133 
GLY CA  HA3  sing N N 134 
GLY C   O    doub N N 135 
GLY C   OXT  sing N N 136 
GLY OXT HXT  sing N N 137 
HIS N   CA   sing N N 138 
HIS N   H    sing N N 139 
HIS N   H2   sing N N 140 
HIS CA  C    sing N N 141 
HIS CA  CB   sing N N 142 
HIS CA  HA   sing N N 143 
HIS C   O    doub N N 144 
HIS C   OXT  sing N N 145 
HIS CB  CG   sing N N 146 
HIS CB  HB2  sing N N 147 
HIS CB  HB3  sing N N 148 
HIS CG  ND1  sing Y N 149 
HIS CG  CD2  doub Y N 150 
HIS ND1 CE1  doub Y N 151 
HIS ND1 HD1  sing N N 152 
HIS CD2 NE2  sing Y N 153 
HIS CD2 HD2  sing N N 154 
HIS CE1 NE2  sing Y N 155 
HIS CE1 HE1  sing N N 156 
HIS NE2 HE2  sing N N 157 
HIS OXT HXT  sing N N 158 
HOH O   H1   sing N N 159 
HOH O   H2   sing N N 160 
ILE N   CA   sing N N 161 
ILE N   H    sing N N 162 
ILE N   H2   sing N N 163 
ILE CA  C    sing N N 164 
ILE CA  CB   sing N N 165 
ILE CA  HA   sing N N 166 
ILE C   O    doub N N 167 
ILE C   OXT  sing N N 168 
ILE CB  CG1  sing N N 169 
ILE CB  CG2  sing N N 170 
ILE CB  HB   sing N N 171 
ILE CG1 CD1  sing N N 172 
ILE CG1 HG12 sing N N 173 
ILE CG1 HG13 sing N N 174 
ILE CG2 HG21 sing N N 175 
ILE CG2 HG22 sing N N 176 
ILE CG2 HG23 sing N N 177 
ILE CD1 HD11 sing N N 178 
ILE CD1 HD12 sing N N 179 
ILE CD1 HD13 sing N N 180 
ILE OXT HXT  sing N N 181 
J4Q N1  C2   doub Y N 182 
J4Q N1  C3   sing Y N 183 
J4Q N3  C8   doub Y N 184 
J4Q C4  C3   doub Y N 185 
J4Q C4  N2   sing Y N 186 
J4Q C5  C6   sing N N 187 
J4Q C5  N2   sing N N 188 
J4Q C6  C7   doub Y N 189 
J4Q C7  S2   sing Y N 190 
J4Q C8  S2   sing Y N 191 
J4Q C1  S1   sing N N 192 
J4Q S1  O1   doub N N 193 
J4Q S1  O2   doub N N 194 
J4Q S1  C2   sing N N 195 
J4Q C2  N2   sing Y N 196 
J4Q C4  H2   sing N N 197 
J4Q C5  H3   sing N N 198 
J4Q C5  H4   sing N N 199 
J4Q C7  H6   sing N N 200 
J4Q C8  H8   sing N N 201 
J4Q C1  H10  sing N N 202 
J4Q C1  H11  sing N N 203 
J4Q C1  H12  sing N N 204 
J4Q C3  H13  sing N N 205 
J4Q N3  C6   sing Y N 206 
LEU N   CA   sing N N 207 
LEU N   H    sing N N 208 
LEU N   H2   sing N N 209 
LEU CA  C    sing N N 210 
LEU CA  CB   sing N N 211 
LEU CA  HA   sing N N 212 
LEU C   O    doub N N 213 
LEU C   OXT  sing N N 214 
LEU CB  CG   sing N N 215 
LEU CB  HB2  sing N N 216 
LEU CB  HB3  sing N N 217 
LEU CG  CD1  sing N N 218 
LEU CG  CD2  sing N N 219 
LEU CG  HG   sing N N 220 
LEU CD1 HD11 sing N N 221 
LEU CD1 HD12 sing N N 222 
LEU CD1 HD13 sing N N 223 
LEU CD2 HD21 sing N N 224 
LEU CD2 HD22 sing N N 225 
LEU CD2 HD23 sing N N 226 
LEU OXT HXT  sing N N 227 
LYS N   CA   sing N N 228 
LYS N   H    sing N N 229 
LYS N   H2   sing N N 230 
LYS CA  C    sing N N 231 
LYS CA  CB   sing N N 232 
LYS CA  HA   sing N N 233 
LYS C   O    doub N N 234 
LYS C   OXT  sing N N 235 
LYS CB  CG   sing N N 236 
LYS CB  HB2  sing N N 237 
LYS CB  HB3  sing N N 238 
LYS CG  CD   sing N N 239 
LYS CG  HG2  sing N N 240 
LYS CG  HG3  sing N N 241 
LYS CD  CE   sing N N 242 
LYS CD  HD2  sing N N 243 
LYS CD  HD3  sing N N 244 
LYS CE  NZ   sing N N 245 
LYS CE  HE2  sing N N 246 
LYS CE  HE3  sing N N 247 
LYS NZ  HZ1  sing N N 248 
LYS NZ  HZ2  sing N N 249 
LYS NZ  HZ3  sing N N 250 
LYS OXT HXT  sing N N 251 
MET N   CA   sing N N 252 
MET N   H    sing N N 253 
MET N   H2   sing N N 254 
MET CA  C    sing N N 255 
MET CA  CB   sing N N 256 
MET CA  HA   sing N N 257 
MET C   O    doub N N 258 
MET C   OXT  sing N N 259 
MET CB  CG   sing N N 260 
MET CB  HB2  sing N N 261 
MET CB  HB3  sing N N 262 
MET CG  SD   sing N N 263 
MET CG  HG2  sing N N 264 
MET CG  HG3  sing N N 265 
MET SD  CE   sing N N 266 
MET CE  HE1  sing N N 267 
MET CE  HE2  sing N N 268 
MET CE  HE3  sing N N 269 
MET OXT HXT  sing N N 270 
PHE N   CA   sing N N 271 
PHE N   H    sing N N 272 
PHE N   H2   sing N N 273 
PHE CA  C    sing N N 274 
PHE CA  CB   sing N N 275 
PHE CA  HA   sing N N 276 
PHE C   O    doub N N 277 
PHE C   OXT  sing N N 278 
PHE CB  CG   sing N N 279 
PHE CB  HB2  sing N N 280 
PHE CB  HB3  sing N N 281 
PHE CG  CD1  doub Y N 282 
PHE CG  CD2  sing Y N 283 
PHE CD1 CE1  sing Y N 284 
PHE CD1 HD1  sing N N 285 
PHE CD2 CE2  doub Y N 286 
PHE CD2 HD2  sing N N 287 
PHE CE1 CZ   doub Y N 288 
PHE CE1 HE1  sing N N 289 
PHE CE2 CZ   sing Y N 290 
PHE CE2 HE2  sing N N 291 
PHE CZ  HZ   sing N N 292 
PHE OXT HXT  sing N N 293 
PRO N   CA   sing N N 294 
PRO N   CD   sing N N 295 
PRO N   H    sing N N 296 
PRO CA  C    sing N N 297 
PRO CA  CB   sing N N 298 
PRO CA  HA   sing N N 299 
PRO C   O    doub N N 300 
PRO C   OXT  sing N N 301 
PRO CB  CG   sing N N 302 
PRO CB  HB2  sing N N 303 
PRO CB  HB3  sing N N 304 
PRO CG  CD   sing N N 305 
PRO CG  HG2  sing N N 306 
PRO CG  HG3  sing N N 307 
PRO CD  HD2  sing N N 308 
PRO CD  HD3  sing N N 309 
PRO OXT HXT  sing N N 310 
SER N   CA   sing N N 311 
SER N   H    sing N N 312 
SER N   H2   sing N N 313 
SER CA  C    sing N N 314 
SER CA  CB   sing N N 315 
SER CA  HA   sing N N 316 
SER C   O    doub N N 317 
SER C   OXT  sing N N 318 
SER CB  OG   sing N N 319 
SER CB  HB2  sing N N 320 
SER CB  HB3  sing N N 321 
SER OG  HG   sing N N 322 
SER OXT HXT  sing N N 323 
SO4 S   O1   doub N N 324 
SO4 S   O2   doub N N 325 
SO4 S   O3   sing N N 326 
SO4 S   O4   sing N N 327 
THR N   CA   sing N N 328 
THR N   H    sing N N 329 
THR N   H2   sing N N 330 
THR CA  C    sing N N 331 
THR CA  CB   sing N N 332 
THR CA  HA   sing N N 333 
THR C   O    doub N N 334 
THR C   OXT  sing N N 335 
THR CB  OG1  sing N N 336 
THR CB  CG2  sing N N 337 
THR CB  HB   sing N N 338 
THR OG1 HG1  sing N N 339 
THR CG2 HG21 sing N N 340 
THR CG2 HG22 sing N N 341 
THR CG2 HG23 sing N N 342 
THR OXT HXT  sing N N 343 
TRP N   CA   sing N N 344 
TRP N   H    sing N N 345 
TRP N   H2   sing N N 346 
TRP CA  C    sing N N 347 
TRP CA  CB   sing N N 348 
TRP CA  HA   sing N N 349 
TRP C   O    doub N N 350 
TRP C   OXT  sing N N 351 
TRP CB  CG   sing N N 352 
TRP CB  HB2  sing N N 353 
TRP CB  HB3  sing N N 354 
TRP CG  CD1  doub Y N 355 
TRP CG  CD2  sing Y N 356 
TRP CD1 NE1  sing Y N 357 
TRP CD1 HD1  sing N N 358 
TRP CD2 CE2  doub Y N 359 
TRP CD2 CE3  sing Y N 360 
TRP NE1 CE2  sing Y N 361 
TRP NE1 HE1  sing N N 362 
TRP CE2 CZ2  sing Y N 363 
TRP CE3 CZ3  doub Y N 364 
TRP CE3 HE3  sing N N 365 
TRP CZ2 CH2  doub Y N 366 
TRP CZ2 HZ2  sing N N 367 
TRP CZ3 CH2  sing Y N 368 
TRP CZ3 HZ3  sing N N 369 
TRP CH2 HH2  sing N N 370 
TRP OXT HXT  sing N N 371 
TYR N   CA   sing N N 372 
TYR N   H    sing N N 373 
TYR N   H2   sing N N 374 
TYR CA  C    sing N N 375 
TYR CA  CB   sing N N 376 
TYR CA  HA   sing N N 377 
TYR C   O    doub N N 378 
TYR C   OXT  sing N N 379 
TYR CB  CG   sing N N 380 
TYR CB  HB2  sing N N 381 
TYR CB  HB3  sing N N 382 
TYR CG  CD1  doub Y N 383 
TYR CG  CD2  sing Y N 384 
TYR CD1 CE1  sing Y N 385 
TYR CD1 HD1  sing N N 386 
TYR CD2 CE2  doub Y N 387 
TYR CD2 HD2  sing N N 388 
TYR CE1 CZ   doub Y N 389 
TYR CE1 HE1  sing N N 390 
TYR CE2 CZ   sing Y N 391 
TYR CE2 HE2  sing N N 392 
TYR CZ  OH   sing N N 393 
TYR OH  HH   sing N N 394 
TYR OXT HXT  sing N N 395 
VAL N   CA   sing N N 396 
VAL N   H    sing N N 397 
VAL N   H2   sing N N 398 
VAL CA  C    sing N N 399 
VAL CA  CB   sing N N 400 
VAL CA  HA   sing N N 401 
VAL C   O    doub N N 402 
VAL C   OXT  sing N N 403 
VAL CB  CG1  sing N N 404 
VAL CB  CG2  sing N N 405 
VAL CB  HB   sing N N 406 
VAL CG1 HG11 sing N N 407 
VAL CG1 HG12 sing N N 408 
VAL CG1 HG13 sing N N 409 
VAL CG2 HG21 sing N N 410 
VAL CG2 HG22 sing N N 411 
VAL CG2 HG23 sing N N 412 
VAL OXT HXT  sing N N 413 
# 
_pdbx_audit_support.ordinal                1 
_pdbx_audit_support.funding_organization   'European Union (EU)' 
_pdbx_audit_support.grant_number           875510 
_pdbx_audit_support.country                'European Union' 
# 
_pdbx_deposit_group.group_id            G_1002320 
_pdbx_deposit_group.group_description   
;PRYSPRY domain of murine TRIM21 screened against the DSI-poised Fragment Library by X-ray Crystallography at the XChem facility of Diamon Light Source
;
_pdbx_deposit_group.group_title         'PanDDA analysis group deposition' 
_pdbx_deposit_group.group_type          'changed state' 
# 
_pdbx_initial_refinement_model.id               1 
_pdbx_initial_refinement_model.entity_id_list   ? 
_pdbx_initial_refinement_model.type             'experimental model' 
_pdbx_initial_refinement_model.source_name      PDB 
_pdbx_initial_refinement_model.accession_code   2VOK 
_pdbx_initial_refinement_model.details          ? 
# 
_atom_sites.entry_id                    7HLL 
_atom_sites.fract_transf_matrix[1][1]   0.00988902 
_atom_sites.fract_transf_matrix[1][2]   0.00329137 
_atom_sites.fract_transf_matrix[1][3]   0.00114432 
_atom_sites.fract_transf_matrix[2][1]   0.00288023 
_atom_sites.fract_transf_matrix[2][2]   -0.00965852 
_atom_sites.fract_transf_matrix[2][3]   0.00289005 
_atom_sites.fract_transf_matrix[3][1]   0.00408262 
_atom_sites.fract_transf_matrix[3][2]   -0.00501951 
_atom_sites.fract_transf_matrix[3][3]   -0.02084388 
_atom_sites.fract_transf_vector[1]      -0.298259 
_atom_sites.fract_transf_vector[2]      -0.116490 
_atom_sites.fract_transf_vector[3]      -0.503389 
# 
loop_
_atom_type.symbol 
C 
N 
O 
S 
# 
loop_
_atom_site.group_PDB 
_atom_site.id 
_atom_site.type_symbol 
_atom_site.label_atom_id 
_atom_site.label_alt_id 
_atom_site.label_comp_id 
_atom_site.label_asym_id 
_atom_site.label_entity_id 
_atom_site.label_seq_id 
_atom_site.pdbx_PDB_ins_code 
_atom_site.Cartn_x 
_atom_site.Cartn_y 
_atom_site.Cartn_z 
_atom_site.occupancy 
_atom_site.B_iso_or_equiv 
_atom_site.pdbx_formal_charge 
_atom_site.auth_seq_id 
_atom_site.auth_comp_id 
_atom_site.auth_asym_id 
_atom_site.auth_atom_id 
_atom_site.pdbx_PDB_model_num 
ATOM   1    N N   . HIS A 1 2   ? 16.304  2.920   -11.268 1.00 37.77 ? 8   HIS B N   1 
ATOM   2    C CA  . HIS A 1 2   ? 16.348  4.091   -10.313 1.00 36.01 ? 8   HIS B CA  1 
ATOM   3    C C   . HIS A 1 2   ? 17.539  3.940   -9.360  1.00 33.48 ? 8   HIS B C   1 
ATOM   4    O O   . HIS A 1 2   ? 18.123  2.831   -9.286  1.00 33.92 ? 8   HIS B O   1 
ATOM   5    C CB  . HIS A 1 2   ? 15.009  4.242   -9.554  1.00 33.09 ? 8   HIS B CB  1 
ATOM   6    C CG  . HIS A 1 2   ? 14.710  3.132   -8.603  1.00 29.25 ? 8   HIS B CG  1 
ATOM   7    N ND1 . HIS A 1 2   ? 15.221  3.109   -7.310  1.00 27.44 ? 8   HIS B ND1 1 
ATOM   8    C CD2 . HIS A 1 2   ? 13.965  2.018   -8.738  1.00 26.62 ? 8   HIS B CD2 1 
ATOM   9    C CE1 . HIS A 1 2   ? 14.803  2.011   -6.699  1.00 27.47 ? 8   HIS B CE1 1 
ATOM   10   N NE2 . HIS A 1 2   ? 14.033  1.303   -7.570  1.00 23.78 ? 8   HIS B NE2 1 
ATOM   11   N N   . HIS A 1 3   ? 17.858  4.999   -8.620  1.00 31.47 ? 9   HIS B N   1 
ATOM   12   C CA  . HIS A 1 3   ? 18.966  5.015   -7.634  1.00 30.28 ? 9   HIS B CA  1 
ATOM   13   C C   . HIS A 1 3   ? 18.448  5.378   -6.236  1.00 26.85 ? 9   HIS B C   1 
ATOM   14   O O   . HIS A 1 3   ? 19.206  6.011   -5.484  1.00 28.00 ? 9   HIS B O   1 
ATOM   15   C CB  . HIS A 1 3   ? 20.086  5.915   -8.191  1.00 38.28 ? 9   HIS B CB  1 
ATOM   16   C CG  . HIS A 1 3   ? 20.616  5.368   -9.476  1.00 46.06 ? 9   HIS B CG  1 
ATOM   17   N ND1 . HIS A 1 3   ? 21.459  4.267   -9.517  1.00 49.67 ? 9   HIS B ND1 1 
ATOM   18   C CD2 . HIS A 1 3   ? 20.362  5.698   -10.762 1.00 51.35 ? 9   HIS B CD2 1 
ATOM   19   C CE1 . HIS A 1 3   ? 21.729  3.965   -10.771 1.00 52.80 ? 9   HIS B CE1 1 
ATOM   20   N NE2 . HIS A 1 3   ? 21.076  4.835   -11.556 1.00 53.27 ? 9   HIS B NE2 1 
ATOM   21   N N   . HIS A 1 4   ? 17.238  4.925   -5.860  1.00 21.18 ? 10  HIS B N   1 
ATOM   22   C CA  . HIS A 1 4   ? 16.584  5.285   -4.568  1.00 17.95 ? 10  HIS B CA  1 
ATOM   23   C C   . HIS A 1 4   ? 16.841  4.231   -3.487  1.00 19.36 ? 10  HIS B C   1 
ATOM   24   O O   . HIS A 1 4   ? 16.467  4.458   -2.319  1.00 17.17 ? 10  HIS B O   1 
ATOM   25   C CB  . HIS A 1 4   ? 15.060  5.487   -4.742  1.00 19.47 ? 10  HIS B CB  1 
ATOM   26   C CG  . HIS A 1 4   ? 14.660  6.531   -5.722  1.00 21.86 ? 10  HIS B CG  1 
ATOM   27   N ND1 . HIS A 1 4   ? 15.134  7.812   -5.669  1.00 21.54 ? 10  HIS B ND1 1 
ATOM   28   C CD2 . HIS A 1 4   ? 13.783  6.505   -6.751  1.00 21.76 ? 10  HIS B CD2 1 
ATOM   29   C CE1 . HIS A 1 4   ? 14.606  8.527   -6.647  1.00 25.41 ? 10  HIS B CE1 1 
ATOM   30   N NE2 . HIS A 1 4   ? 13.764  7.756   -7.298  1.00 24.93 ? 10  HIS B NE2 1 
ATOM   31   N N   . HIS A 1 5   ? 17.515  3.138   -3.817  1.00 20.86 ? 11  HIS B N   1 
ATOM   32   C CA  . HIS A 1 5   ? 17.660  1.969   -2.922  1.00 21.18 ? 11  HIS B CA  1 
ATOM   33   C C   . HIS A 1 5   ? 18.311  2.339   -1.591  1.00 19.82 ? 11  HIS B C   1 
ATOM   34   O O   . HIS A 1 5   ? 17.914  1.730   -0.589  1.00 21.87 ? 11  HIS B O   1 
ATOM   35   C CB  . HIS A 1 5   ? 18.438  0.821   -3.594  1.00 25.76 ? 11  HIS B CB  1 
ATOM   36   C CG  . HIS A 1 5   ? 17.835  0.394   -4.883  1.00 29.76 ? 11  HIS B CG  1 
ATOM   37   N ND1 . HIS A 1 5   ? 18.122  1.050   -6.076  1.00 33.32 ? 11  HIS B ND1 1 
ATOM   38   C CD2 . HIS A 1 5   ? 16.944  -0.582  -5.183  1.00 31.32 ? 11  HIS B CD2 1 
ATOM   39   C CE1 . HIS A 1 5   ? 17.444  0.483   -7.063  1.00 32.91 ? 11  HIS B CE1 1 
ATOM   40   N NE2 . HIS A 1 5   ? 16.700  -0.514  -6.540  1.00 32.51 ? 11  HIS B NE2 1 
ATOM   41   N N   . HIS A 1 6   ? 19.245  3.307   -1.546  1.00 19.44 ? 12  HIS B N   1 
ATOM   42   C CA  . HIS A 1 6   ? 19.976  3.708   -0.322  1.00 21.46 ? 12  HIS B CA  1 
ATOM   43   C C   . HIS A 1 6   ? 19.055  4.406   0.687   1.00 19.50 ? 12  HIS B C   1 
ATOM   44   O O   . HIS A 1 6   ? 19.475  4.581   1.823   1.00 22.08 ? 12  HIS B O   1 
ATOM   45   C CB  . HIS A 1 6   ? 21.196  4.577   -0.681  1.00 24.56 ? 12  HIS B CB  1 
ATOM   46   C CG  . HIS A 1 6   ? 20.850  5.801   -1.450  1.00 23.08 ? 12  HIS B CG  1 
ATOM   47   N ND1 . HIS A 1 6   ? 20.992  7.084   -0.924  1.00 28.60 ? 12  HIS B ND1 1 
ATOM   48   C CD2 . HIS A 1 6   ? 20.455  5.966   -2.725  1.00 23.73 ? 12  HIS B CD2 1 
ATOM   49   C CE1 . HIS A 1 6   ? 20.649  7.964   -1.831  1.00 23.42 ? 12  HIS B CE1 1 
ATOM   50   N NE2 . HIS A 1 6   ? 20.319  7.315   -2.942  1.00 28.79 ? 12  HIS B NE2 1 
ATOM   51   N N   . HIS A 1 7   ? 17.823  4.820   0.320   1.00 16.39 ? 13  HIS B N   1 
ATOM   52   C CA  . HIS A 1 7   ? 16.799  5.373   1.251   1.00 14.11 ? 13  HIS B CA  1 
ATOM   53   C C   . HIS A 1 7   ? 15.938  4.266   1.844   1.00 13.02 ? 13  HIS B C   1 
ATOM   54   O O   . HIS A 1 7   ? 14.921  4.602   2.451   1.00 12.68 ? 13  HIS B O   1 
ATOM   55   C CB  . HIS A 1 7   ? 15.945  6.409   0.555   1.00 13.70 ? 13  HIS B CB  1 
ATOM   56   C CG  . HIS A 1 7   ? 16.744  7.556   0.022   1.00 14.91 ? 13  HIS B CG  1 
ATOM   57   N ND1 . HIS A 1 7   ? 17.501  8.356   0.860   1.00 15.93 ? 13  HIS B ND1 1 
ATOM   58   C CD2 . HIS A 1 7   ? 16.894  8.016   -1.229  1.00 16.00 ? 13  HIS B CD2 1 
ATOM   59   C CE1 . HIS A 1 7   ? 18.102  9.260   0.120   1.00 17.10 ? 13  HIS B CE1 1 
ATOM   60   N NE2 . HIS A 1 7   ? 17.748  9.096   -1.144  1.00 17.24 ? 13  HIS B NE2 1 
ATOM   61   N N   . MET A 1 8   ? 16.315  3.005   1.671   1.00 13.49 ? 14  MET B N   1 
ATOM   62   C CA  . MET A 1 8   ? 15.533  1.856   2.188   1.00 14.71 ? 14  MET B CA  1 
ATOM   63   C C   . MET A 1 8   ? 15.203  2.055   3.654   1.00 14.44 ? 14  MET B C   1 
ATOM   64   O O   . MET A 1 8   ? 16.122  2.362   4.491   1.00 17.40 ? 14  MET B O   1 
ATOM   65   C CB  . MET A 1 8   ? 16.323  0.549   2.050   1.00 18.64 ? 14  MET B CB  1 
ATOM   66   C CG  . MET A 1 8   ? 15.587  -0.705  2.537   1.00 22.67 ? 14  MET B CG  1 
ATOM   67   S SD  . MET A 1 8   ? 14.205  -1.244  1.466   1.00 34.71 ? 14  MET B SD  1 
ATOM   68   C CE  . MET A 1 8   ? 15.165  -2.019  0.171   1.00 29.39 ? 14  MET B CE  1 
ATOM   69   N N   . VAL A 1 9   ? 13.968  1.799   4.021   1.00 12.64 ? 15  VAL B N   1 
ATOM   70   C CA  . VAL A 1 9   ? 13.517  1.803   5.435   1.00 13.74 ? 15  VAL B CA  1 
ATOM   71   C C   . VAL A 1 9   ? 12.907  0.433   5.717   1.00 13.29 ? 15  VAL B C   1 
ATOM   72   O O   . VAL A 1 9   ? 12.262  -0.155  4.840   1.00 14.28 ? 15  VAL B O   1 
ATOM   73   C CB  . VAL A 1 9   ? 12.554  2.961   5.750   1.00 15.03 ? 15  VAL B CB  1 
ATOM   74   C CG1 . VAL A 1 9   ? 13.261  4.290   5.752   1.00 18.74 ? 15  VAL B CG1 1 
ATOM   75   C CG2 . VAL A 1 9   ? 11.365  3.033   4.820   1.00 16.20 ? 15  VAL B CG2 1 
ATOM   76   N N   . HIS A 1 10  ? 13.014  -0.025  6.958   1.00 13.39 ? 16  HIS B N   1 
ATOM   77   C CA  . HIS A 1 10  ? 12.449  -1.310  7.412   1.00 14.00 ? 16  HIS B CA  1 
ATOM   78   C C   . HIS A 1 10  ? 11.024  -1.086  7.905   1.00 13.38 ? 16  HIS B C   1 
ATOM   79   O O   . HIS A 1 10  ? 10.811  -0.503  8.965   1.00 19.12 ? 16  HIS B O   1 
ATOM   80   C CB  . HIS A 1 10  ? 13.320  -1.903  8.524   1.00 15.29 ? 16  HIS B CB  1 
ATOM   81   C CG  . HIS A 1 10  ? 12.913  -3.274  8.946   1.00 18.72 ? 16  HIS B CG  1 
ATOM   82   N ND1 . HIS A 1 10  ? 13.255  -4.398  8.246   1.00 23.08 ? 16  HIS B ND1 1 
ATOM   83   C CD2 . HIS A 1 10  ? 12.140  -3.676  9.974   1.00 22.04 ? 16  HIS B CD2 1 
ATOM   84   C CE1 . HIS A 1 10  ? 12.750  -5.458  8.859   1.00 20.58 ? 16  HIS B CE1 1 
ATOM   85   N NE2 . HIS A 1 10  ? 12.065  -5.037  9.918   1.00 24.52 ? 16  HIS B NE2 1 
ATOM   86   N N   . ILE A 1 11  ? 10.050  -1.438  7.080   1.00 11.12 ? 17  ILE B N   1 
ATOM   87   C CA  . ILE A 1 11  ? 8.617   -1.264  7.413   1.00 11.08 ? 17  ILE B CA  1 
ATOM   88   C C   . ILE A 1 11  ? 8.110   -2.512  8.155   1.00 11.01 ? 17  ILE B C   1 
ATOM   89   O O   . ILE A 1 11  ? 8.428   -3.621  7.783   1.00 11.63 ? 17  ILE B O   1 
ATOM   90   C CB  . ILE A 1 11  ? 7.806   -0.993  6.130   1.00 11.31 ? 17  ILE B CB  1 
ATOM   91   C CG1 . ILE A 1 11  ? 8.356   0.260   5.427   1.00 12.83 ? 17  ILE B CG1 1 
ATOM   92   C CG2 . ILE A 1 11  ? 6.307   -0.863  6.440   1.00 11.46 ? 17  ILE B CG2 1 
ATOM   93   C CD1 . ILE A 1 11  ? 8.402   1.516   6.290   1.00 12.90 ? 17  ILE B CD1 1 
ATOM   94   N N   . THR A 1 12  ? 7.272   -2.266  9.134   1.00 10.39 ? 18  THR B N   1 
ATOM   95   C CA  . THR A 1 12  ? 6.514   -3.354  9.804   1.00 11.69 ? 18  THR B CA  1 
ATOM   96   C C   . THR A 1 12  ? 5.053   -2.957  9.844   1.00 11.67 ? 18  THR B C   1 
ATOM   97   O O   . THR A 1 12  ? 4.703   -1.751  9.815   1.00 12.77 ? 18  THR B O   1 
ATOM   98   C CB  . THR A 1 12  ? 7.050   -3.647  11.200  1.00 13.69 ? 18  THR B CB  1 
ATOM   99   O OG1 . THR A 1 12  ? 6.988   -2.475  11.985  1.00 16.01 ? 18  THR B OG1 1 
ATOM   100  C CG2 . THR A 1 12  ? 8.466   -4.197  11.209  1.00 15.16 ? 18  THR B CG2 1 
ATOM   101  N N   . LEU A 1 13  ? 4.180   -3.958  9.892   1.00 10.37 ? 19  LEU B N   1 
ATOM   102  C CA  . LEU A 1 13  ? 2.714   -3.739  9.862   1.00 10.07 ? 19  LEU B CA  1 
ATOM   103  C C   . LEU A 1 13  ? 2.192   -3.464  11.261  1.00 10.70 ? 19  LEU B C   1 
ATOM   104  O O   . LEU A 1 13  ? 2.640   -4.138  12.239  1.00 12.23 ? 19  LEU B O   1 
ATOM   105  C CB  . LEU A 1 13  ? 2.063   -4.947  9.227   1.00 10.12 ? 19  LEU B CB  1 
ATOM   106  C CG  . LEU A 1 13  ? 2.475   -5.131  7.786   1.00 10.10 ? 19  LEU B CG  1 
ATOM   107  C CD1 . LEU A 1 13  ? 1.865   -6.426  7.258   1.00 12.47 ? 19  LEU B CD1 1 
ATOM   108  C CD2 . LEU A 1 13  ? 2.097   -3.953  6.871   1.00 11.65 ? 19  LEU B CD2 1 
ATOM   109  N N   . ASP A 1 14  ? 1.245   -2.576  11.398  1.00 9.39  ? 20  ASP B N   1 
ATOM   110  C CA  . ASP A 1 14  ? 0.595   -2.223  12.678  1.00 10.01 ? 20  ASP B CA  1 
ATOM   111  C C   . ASP A 1 14  ? -0.739  -3.009  12.792  1.00 10.73 ? 20  ASP B C   1 
ATOM   112  O O   . ASP A 1 14  ? -1.753  -2.612  12.211  1.00 10.15 ? 20  ASP B O   1 
ATOM   113  C CB  . ASP A 1 14  ? 0.344   -0.721  12.765  1.00 10.98 ? 20  ASP B CB  1 
ATOM   114  C CG  . ASP A 1 14  ? -0.256  -0.242  14.063  1.00 12.10 ? 20  ASP B CG  1 
ATOM   115  O OD1 . ASP A 1 14  ? -0.748  -1.106  14.834  1.00 13.27 ? 20  ASP B OD1 1 
ATOM   116  O OD2 . ASP A 1 14  ? -0.385  1.014   14.269  1.00 14.17 ? 20  ASP B OD2 1 
ATOM   117  N N   A ARG A 1 15  ? -0.693  -4.105  13.571  0.25 11.46 ? 21  ARG B N   1 
ATOM   118  N N   B ARG A 1 15  ? -0.718  -4.123  13.540  0.25 11.97 ? 21  ARG B N   1 
ATOM   119  C CA  A ARG A 1 15  ? -1.826  -5.036  13.856  0.25 12.56 ? 21  ARG B CA  1 
ATOM   120  C CA  B ARG A 1 15  ? -1.888  -5.037  13.708  0.25 13.27 ? 21  ARG B CA  1 
ATOM   121  C C   A ARG A 1 15  ? -3.084  -4.279  14.244  0.25 11.97 ? 21  ARG B C   1 
ATOM   122  C C   B ARG A 1 15  ? -3.109  -4.276  14.233  0.25 12.45 ? 21  ARG B C   1 
ATOM   123  O O   A ARG A 1 15  ? -4.193  -4.726  13.882  0.25 11.94 ? 21  ARG B O   1 
ATOM   124  O O   B ARG A 1 15  ? -4.242  -4.689  13.915  0.25 12.27 ? 21  ARG B O   1 
ATOM   125  C CB  A ARG A 1 15  ? -1.493  -5.964  15.034  0.25 13.69 ? 21  ARG B CB  1 
ATOM   126  C CB  B ARG A 1 15  ? -1.568  -6.194  14.669  0.25 15.56 ? 21  ARG B CB  1 
ATOM   127  C CG  A ARG A 1 15  ? -0.319  -6.887  14.755  0.25 15.52 ? 21  ARG B CG  1 
ATOM   128  C CG  B ARG A 1 15  ? -0.601  -7.234  14.122  0.25 18.21 ? 21  ARG B CG  1 
ATOM   129  C CD  A ARG A 1 15  ? -0.067  -7.877  15.878  0.25 16.59 ? 21  ARG B CD  1 
ATOM   130  C CD  B ARG A 1 15  ? 0.755   -7.261  14.812  0.25 21.49 ? 21  ARG B CD  1 
ATOM   131  N NE  A ARG A 1 15  ? 0.936   -8.832  15.445  0.25 17.76 ? 21  ARG B NE  1 
ATOM   132  N NE  B ARG A 1 15  ? 0.738   -7.815  16.167  0.25 23.21 ? 21  ARG B NE  1 
ATOM   133  C CZ  A ARG A 1 15  ? 0.692   -9.866  14.659  0.25 17.85 ? 21  ARG B CZ  1 
ATOM   134  C CZ  B ARG A 1 15  ? 0.946   -7.115  17.285  0.25 26.71 ? 21  ARG B CZ  1 
ATOM   135  N NH1 A ARG A 1 15  ? -0.544  -10.111 14.263  0.25 19.25 ? 21  ARG B NH1 1 
ATOM   136  N NH1 B ARG A 1 15  ? 1.203   -5.822  17.233  0.25 29.26 ? 21  ARG B NH1 1 
ATOM   137  N NH2 A ARG A 1 15  ? 1.674   -10.666 14.295  0.25 18.77 ? 21  ARG B NH2 1 
ATOM   138  N NH2 B ARG A 1 15  ? 0.895   -7.714  18.462  0.25 28.30 ? 21  ARG B NH2 1 
ATOM   139  N N   . ASN A 1 16  ? -2.927  -3.203  15.002  1.00 11.20 ? 22  ASN B N   1 
ATOM   140  C CA  . ASN A 1 16  ? -4.071  -2.480  15.560  1.00 12.88 ? 22  ASN B CA  1 
ATOM   141  C C   . ASN A 1 16  ? -4.908  -1.787  14.500  1.00 10.93 ? 22  ASN B C   1 
ATOM   142  O O   . ASN A 1 16  ? -6.082  -1.491  14.748  1.00 11.15 ? 22  ASN B O   1 
ATOM   143  C CB  . ASN A 1 16  ? -3.613  -1.520  16.654  1.00 16.14 ? 22  ASN B CB  1 
ATOM   144  C CG  . ASN A 1 16  ? -3.409  -2.242  17.971  1.00 22.88 ? 22  ASN B CG  1 
ATOM   145  O OD1 . ASN A 1 16  ? -3.804  -3.402  18.138  1.00 29.87 ? 22  ASN B OD1 1 
ATOM   146  N ND2 . ASN A 1 16  ? -2.743  -1.572  18.891  1.00 34.30 ? 22  ASN B ND2 1 
ATOM   147  N N   . THR A 1 17  ? -4.314  -1.500  13.311  1.00 9.18  ? 23  THR B N   1 
ATOM   148  C CA  . THR A 1 17  ? -4.993  -0.808  12.203  1.00 9.24  ? 23  THR B CA  1 
ATOM   149  C C   . THR A 1 17  ? -5.663  -1.807  11.267  1.00 8.93  ? 23  THR B C   1 
ATOM   150  O O   . THR A 1 17  ? -6.421  -1.377  10.384  1.00 9.59  ? 23  THR B O   1 
ATOM   151  C CB  . THR A 1 17  ? -4.046  0.091   11.390  1.00 9.88  ? 23  THR B CB  1 
ATOM   152  O OG1 . THR A 1 17  ? -3.095  -0.715  10.683  1.00 9.70  ? 23  THR B OG1 1 
ATOM   153  C CG2 . THR A 1 17  ? -3.421  1.154   12.270  1.00 10.64 ? 23  THR B CG2 1 
ATOM   154  N N   . ALA A 1 18  ? -5.328  -3.072  11.387  1.00 9.24  ? 24  ALA B N   1 
ATOM   155  C CA  . ALA A 1 18  ? -5.725  -4.089  10.384  1.00 9.46  ? 24  ALA B CA  1 
ATOM   156  C C   . ALA A 1 18  ? -7.232  -4.315  10.436  1.00 9.23  ? 24  ALA B C   1 
ATOM   157  O O   . ALA A 1 18  ? -7.831  -4.473  11.546  1.00 10.66 ? 24  ALA B O   1 
ATOM   158  C CB  . ALA A 1 18  ? -5.039  -5.385  10.659  1.00 10.50 ? 24  ALA B CB  1 
ATOM   159  N N   . ASN A 1 19  ? -7.847  -4.492  9.298   1.00 9.06  ? 25  ASN B N   1 
ATOM   160  C CA  . ASN A 1 19  ? -9.173  -5.131  9.246   1.00 8.95  ? 25  ASN B CA  1 
ATOM   161  C C   . ASN A 1 19  ? -9.131  -6.451  10.028  1.00 8.27  ? 25  ASN B C   1 
ATOM   162  O O   . ASN A 1 19  ? -8.151  -7.169  10.037  1.00 8.49  ? 25  ASN B O   1 
ATOM   163  C CB  . ASN A 1 19  ? -9.530  -5.339  7.783   1.00 10.02 ? 25  ASN B CB  1 
ATOM   164  C CG  . ASN A 1 19  ? -10.845 -6.047  7.637   1.00 10.66 ? 25  ASN B CG  1 
ATOM   165  O OD1 . ASN A 1 19  ? -10.941 -7.275  7.591   1.00 11.65 ? 25  ASN B OD1 1 
ATOM   166  N ND2 . ASN A 1 19  ? -11.889 -5.280  7.626   1.00 13.55 ? 25  ASN B ND2 1 
ATOM   167  N N   . SER A 1 20  ? -10.257 -6.737  10.693  1.00 8.59  ? 26  SER B N   1 
ATOM   168  C CA  . SER A 1 20  ? -10.363 -7.894  11.609  1.00 8.94  ? 26  SER B CA  1 
ATOM   169  C C   . SER A 1 20  ? -10.234 -9.236  10.897  1.00 9.07  ? 26  SER B C   1 
ATOM   170  O O   . SER A 1 20  ? -10.094 -10.242 11.646  1.00 10.04 ? 26  SER B O   1 
ATOM   171  C CB  . SER A 1 20  ? -11.680 -7.847  12.349  1.00 10.25 ? 26  SER B CB  1 
ATOM   172  O OG  . SER A 1 20  ? -12.734 -7.894  11.433  1.00 12.11 ? 26  SER B OG  1 
ATOM   173  N N   . TRP A 1 21  ? -10.270 -9.336  9.588   1.00 8.23  ? 27  TRP B N   1 
ATOM   174  C CA  . TRP A 1 21  ? -10.090 -10.612 8.862   1.00 9.22  ? 27  TRP B CA  1 
ATOM   175  C C   . TRP A 1 21  ? -8.633  -10.865 8.461   1.00 8.41  ? 27  TRP B C   1 
ATOM   176  O O   . TRP A 1 21  ? -8.347  -11.923 7.926   1.00 9.37  ? 27  TRP B O   1 
ATOM   177  C CB  . TRP A 1 21  ? -10.989 -10.655 7.633   1.00 9.47  ? 27  TRP B CB  1 
ATOM   178  C CG  . TRP A 1 21  ? -12.445 -10.848 7.945   1.00 10.13 ? 27  TRP B CG  1 
ATOM   179  C CD1 . TRP A 1 21  ? -13.185 -10.244 8.912   1.00 9.71  ? 27  TRP B CD1 1 
ATOM   180  C CD2 . TRP A 1 21  ? -13.307 -11.782 7.302   1.00 11.22 ? 27  TRP B CD2 1 
ATOM   181  N NE1 . TRP A 1 21  ? -14.480 -10.733 8.871   1.00 11.21 ? 27  TRP B NE1 1 
ATOM   182  C CE2 . TRP A 1 21  ? -14.580 -11.630 7.885   1.00 10.88 ? 27  TRP B CE2 1 
ATOM   183  C CE3 . TRP A 1 21  ? -13.149 -12.697 6.269   1.00 12.96 ? 27  TRP B CE3 1 
ATOM   184  C CZ2 . TRP A 1 21  ? -15.688 -12.407 7.470   1.00 13.59 ? 27  TRP B CZ2 1 
ATOM   185  C CZ3 . TRP A 1 21  ? -14.245 -13.422 5.819   1.00 15.23 ? 27  TRP B CZ3 1 
ATOM   186  C CH2 . TRP A 1 21  ? -15.495 -13.242 6.399   1.00 15.64 ? 27  TRP B CH2 1 
ATOM   187  N N   . LEU A 1 22  ? -7.747  -9.866  8.685   1.00 8.57  ? 28  LEU B N   1 
ATOM   188  C CA  . LEU A 1 22  ? -6.339  -10.036 8.222   1.00 8.94  ? 28  LEU B CA  1 
ATOM   189  C C   . LEU A 1 22  ? -5.521  -10.859 9.221   1.00 9.42  ? 28  LEU B C   1 
ATOM   190  O O   . LEU A 1 22  ? -5.699  -10.764 10.448  1.00 10.13 ? 28  LEU B O   1 
ATOM   191  C CB  . LEU A 1 22  ? -5.691  -8.669  8.035   1.00 8.83  ? 28  LEU B CB  1 
ATOM   192  C CG  . LEU A 1 22  ? -6.310  -7.799  6.959   1.00 9.11  ? 28  LEU B CG  1 
ATOM   193  C CD1 . LEU A 1 22  ? -5.570  -6.476  6.820   1.00 9.37  ? 28  LEU B CD1 1 
ATOM   194  C CD2 . LEU A 1 22  ? -6.386  -8.473  5.624   1.00 10.59 ? 28  LEU B CD2 1 
ATOM   195  N N   . ILE A 1 23  ? -4.592  -11.586 8.670   1.00 9.38  ? 29  ILE B N   1 
ATOM   196  C CA  . ILE A 1 23  ? -3.594  -12.383 9.423   1.00 10.96 ? 29  ILE B CA  1 
ATOM   197  C C   . ILE A 1 23  ? -2.214  -11.808 9.108   1.00 10.76 ? 29  ILE B C   1 
ATOM   198  O O   . ILE A 1 23  ? -1.756  -11.886 7.951   1.00 10.56 ? 29  ILE B O   1 
ATOM   199  C CB  . ILE A 1 23  ? -3.655  -13.849 9.046   1.00 11.08 ? 29  ILE B CB  1 
ATOM   200  C CG1 . ILE A 1 23  ? -5.041  -14.453 9.368   1.00 11.65 ? 29  ILE B CG1 1 
ATOM   201  C CG2 . ILE A 1 23  ? -2.548  -14.628 9.793   1.00 13.01 ? 29  ILE B CG2 1 
ATOM   202  C CD1 . ILE A 1 23  ? -5.257  -15.823 8.897   1.00 13.75 ? 29  ILE B CD1 1 
ATOM   203  N N   . ILE A 1 24  ? -1.599  -11.246 10.118  1.00 12.76 ? 30  ILE B N   1 
ATOM   204  C CA  . ILE A 1 24  ? -0.222  -10.682 10.005  1.00 13.01 ? 30  ILE B CA  1 
ATOM   205  C C   . ILE A 1 24  ? 0.782   -11.630 10.615  1.00 13.48 ? 30  ILE B C   1 
ATOM   206  O O   . ILE A 1 24  ? 0.543   -12.178 11.743  1.00 13.75 ? 30  ILE B O   1 
ATOM   207  C CB  . ILE A 1 24  ? -0.197  -9.331  10.665  1.00 13.71 ? 30  ILE B CB  1 
ATOM   208  C CG1 . ILE A 1 24  ? -1.091  -8.416  9.859   1.00 16.71 ? 30  ILE B CG1 1 
ATOM   209  C CG2 . ILE A 1 24  ? 1.201   -8.706  10.784  1.00 13.88 ? 30  ILE B CG2 1 
ATOM   210  C CD1 . ILE A 1 24  ? -1.332  -7.206  10.486  1.00 16.34 ? 30  ILE B CD1 1 
ATOM   211  N N   . SER A 1 25  ? 1.887   -11.888 9.964   1.00 13.21 ? 31  SER B N   1 
ATOM   212  C CA  . SER A 1 25  ? 2.894   -12.836 10.453  1.00 13.75 ? 31  SER B CA  1 
ATOM   213  C C   . SER A 1 25  ? 3.540   -12.323 11.752  1.00 12.51 ? 31  SER B C   1 
ATOM   214  O O   . SER A 1 25  ? 3.516   -11.152 12.065  1.00 12.29 ? 31  SER B O   1 
ATOM   215  C CB  . SER A 1 25  ? 3.893   -13.041 9.371   1.00 14.29 ? 31  SER B CB  1 
ATOM   216  O OG  . SER A 1 25  ? 4.540   -11.799 9.020   1.00 13.61 ? 31  SER B OG  1 
ATOM   217  N N   . LYS A 1 26  ? 4.205   -13.271 12.456  1.00 15.12 ? 32  LYS B N   1 
ATOM   218  C CA  . LYS A 1 26  ? 4.925   -12.937 13.709  1.00 14.31 ? 32  LYS B CA  1 
ATOM   219  C C   . LYS A 1 26  ? 5.907   -11.786 13.482  1.00 13.44 ? 32  LYS B C   1 
ATOM   220  O O   . LYS A 1 26  ? 6.006   -10.936 14.360  1.00 14.28 ? 32  LYS B O   1 
ATOM   221  C CB  . LYS A 1 26  ? 5.644   -14.180 14.259  1.00 15.52 ? 32  LYS B CB  1 
ATOM   222  C CG  . LYS A 1 26  ? 6.342   -13.898 15.576  1.00 17.01 ? 32  LYS B CG  1 
ATOM   223  C CD  . LYS A 1 26  ? 6.504   -15.143 16.402  1.00 18.25 ? 32  LYS B CD  1 
ATOM   224  C CE  . LYS A 1 26  ? 7.331   -16.118 15.621  1.00 22.69 ? 32  LYS B CE  1 
ATOM   225  N NZ  . LYS A 1 26  ? 7.309   -17.419 16.272  1.00 25.28 ? 32  LYS B NZ  1 
ATOM   226  N N   . ASP A 1 27  ? 6.671   -11.828 12.399  1.00 13.57 ? 33  ASP B N   1 
ATOM   227  C CA  . ASP A 1 27  ? 7.675   -10.752 12.155  1.00 13.15 ? 33  ASP B CA  1 
ATOM   228  C C   . ASP A 1 27  ? 7.014   -9.421  11.711  1.00 12.15 ? 33  ASP B C   1 
ATOM   229  O O   . ASP A 1 27  ? 7.757   -8.426  11.520  1.00 11.88 ? 33  ASP B O   1 
ATOM   230  C CB  . ASP A 1 27  ? 8.766   -11.215 11.205  1.00 14.97 ? 33  ASP B CB  1 
ATOM   231  C CG  . ASP A 1 27  ? 8.325   -11.512 9.787   1.00 14.96 ? 33  ASP B CG  1 
ATOM   232  O OD1 . ASP A 1 27  ? 7.128   -11.283 9.478   1.00 14.18 ? 33  ASP B OD1 1 
ATOM   233  O OD2 . ASP A 1 27  ? 9.184   -11.926 8.999   1.00 17.24 ? 33  ASP B OD2 1 
ATOM   234  N N   . ARG A 1 28  ? 5.700   -9.362  11.535  1.00 11.05 ? 34  ARG B N   1 
ATOM   235  C CA  . ARG A 1 28  ? 4.967   -8.155  11.077  1.00 11.02 ? 34  ARG B CA  1 
ATOM   236  C C   . ARG A 1 28  ? 5.440   -7.712  9.690   1.00 9.52  ? 34  ARG B C   1 
ATOM   237  O O   . ARG A 1 28  ? 5.256   -6.501  9.368   1.00 10.77 ? 34  ARG B O   1 
ATOM   238  C CB  . ARG A 1 28  ? 5.008   -7.068  12.136  1.00 13.92 ? 34  ARG B CB  1 
ATOM   239  C CG  . ARG A 1 28  ? 4.343   -7.534  13.431  1.00 18.00 ? 34  ARG B CG  1 
ATOM   240  C CD  . ARG A 1 28  ? 4.175   -6.513  14.507  1.00 23.77 ? 34  ARG B CD  1 
ATOM   241  N NE  . ARG A 1 28  ? 5.434   -5.894  14.830  1.00 28.07 ? 34  ARG B NE  1 
ATOM   242  C CZ  . ARG A 1 28  ? 5.845   -4.648  14.507  1.00 37.67 ? 34  ARG B CZ  1 
ATOM   243  N NH1 . ARG A 1 28  ? 5.091   -3.754  13.844  1.00 33.22 ? 34  ARG B NH1 1 
ATOM   244  N NH2 . ARG A 1 28  ? 7.061   -4.295  14.901  1.00 42.01 ? 34  ARG B NH2 1 
ATOM   245  N N   . ARG A 1 29  ? 5.884   -8.609  8.885   1.00 9.40  ? 35  ARG B N   1 
ATOM   246  C CA  . ARG A 1 29  ? 6.350   -8.291  7.527   1.00 10.13 ? 35  ARG B CA  1 
ATOM   247  C C   . ARG A 1 29  ? 5.442   -8.839  6.451   1.00 10.23 ? 35  ARG B C   1 
ATOM   248  O O   . ARG A 1 29  ? 5.664   -8.527  5.268   1.00 12.10 ? 35  ARG B O   1 
ATOM   249  C CB  . ARG A 1 29  ? 7.782   -8.782  7.325   1.00 10.81 ? 35  ARG B CB  1 
ATOM   250  C CG  . ARG A 1 29  ? 8.812   -8.134  8.234   1.00 12.32 ? 35  ARG B CG  1 
ATOM   251  C CD  . ARG A 1 29  ? 9.286   -6.782  7.774   1.00 13.32 ? 35  ARG B CD  1 
ATOM   252  N NE  . ARG A 1 29  ? 10.270  -6.971  6.711   1.00 14.49 ? 35  ARG B NE  1 
ATOM   253  C CZ  . ARG A 1 29  ? 10.808  -6.002  5.962   1.00 13.59 ? 35  ARG B CZ  1 
ATOM   254  N NH1 . ARG A 1 29  ? 10.455  -4.774  6.159   1.00 13.46 ? 35  ARG B NH1 1 
ATOM   255  N NH2 . ARG A 1 29  ? 11.679  -6.300  5.033   1.00 14.95 ? 35  ARG B NH2 1 
ATOM   256  N N   . GLN A 1 30  ? 4.487   -9.714  6.761   1.00 9.42  ? 36  GLN B N   1 
ATOM   257  C CA  . GLN A 1 30  ? 3.556   -10.292 5.776   1.00 10.61 ? 36  GLN B CA  1 
ATOM   258  C C   . GLN A 1 30  ? 2.128   -10.153 6.256   1.00 9.63  ? 36  GLN B C   1 
ATOM   259  O O   . GLN A 1 30  ? 1.857   -10.175 7.479   1.00 10.57 ? 36  GLN B O   1 
ATOM   260  C CB  . GLN A 1 30  ? 3.862   -11.782 5.584   1.00 12.75 ? 36  GLN B CB  1 
ATOM   261  C CG  . GLN A 1 30  ? 5.324   -12.094 5.332   1.00 15.72 ? 36  GLN B CG  1 
ATOM   262  C CD  . GLN A 1 30  ? 5.499   -13.543 4.918   1.00 18.41 ? 36  GLN B CD  1 
ATOM   263  O OE1 . GLN A 1 30  ? 4.531   -14.221 4.533   1.00 21.87 ? 36  GLN B OE1 1 
ATOM   264  N NE2 . GLN A 1 30  ? 6.709   -14.045 5.062   1.00 21.60 ? 36  GLN B NE2 1 
ATOM   265  N N   . VAL A 1 31  ? 1.204   -10.093 5.312   1.00 9.08  ? 37  VAL B N   1 
ATOM   266  C CA  . VAL A 1 31  ? -0.239  -9.997  5.654   1.00 9.14  ? 37  VAL B CA  1 
ATOM   267  C C   . VAL A 1 31  ? -1.021  -10.715 4.567   1.00 9.19  ? 37  VAL B C   1 
ATOM   268  O O   . VAL A 1 31  ? -0.727  -10.591 3.366   1.00 8.81  ? 37  VAL B O   1 
ATOM   269  C CB  . VAL A 1 31  ? -0.674  -8.551  5.855   1.00 8.59  ? 37  VAL B CB  1 
ATOM   270  C CG1 . VAL A 1 31  ? -0.390  -7.660  4.630   1.00 8.87  ? 37  VAL B CG1 1 
ATOM   271  C CG2 . VAL A 1 31  ? -2.135  -8.491  6.277   1.00 9.43  ? 37  VAL B CG2 1 
ATOM   272  N N   . ARG A 1 32  ? -2.037  -11.462 4.983   1.00 8.99  ? 38  ARG B N   1 
ATOM   273  C CA  . ARG A 1 32  ? -2.978  -12.087 4.050   1.00 9.43  ? 38  ARG B CA  1 
ATOM   274  C C   . ARG A 1 32  ? -4.403  -12.013 4.615   1.00 9.40  ? 38  ARG B C   1 
ATOM   275  O O   . ARG A 1 32  ? -4.614  -11.814 5.798   1.00 9.43  ? 38  ARG B O   1 
ATOM   276  C CB  . ARG A 1 32  ? -2.592  -13.530 3.768   1.00 10.93 ? 38  ARG B CB  1 
ATOM   277  C CG  . ARG A 1 32  ? -2.735  -14.451 4.960   1.00 12.29 ? 38  ARG B CG  1 
ATOM   278  C CD  . ARG A 1 32  ? -2.224  -15.827 4.594   1.00 14.84 ? 38  ARG B CD  1 
ATOM   279  N NE  . ARG A 1 32  ? -2.384  -16.766 5.696   1.00 20.50 ? 38  ARG B NE  1 
ATOM   280  C CZ  . ARG A 1 32  ? -3.436  -17.503 5.914   1.00 17.92 ? 38  ARG B CZ  1 
ATOM   281  N NH1 . ARG A 1 32  ? -4.493  -17.468 5.128   1.00 21.28 ? 38  ARG B NH1 1 
ATOM   282  N NH2 . ARG A 1 32  ? -3.408  -18.335 6.959   1.00 23.65 ? 38  ARG B NH2 1 
ATOM   283  N N   A MET A 1 33  ? -5.330  -12.257 3.696   0.25 8.97  ? 39  MET B N   1 
ATOM   284  N N   B MET A 1 33  ? -5.404  -12.115 3.740   0.25 10.41 ? 39  MET B N   1 
ATOM   285  C CA  A MET A 1 33  ? -6.783  -12.330 3.969   0.25 9.42  ? 39  MET B CA  1 
ATOM   286  C CA  B MET A 1 33  ? -6.818  -12.108 4.212   0.25 11.69 ? 39  MET B CA  1 
ATOM   287  C C   A MET A 1 33  ? -7.088  -13.682 4.641   0.25 9.48  ? 39  MET B C   1 
ATOM   288  C C   B MET A 1 33  ? -7.220  -13.533 4.568   0.25 10.93 ? 39  MET B C   1 
ATOM   289  O O   A MET A 1 33  ? -6.660  -14.736 4.166   0.25 9.54  ? 39  MET B O   1 
ATOM   290  O O   B MET A 1 33  ? -7.134  -14.423 3.665   0.25 10.71 ? 39  MET B O   1 
ATOM   291  C CB  A MET A 1 33  ? -7.548  -12.126 2.652   0.25 9.50  ? 39  MET B CB  1 
ATOM   292  C CB  B MET A 1 33  ? -7.843  -11.546 3.217   0.25 14.13 ? 39  MET B CB  1 
ATOM   293  C CG  A MET A 1 33  ? -9.062  -11.905 2.800   0.25 10.99 ? 39  MET B CG  1 
ATOM   294  C CG  B MET A 1 33  ? -9.323  -11.516 3.788   0.25 14.83 ? 39  MET B CG  1 
ATOM   295  S SD  A MET A 1 33  ? -9.522  -10.573 3.991   0.25 13.44 ? 39  MET B SD  1 
ATOM   296  S SD  B MET A 1 33  ? -10.357 -10.497 2.729   0.25 17.93 ? 39  MET B SD  1 
ATOM   297  C CE  A MET A 1 33  ? -11.247 -10.315 3.603   0.25 13.12 ? 39  MET B CE  1 
ATOM   298  C CE  B MET A 1 33  ? -11.899 -10.622 3.635   0.25 18.64 ? 39  MET B CE  1 
ATOM   299  N N   . GLY A 1 34  ? -7.677  -13.656 5.822   1.00 10.90 ? 40  GLY B N   1 
ATOM   300  C CA  . GLY A 1 34  ? -8.179  -14.911 6.407   1.00 12.67 ? 40  GLY B CA  1 
ATOM   301  C C   . GLY A 1 34  ? -9.544  -15.243 5.839   1.00 12.72 ? 40  GLY B C   1 
ATOM   302  O O   . GLY A 1 34  ? -10.115 -14.502 5.086   1.00 12.90 ? 40  GLY B O   1 
ATOM   303  N N   . ASP A 1 35  ? -9.996  -16.480 6.113   1.00 15.86 ? 41  ASP B N   1 
ATOM   304  C CA  . ASP A 1 35  ? -11.315 -16.943 5.577   1.00 17.29 ? 41  ASP B CA  1 
ATOM   305  C C   . ASP A 1 35  ? -12.431 -16.558 6.580   1.00 15.56 ? 41  ASP B C   1 
ATOM   306  O O   . ASP A 1 35  ? -13.608 -16.881 6.255   1.00 15.70 ? 41  ASP B O   1 
ATOM   307  C CB  . ASP A 1 35  ? -11.269 -18.433 5.157   1.00 21.72 ? 41  ASP B CB  1 
ATOM   308  C CG  . ASP A 1 35  ? -10.577 -18.759 3.818   1.00 27.31 ? 41  ASP B CG  1 
ATOM   309  O OD1 . ASP A 1 35  ? -10.561 -17.884 2.904   1.00 32.97 ? 41  ASP B OD1 1 
ATOM   310  O OD2 . ASP A 1 35  ? -10.098 -19.919 3.659   1.00 34.61 ? 41  ASP B OD2 1 
ATOM   311  N N   . THR A 1 36  ? -12.148 -15.888 7.686   1.00 12.85 ? 42  THR B N   1 
ATOM   312  C CA  . THR A 1 36  ? -13.138 -15.529 8.734   1.00 12.82 ? 42  THR B CA  1 
ATOM   313  C C   . THR A 1 36  ? -12.598 -14.380 9.587   1.00 10.76 ? 42  THR B C   1 
ATOM   314  O O   . THR A 1 36  ? -11.344 -14.026 9.522   1.00 10.49 ? 42  THR B O   1 
ATOM   315  C CB  . THR A 1 36  ? -13.366 -16.839 9.474   1.00 15.50 ? 42  THR B CB  1 
ATOM   316  O OG1 . THR A 1 36  ? -14.516 -16.619 10.241  1.00 16.62 ? 42  THR B OG1 1 
ATOM   317  C CG2 . THR A 1 36  ? -12.169 -17.276 10.306  1.00 16.56 ? 42  THR B CG2 1 
ATOM   318  N N   . HIS A 1 37  ? -13.399 -13.831 10.484  1.00 11.04 ? 43  HIS B N   1 
ATOM   319  C CA  . HIS A 1 37  ? -12.968 -12.876 11.510  1.00 10.36 ? 43  HIS B CA  1 
ATOM   320  C C   . HIS A 1 37  ? -11.861 -13.522 12.346  1.00 10.05 ? 43  HIS B C   1 
ATOM   321  O O   . HIS A 1 37  ? -12.005 -14.703 12.803  1.00 10.32 ? 43  HIS B O   1 
ATOM   322  C CB  . HIS A 1 37  ? -14.190 -12.482 12.336  1.00 10.31 ? 43  HIS B CB  1 
ATOM   323  C CG  . HIS A 1 37  ? -13.991 -11.421 13.335  1.00 9.85  ? 43  HIS B CG  1 
ATOM   324  N ND1 . HIS A 1 37  ? -13.208 -11.555 14.475  1.00 10.19 ? 43  HIS B ND1 1 
ATOM   325  C CD2 . HIS A 1 37  ? -14.569 -10.185 13.424  1.00 10.64 ? 43  HIS B CD2 1 
ATOM   326  C CE1 . HIS A 1 37  ? -13.317 -10.478 15.192  1.00 10.33 ? 43  HIS B CE1 1 
ATOM   327  N NE2 . HIS A 1 37  ? -14.161 -9.566  14.561  1.00 11.46 ? 43  HIS B NE2 1 
ATOM   328  N N   . GLN A 1 38  ? -10.779 -12.804 12.625  1.00 9.57  ? 44  GLN B N   1 
ATOM   329  C CA  . GLN A 1 38  ? -9.588  -13.356 13.299  1.00 9.46  ? 44  GLN B CA  1 
ATOM   330  C C   . GLN A 1 38  ? -9.642  -13.218 14.816  1.00 10.37 ? 44  GLN B C   1 
ATOM   331  O O   . GLN A 1 38  ? -8.571  -13.383 15.470  1.00 11.93 ? 44  GLN B O   1 
ATOM   332  C CB  . GLN A 1 38  ? -8.313  -12.757 12.689  1.00 9.55  ? 44  GLN B CB  1 
ATOM   333  C CG  . GLN A 1 38  ? -8.133  -13.161 11.248  1.00 10.53 ? 44  GLN B CG  1 
ATOM   334  C CD  . GLN A 1 38  ? -8.117  -14.649 11.025  1.00 10.79 ? 44  GLN B CD  1 
ATOM   335  O OE1 . GLN A 1 38  ? -8.837  -15.238 10.193  1.00 13.55 ? 44  GLN B OE1 1 
ATOM   336  N NE2 . GLN A 1 38  ? -7.324  -15.337 11.818  1.00 10.22 ? 44  GLN B NE2 1 
ATOM   337  N N   . ASN A 1 39  ? -10.802 -12.931 15.392  1.00 10.30 ? 45  ASN B N   1 
ATOM   338  C CA  . ASN A 1 39  ? -11.030 -13.028 16.852  1.00 10.13 ? 45  ASN B CA  1 
ATOM   339  C C   . ASN A 1 39  ? -10.302 -11.939 17.603  1.00 10.68 ? 45  ASN B C   1 
ATOM   340  O O   . ASN A 1 39  ? -9.919  -12.113 18.755  1.00 12.56 ? 45  ASN B O   1 
ATOM   341  C CB  . ASN A 1 39  ? -10.662 -14.405 17.422  1.00 10.53 ? 45  ASN B CB  1 
ATOM   342  C CG  . ASN A 1 39  ? -11.410 -14.694 18.702  1.00 9.61  ? 45  ASN B CG  1 
ATOM   343  O OD1 . ASN A 1 39  ? -12.534 -14.225 18.919  1.00 9.87  ? 45  ASN B OD1 1 
ATOM   344  N ND2 . ASN A 1 39  ? -10.804 -15.498 19.568  1.00 10.17 ? 45  ASN B ND2 1 
ATOM   345  N N   . VAL A 1 40  ? -10.188 -10.751 17.025  1.00 12.75 ? 46  VAL B N   1 
ATOM   346  C CA  . VAL A 1 40  ? -9.634  -9.526  17.660  1.00 13.54 ? 46  VAL B CA  1 
ATOM   347  C C   . VAL A 1 40  ? -10.784 -8.618  18.100  1.00 13.42 ? 46  VAL B C   1 
ATOM   348  O O   . VAL A 1 40  ? -11.852 -8.642  17.514  1.00 12.92 ? 46  VAL B O   1 
ATOM   349  C CB  . VAL A 1 40  ? -8.687  -8.764  16.710  1.00 14.68 ? 46  VAL B CB  1 
ATOM   350  C CG1 . VAL A 1 40  ? -7.428  -9.554  16.412  1.00 18.02 ? 46  VAL B CG1 1 
ATOM   351  C CG2 . VAL A 1 40  ? -9.341  -8.341  15.414  1.00 14.66 ? 46  VAL B CG2 1 
ATOM   352  N N   . SER A 1 41  ? -10.561 -7.786  19.102  1.00 14.17 ? 47  SER B N   1 
ATOM   353  C CA  . SER A 1 41  ? -11.541 -6.768  19.510  1.00 14.92 ? 47  SER B CA  1 
ATOM   354  C C   . SER A 1 41  ? -11.580 -5.629  18.499  1.00 12.39 ? 47  SER B C   1 
ATOM   355  O O   . SER A 1 41  ? -10.545 -5.402  17.791  1.00 13.50 ? 47  SER B O   1 
ATOM   356  C CB  . SER A 1 41  ? -11.209 -6.227  20.891  1.00 16.85 ? 47  SER B CB  1 
ATOM   357  O OG  . SER A 1 41  ? -9.920  -5.629  20.902  1.00 19.32 ? 47  SER B OG  1 
ATOM   358  N N   . ASP A 1 42  ? -12.674 -4.932  18.391  1.00 14.22 ? 48  ASP B N   1 
ATOM   359  C CA  . ASP A 1 42  ? -12.791 -3.770  17.490  1.00 13.97 ? 48  ASP B CA  1 
ATOM   360  C C   . ASP A 1 42  ? -12.082 -2.586  18.138  1.00 14.38 ? 48  ASP B C   1 
ATOM   361  O O   . ASP A 1 42  ? -11.986 -2.517  19.393  1.00 14.79 ? 48  ASP B O   1 
ATOM   362  C CB  . ASP A 1 42  ? -14.244 -3.461  17.157  1.00 15.27 ? 48  ASP B CB  1 
ATOM   363  C CG  . ASP A 1 42  ? -14.340 -2.480  16.016  1.00 17.45 ? 48  ASP B CG  1 
ATOM   364  O OD1 . ASP A 1 42  ? -13.498 -2.543  15.043  1.00 15.49 ? 48  ASP B OD1 1 
ATOM   365  O OD2 . ASP A 1 42  ? -15.138 -1.525  16.208  1.00 21.11 ? 48  ASP B OD2 1 
ATOM   366  N N   . ASN A 1 43  ? -11.634 -1.619  17.337  1.00 12.89 ? 49  ASN B N   1 
ATOM   367  C CA  . ASN A 1 43  ? -11.106 -0.333  17.813  1.00 13.26 ? 49  ASN B CA  1 
ATOM   368  C C   . ASN A 1 43  ? -11.258 0.671   16.684  1.00 12.34 ? 49  ASN B C   1 
ATOM   369  O O   . ASN A 1 43  ? -11.580 0.321   15.529  1.00 13.08 ? 49  ASN B O   1 
ATOM   370  C CB  . ASN A 1 43  ? -9.684  -0.462  18.320  1.00 13.83 ? 49  ASN B CB  1 
ATOM   371  C CG  . ASN A 1 43  ? -8.681  -0.746  17.215  1.00 13.45 ? 49  ASN B CG  1 
ATOM   372  O OD1 . ASN A 1 43  ? -8.595  0.055   16.269  1.00 15.62 ? 49  ASN B OD1 1 
ATOM   373  N ND2 . ASN A 1 43  ? -7.917  -1.779  17.245  1.00 12.91 ? 49  ASN B ND2 1 
ATOM   374  N N   . LYS A 1 44  ? -11.134 1.931   17.031  1.00 13.33 ? 50  LYS B N   1 
ATOM   375  C CA  . LYS A 1 44  ? -11.396 3.028   16.082  1.00 13.97 ? 50  LYS B CA  1 
ATOM   376  C C   . LYS A 1 44  ? -10.325 3.085   14.980  1.00 13.08 ? 50  LYS B C   1 
ATOM   377  O O   . LYS A 1 44  ? -10.625 3.757   13.975  1.00 14.07 ? 50  LYS B O   1 
ATOM   378  C CB  . LYS A 1 44  ? -11.440 4.387   16.793  1.00 18.15 ? 50  LYS B CB  1 
ATOM   379  C CG  . LYS A 1 44  ? -10.136 4.814   17.426  1.00 24.02 ? 50  LYS B CG  1 
ATOM   380  C CD  . LYS A 1 44  ? -10.269 6.083   18.240  1.00 31.15 ? 50  LYS B CD  1 
ATOM   381  C CE  . LYS A 1 44  ? -8.916  6.707   18.515  1.00 35.45 ? 50  LYS B CE  1 
ATOM   382  N NZ  . LYS A 1 44  ? -9.050  8.165   18.744  1.00 40.81 ? 50  LYS B NZ  1 
ATOM   383  N N   . GLU A 1 45  ? -9.179  2.488   15.166  1.00 12.26 ? 51  GLU B N   1 
ATOM   384  C CA  . GLU A 1 45  ? -8.110  2.511   14.130  1.00 12.16 ? 51  GLU B CA  1 
ATOM   385  C C   . GLU A 1 45  ? -8.385  1.507   13.006  1.00 11.28 ? 51  GLU B C   1 
ATOM   386  O O   . GLU A 1 45  ? -7.802  1.670   11.889  1.00 12.53 ? 51  GLU B O   1 
ATOM   387  C CB  . GLU A 1 45  ? -6.752  2.202   14.730  1.00 14.58 ? 51  GLU B CB  1 
ATOM   388  C CG  . GLU A 1 45  ? -6.284  3.113   15.852  1.00 18.01 ? 51  GLU B CG  1 
ATOM   389  C CD  . GLU A 1 45  ? -4.942  2.602   16.369  1.00 23.29 ? 51  GLU B CD  1 
ATOM   390  O OE1 . GLU A 1 45  ? -4.895  2.116   17.537  1.00 30.83 ? 51  GLU B OE1 1 
ATOM   391  O OE2 . GLU A 1 45  ? -3.935  2.623   15.608  1.00 26.69 ? 51  GLU B OE2 1 
ATOM   392  N N   . ARG A 1 46  ? -9.145  0.428   13.224  1.00 10.37 ? 52  ARG B N   1 
ATOM   393  C CA  . ARG A 1 46  ? -9.254  -0.648  12.201  1.00 10.09 ? 52  ARG B CA  1 
ATOM   394  C C   . ARG A 1 46  ? -10.017 -0.198  10.988  1.00 10.16 ? 52  ARG B C   1 
ATOM   395  O O   . ARG A 1 46  ? -11.121 0.360   11.064  1.00 10.53 ? 52  ARG B O   1 
ATOM   396  C CB  . ARG A 1 46  ? -9.970  -1.868  12.756  1.00 9.79  ? 52  ARG B CB  1 
ATOM   397  C CG  . ARG A 1 46  ? -9.265  -2.534  13.913  1.00 10.50 ? 52  ARG B CG  1 
ATOM   398  C CD  . ARG A 1 46  ? -9.789  -3.980  14.131  1.00 10.17 ? 52  ARG B CD  1 
ATOM   399  N NE  . ARG A 1 46  ? -9.181  -4.588  15.285  1.00 11.55 ? 52  ARG B NE  1 
ATOM   400  C CZ  . ARG A 1 46  ? -7.910  -4.945  15.393  1.00 11.14 ? 52  ARG B CZ  1 
ATOM   401  N NH1 . ARG A 1 46  ? -7.145  -5.023  14.312  1.00 10.30 ? 52  ARG B NH1 1 
ATOM   402  N NH2 . ARG A 1 46  ? -7.407  -5.325  16.575  1.00 12.68 ? 52  ARG B NH2 1 
ATOM   403  N N   . PHE A 1 47  ? -9.490  -0.480  9.811   1.00 9.32  ? 53  PHE B N   1 
ATOM   404  C CA  . PHE A 1 47  ? -10.273 -0.341  8.569   1.00 9.24  ? 53  PHE B CA  1 
ATOM   405  C C   . PHE A 1 47  ? -11.401 -1.378  8.591   1.00 10.33 ? 53  PHE B C   1 
ATOM   406  O O   . PHE A 1 47  ? -11.170 -2.578  8.608   1.00 11.56 ? 53  PHE B O   1 
ATOM   407  C CB  . PHE A 1 47  ? -9.413  -0.541  7.338   1.00 8.56  ? 53  PHE B CB  1 
ATOM   408  C CG  . PHE A 1 47  ? -8.468  0.596   7.077   1.00 8.17  ? 53  PHE B CG  1 
ATOM   409  C CD1 . PHE A 1 47  ? -8.916  1.754   6.451   1.00 9.08  ? 53  PHE B CD1 1 
ATOM   410  C CD2 . PHE A 1 47  ? -7.133  0.515   7.441   1.00 9.15  ? 53  PHE B CD2 1 
ATOM   411  C CE1 . PHE A 1 47  ? -8.067  2.820   6.193   1.00 9.54  ? 53  PHE B CE1 1 
ATOM   412  C CE2 . PHE A 1 47  ? -6.262  1.587   7.166   1.00 9.39  ? 53  PHE B CE2 1 
ATOM   413  C CZ  . PHE A 1 47  ? -6.744  2.727   6.538   1.00 9.03  ? 53  PHE B CZ  1 
ATOM   414  N N   . SER A 1 48  ? -12.638 -0.925  8.541   1.00 10.00 ? 54  SER B N   1 
ATOM   415  C CA  . SER A 1 48  ? -13.815 -1.806  8.748   1.00 11.45 ? 54  SER B CA  1 
ATOM   416  C C   . SER A 1 48  ? -14.343 -2.389  7.446   1.00 11.49 ? 54  SER B C   1 
ATOM   417  O O   . SER A 1 48  ? -14.877 -3.513  7.507   1.00 13.70 ? 54  SER B O   1 
ATOM   418  C CB  . SER A 1 48  ? -14.879 -1.073  9.539   1.00 12.53 ? 54  SER B CB  1 
ATOM   419  O OG  . SER A 1 48  ? -15.316 0.082   8.835   1.00 13.00 ? 54  SER B OG  1 
ATOM   420  N N   . ASN A 1 49  ? -14.231 -1.711  6.305   0.46 10.09 ? 55  ASN B N   1 
ATOM   421  C CA  . ASN A 1 49  ? -14.980 -2.087  5.076   0.46 9.96  ? 55  ASN B CA  1 
ATOM   422  C C   . ASN A 1 49  ? -14.102 -2.718  3.994   0.46 9.43  ? 55  ASN B C   1 
ATOM   423  O O   . ASN A 1 49  ? -14.648 -3.103  2.930   0.46 9.17  ? 55  ASN B O   1 
ATOM   424  C CB  . ASN A 1 49  ? -15.628 -0.865  4.436   0.46 10.23 ? 55  ASN B CB  1 
ATOM   425  C CG  . ASN A 1 49  ? -16.774 -1.203  3.504   0.46 9.87  ? 55  ASN B CG  1 
ATOM   426  O OD1 . ASN A 1 49  ? -16.857 -0.670  2.393   0.46 12.87 ? 55  ASN B OD1 1 
ATOM   427  N ND2 . ASN A 1 49  ? -17.672 -2.050  3.961   0.46 9.20  ? 55  ASN B ND2 1 
ATOM   428  N N   . TYR A 1 50  ? -12.782 -2.773  4.208   1.00 9.21  ? 56  TYR B N   1 
ATOM   429  C CA  . TYR A 1 50  ? -11.838 -3.295  3.188   1.00 9.34  ? 56  TYR B CA  1 
ATOM   430  C C   . TYR A 1 50  ? -10.672 -3.974  3.890   1.00 8.35  ? 56  TYR B C   1 
ATOM   431  O O   . TYR A 1 50  ? -10.389 -3.679  5.033   1.00 8.70  ? 56  TYR B O   1 
ATOM   432  C CB  . TYR A 1 50  ? -11.282 -2.147  2.344   1.00 9.75  ? 56  TYR B CB  1 
ATOM   433  C CG  . TYR A 1 50  ? -12.296 -1.184  1.809   1.00 10.25 ? 56  TYR B CG  1 
ATOM   434  C CD1 . TYR A 1 50  ? -13.067 -1.509  0.692   1.00 12.32 ? 56  TYR B CD1 1 
ATOM   435  C CD2 . TYR A 1 50  ? -12.492 0.081   2.353   1.00 11.15 ? 56  TYR B CD2 1 
ATOM   436  C CE1 . TYR A 1 50  ? -13.984 -0.625  0.132   1.00 12.31 ? 56  TYR B CE1 1 
ATOM   437  C CE2 . TYR A 1 50  ? -13.440 0.948   1.846   1.00 10.62 ? 56  TYR B CE2 1 
ATOM   438  C CZ  . TYR A 1 50  ? -14.182 0.597   0.737   1.00 11.98 ? 56  TYR B CZ  1 
ATOM   439  O OH  . TYR A 1 50  ? -15.075 1.524   0.285   1.00 13.57 ? 56  TYR B OH  1 
ATOM   440  N N   . PRO A 1 51  ? -9.988  -4.904  3.188   1.00 8.38  ? 57  PRO B N   1 
ATOM   441  C CA  . PRO A 1 51  ? -8.877  -5.654  3.771   1.00 8.63  ? 57  PRO B CA  1 
ATOM   442  C C   . PRO A 1 51  ? -7.534  -4.891  3.849   1.00 7.07  ? 57  PRO B C   1 
ATOM   443  O O   . PRO A 1 51  ? -6.527  -5.303  3.306   1.00 8.07  ? 57  PRO B O   1 
ATOM   444  C CB  . PRO A 1 51  ? -8.782  -6.924  2.878   1.00 9.91  ? 57  PRO B CB  1 
ATOM   445  C CG  . PRO A 1 51  ? -9.935  -6.882  1.953   1.00 11.17 ? 57  PRO B CG  1 
ATOM   446  C CD  . PRO A 1 51  ? -10.349 -5.448  1.866   1.00 9.24  ? 57  PRO B CD  1 
ATOM   447  N N   . MET A 1 52  ? -7.591  -3.760  4.573   1.00 7.32  ? 58  MET B N   1 
ATOM   448  C CA  . MET A 1 52  ? -6.518  -2.756  4.618   1.00 6.76  ? 58  MET B CA  1 
ATOM   449  C C   . MET A 1 52  ? -5.809  -2.800  5.958   1.00 7.19  ? 58  MET B C   1 
ATOM   450  O O   . MET A 1 52  ? -6.366  -3.158  7.031   1.00 7.95  ? 58  MET B O   1 
ATOM   451  C CB  . MET A 1 52  ? -7.099  -1.384  4.374   1.00 7.12  ? 58  MET B CB  1 
ATOM   452  C CG  . MET A 1 52  ? -7.580  -1.191  2.946   1.00 7.33  ? 58  MET B CG  1 
ATOM   453  S SD  . MET A 1 52  ? -8.577  0.350   2.857   1.00 8.83  ? 58  MET B SD  1 
ATOM   454  C CE  . MET A 1 52  ? -9.087  0.327   1.129   1.00 10.29 ? 58  MET B CE  1 
ATOM   455  N N   . VAL A 1 53  ? -4.539  -2.366  5.935   1.00 7.26  ? 59  VAL B N   1 
ATOM   456  C CA  . VAL A 1 53  ? -3.668  -2.248  7.130   1.00 7.58  ? 59  VAL B CA  1 
ATOM   457  C C   . VAL A 1 53  ? -2.633  -1.147  6.852   1.00 7.52  ? 59  VAL B C   1 
ATOM   458  O O   . VAL A 1 53  ? -2.235  -0.965  5.671   1.00 7.98  ? 59  VAL B O   1 
ATOM   459  C CB  . VAL A 1 53  ? -3.032  -3.599  7.503   1.00 8.58  ? 59  VAL B CB  1 
ATOM   460  C CG1 . VAL A 1 53  ? -2.182  -4.144  6.375   1.00 9.03  ? 59  VAL B CG1 1 
ATOM   461  C CG2 . VAL A 1 53  ? -2.259  -3.556  8.820   1.00 8.82  ? 59  VAL B CG2 1 
ATOM   462  N N   . LEU A 1 54  ? -2.137  -0.507  7.901   1.00 7.37  ? 60  LEU B N   1 
ATOM   463  C CA  . LEU A 1 54  ? -1.061  0.498   7.791   1.00 7.53  ? 60  LEU B CA  1 
ATOM   464  C C   . LEU A 1 54  ? 0.258   -0.038  8.284   1.00 7.70  ? 60  LEU B C   1 
ATOM   465  O O   . LEU A 1 54  ? 0.316   -0.901  9.245   1.00 9.08  ? 60  LEU B O   1 
ATOM   466  C CB  . LEU A 1 54  ? -1.382  1.768   8.574   1.00 8.83  ? 60  LEU B CB  1 
ATOM   467  C CG  . LEU A 1 54  ? -2.693  2.414   8.186   1.00 8.68  ? 60  LEU B CG  1 
ATOM   468  C CD1 . LEU A 1 54  ? -2.917  3.706   8.953   1.00 10.31 ? 60  LEU B CD1 1 
ATOM   469  C CD2 . LEU A 1 54  ? -2.806  2.636   6.683   1.00 9.02  ? 60  LEU B CD2 1 
ATOM   470  N N   . GLY A 1 55  ? 1.368   0.490   7.768   1.00 8.37  ? 61  GLY B N   1 
ATOM   471  C CA  . GLY A 1 55  ? 2.688   0.378   8.439   1.00 8.44  ? 61  GLY B CA  1 
ATOM   472  C C   . GLY A 1 55  ? 2.695   1.102   9.772   1.00 8.67  ? 61  GLY B C   1 
ATOM   473  O O   . GLY A 1 55  ? 2.001   2.089   9.950   1.00 9.22  ? 61  GLY B O   1 
ATOM   474  N N   . ALA A 1 56  ? 3.541   0.649   10.693  1.00 9.36  ? 62  ALA B N   1 
ATOM   475  C CA  . ALA A 1 56  ? 3.705   1.296   12.012  1.00 10.53 ? 62  ALA B CA  1 
ATOM   476  C C   . ALA A 1 56  ? 4.476   2.617   11.903  1.00 11.54 ? 62  ALA B C   1 
ATOM   477  O O   . ALA A 1 56  ? 4.244   3.546   12.685  1.00 14.40 ? 62  ALA B O   1 
ATOM   478  C CB  . ALA A 1 56  ? 4.414   0.344   12.931  1.00 12.56 ? 62  ALA B CB  1 
ATOM   479  N N   . GLN A 1 57  ? 5.338   2.711   10.917  1.00 10.87 ? 63  GLN B N   1 
ATOM   480  C CA  . GLN A 1 57  ? 6.237   3.878   10.764  1.00 11.51 ? 63  GLN B CA  1 
ATOM   481  C C   . GLN A 1 57  ? 5.435   5.109   10.311  1.00 12.01 ? 63  GLN B C   1 
ATOM   482  O O   . GLN A 1 57  ? 4.478   5.025   9.474   1.00 12.34 ? 63  GLN B O   1 
ATOM   483  C CB  . GLN A 1 57  ? 7.368   3.532   9.790   1.00 13.37 ? 63  GLN B CB  1 
ATOM   484  C CG  . GLN A 1 57  ? 8.367   2.512   10.321  1.00 15.29 ? 63  GLN B CG  1 
ATOM   485  C CD  . GLN A 1 57  ? 7.819   1.106   10.411  1.00 14.30 ? 63  GLN B CD  1 
ATOM   486  O OE1 . GLN A 1 57  ? 7.027   0.703   9.563   1.00 13.45 ? 63  GLN B OE1 1 
ATOM   487  N NE2 . GLN A 1 57  ? 8.232   0.350   11.400  1.00 16.55 ? 63  GLN B NE2 1 
ATOM   488  N N   . ARG A 1 58  ? 5.786   6.272   10.841  1.00 12.13 ? 64  ARG B N   1 
ATOM   489  C CA  . ARG A 1 58  ? 5.230   7.566   10.449  1.00 11.40 ? 64  ARG B CA  1 
ATOM   490  C C   . ARG A 1 58  ? 6.332   8.433   9.875   1.00 11.06 ? 64  ARG B C   1 
ATOM   491  O O   . ARG A 1 58  ? 7.447   8.486   10.460  1.00 13.86 ? 64  ARG B O   1 
ATOM   492  C CB  . ARG A 1 58  ? 4.663   8.346   11.651  1.00 15.07 ? 64  ARG B CB  1 
ATOM   493  C CG  . ARG A 1 58  ? 3.251   8.001   12.131  1.00 21.91 ? 64  ARG B CG  1 
ATOM   494  C CD  . ARG A 1 58  ? 3.100   6.513   12.278  1.00 21.59 ? 64  ARG B CD  1 
ATOM   495  N NE  . ARG A 1 58  ? 2.448   5.692   13.309  1.00 25.31 ? 64  ARG B NE  1 
ATOM   496  C CZ  . ARG A 1 58  ? 1.472   6.045   14.128  1.00 23.09 ? 64  ARG B CZ  1 
ATOM   497  N NH1 . ARG A 1 58  ? 0.988   5.154   14.983  1.00 28.87 ? 64  ARG B NH1 1 
ATOM   498  N NH2 . ARG A 1 58  ? 1.037   7.287   14.151  1.00 26.09 ? 64  ARG B NH2 1 
ATOM   499  N N   . PHE A 1 59  ? 6.094   9.060   8.757   1.00 9.88  ? 65  PHE B N   1 
ATOM   500  C CA  . PHE A 1 59  ? 7.099   9.917   8.090   1.00 10.71 ? 65  PHE B CA  1 
ATOM   501  C C   . PHE A 1 59  ? 6.577   11.331  7.937   1.00 10.21 ? 65  PHE B C   1 
ATOM   502  O O   . PHE A 1 59  ? 5.480   11.577  7.428   1.00 10.19 ? 65  PHE B O   1 
ATOM   503  C CB  . PHE A 1 59  ? 7.394   9.378   6.677   1.00 12.34 ? 65  PHE B CB  1 
ATOM   504  C CG  . PHE A 1 59  ? 7.820   7.911   6.685   1.00 14.63 ? 65  PHE B CG  1 
ATOM   505  C CD1 . PHE A 1 59  ? 8.908   7.569   7.465   1.00 16.96 ? 65  PHE B CD1 1 
ATOM   506  C CD2 . PHE A 1 59  ? 7.178   6.898   6.000   1.00 20.63 ? 65  PHE B CD2 1 
ATOM   507  C CE1 . PHE A 1 59  ? 9.395   6.273   7.564   1.00 19.47 ? 65  PHE B CE1 1 
ATOM   508  C CE2 . PHE A 1 59  ? 7.675   5.580   6.075   1.00 17.35 ? 65  PHE B CE2 1 
ATOM   509  C CZ  . PHE A 1 59  ? 8.719   5.298   6.901   1.00 18.10 ? 65  PHE B CZ  1 
ATOM   510  N N   A SER A 1 60  ? 7.401   12.309  8.339   0.25 10.64 ? 66  SER B N   1 
ATOM   511  N N   B SER A 1 60  ? 7.405   12.307  8.328   0.25 10.27 ? 66  SER B N   1 
ATOM   512  C CA  A SER A 1 60  ? 7.058   13.753  8.287   0.25 11.04 ? 66  SER B CA  1 
ATOM   513  C CA  B SER A 1 60  ? 7.085   13.755  8.242   0.25 10.40 ? 66  SER B CA  1 
ATOM   514  C C   A SER A 1 60  ? 8.159   14.581  7.596   0.25 10.80 ? 66  SER B C   1 
ATOM   515  C C   B SER A 1 60  ? 8.237   14.553  7.634   0.25 10.49 ? 66  SER B C   1 
ATOM   516  O O   A SER A 1 60  ? 7.963   15.807  7.418   0.25 10.34 ? 66  SER B O   1 
ATOM   517  O O   B SER A 1 60  ? 8.258   15.772  7.783   0.25 9.23  ? 66  SER B O   1 
ATOM   518  C CB  A SER A 1 60  ? 6.709   14.257  9.680   0.25 11.92 ? 66  SER B CB  1 
ATOM   519  C CB  B SER A 1 60  ? 6.754   14.298  9.593   0.25 10.90 ? 66  SER B CB  1 
ATOM   520  O OG  A SER A 1 60  ? 5.366   13.876  10.034  0.25 13.51 ? 66  SER B OG  1 
ATOM   521  O OG  B SER A 1 60  ? 7.841   14.099  10.467  0.25 11.46 ? 66  SER B OG  1 
ATOM   522  N N   A SER A 1 61  ? 9.223   13.925  7.129   0.25 10.32 ? 67  SER B N   1 
ATOM   523  N N   B SER A 1 61  ? 9.156   13.884  6.962   0.25 10.86 ? 67  SER B N   1 
ATOM   524  C CA  A SER A 1 61  ? 10.348  14.564  6.394   0.25 10.59 ? 67  SER B CA  1 
ATOM   525  C CA  B SER A 1 61  ? 10.372  14.522  6.414   0.25 11.91 ? 67  SER B CA  1 
ATOM   526  C C   A SER A 1 61  ? 11.114  13.491  5.614   0.25 10.63 ? 67  SER B C   1 
ATOM   527  C C   B SER A 1 61  ? 11.206  13.458  5.708   0.25 11.40 ? 67  SER B C   1 
ATOM   528  O O   A SER A 1 61  ? 10.802  12.330  5.760   0.25 11.34 ? 67  SER B O   1 
ATOM   529  O O   B SER A 1 61  ? 11.066  12.268  6.056   0.25 11.92 ? 67  SER B O   1 
ATOM   530  C CB  A SER A 1 61  ? 11.286  15.283  7.365   0.25 10.58 ? 67  SER B CB  1 
ATOM   531  C CB  B SER A 1 61  ? 11.167  15.166  7.540   0.25 12.84 ? 67  SER B CB  1 
ATOM   532  O OG  A SER A 1 61  ? 11.966  14.359  8.203   0.25 11.03 ? 67  SER B OG  1 
ATOM   533  O OG  B SER A 1 61  ? 12.223  15.954  7.021   0.25 15.89 ? 67  SER B OG  1 
ATOM   534  N N   . GLY A 1 62  ? 12.103  13.883  4.822   1.00 12.60 ? 68  GLY B N   1 
ATOM   535  C CA  . GLY A 1 62  ? 13.081  12.939  4.289   1.00 13.08 ? 68  GLY B CA  1 
ATOM   536  C C   . GLY A 1 62  ? 12.623  12.177  3.047   1.00 10.76 ? 68  GLY B C   1 
ATOM   537  O O   . GLY A 1 62  ? 11.563  12.438  2.484   1.00 11.94 ? 68  GLY B O   1 
ATOM   538  N N   . LYS A 1 63  ? 13.485  11.266  2.671   1.00 10.73 ? 69  LYS B N   1 
ATOM   539  C CA  . LYS A 1 63  ? 13.312  10.344  1.539   1.00 10.63 ? 69  LYS B CA  1 
ATOM   540  C C   . LYS A 1 63  ? 13.244  8.944   2.095   1.00 10.53 ? 69  LYS B C   1 
ATOM   541  O O   . LYS A 1 63  ? 14.124  8.565   2.862   1.00 12.16 ? 69  LYS B O   1 
ATOM   542  C CB  . LYS A 1 63  ? 14.454  10.529  0.541   1.00 11.91 ? 69  LYS B CB  1 
ATOM   543  C CG  . LYS A 1 63  ? 14.494  11.903  -0.119  1.00 12.27 ? 69  LYS B CG  1 
ATOM   544  C CD  . LYS A 1 63  ? 15.719  12.077  -1.052  1.00 14.21 ? 69  LYS B CD  1 
ATOM   545  C CE  . LYS A 1 63  ? 15.741  13.415  -1.749  1.00 17.18 ? 69  LYS B CE  1 
ATOM   546  N NZ  . LYS A 1 63  ? 16.911  13.564  -2.658  1.00 19.01 ? 69  LYS B NZ  1 
ATOM   547  N N   . MET A 1 64  ? 12.281  8.162   1.634   1.00 9.84  ? 70  MET B N   1 
ATOM   548  C CA  . MET A 1 64  ? 12.024  6.792   2.130   1.00 9.87  ? 70  MET B CA  1 
ATOM   549  C C   . MET A 1 64  ? 11.763  5.872   0.950   1.00 9.59  ? 70  MET B C   1 
ATOM   550  O O   . MET A 1 64  ? 11.126  6.307   -0.028  1.00 10.29 ? 70  MET B O   1 
ATOM   551  C CB  . MET A 1 64  ? 10.775  6.761   2.995   1.00 9.52  ? 70  MET B CB  1 
ATOM   552  C CG  . MET A 1 64  ? 10.882  7.366   4.379   1.00 10.92 ? 70  MET B CG  1 
ATOM   553  S SD  . MET A 1 64  ? 11.039  9.165   4.522   1.00 12.04 ? 70  MET B SD  1 
ATOM   554  C CE  . MET A 1 64  ? 9.601   9.750   3.670   1.00 13.01 ? 70  MET B CE  1 
ATOM   555  N N   . TYR A 1 65  ? 12.237  4.639   1.035   1.00 9.60  ? 71  TYR B N   1 
ATOM   556  C CA  . TYR A 1 65  ? 12.024  3.639   -0.034  1.00 9.60  ? 71  TYR B CA  1 
ATOM   557  C C   . TYR A 1 65  ? 11.714  2.303   0.623   1.00 9.51  ? 71  TYR B C   1 
ATOM   558  O O   . TYR A 1 65  ? 12.402  1.905   1.590   1.00 10.55 ? 71  TYR B O   1 
ATOM   559  C CB  . TYR A 1 65  ? 13.265  3.535   -0.924  1.00 10.40 ? 71  TYR B CB  1 
ATOM   560  C CG  . TYR A 1 65  ? 13.182  2.522   -2.033  1.00 10.16 ? 71  TYR B CG  1 
ATOM   561  C CD1 . TYR A 1 65  ? 12.464  2.786   -3.178  1.00 10.42 ? 71  TYR B CD1 1 
ATOM   562  C CD2 . TYR A 1 65  ? 13.800  1.284   -1.922  1.00 10.54 ? 71  TYR B CD2 1 
ATOM   563  C CE1 . TYR A 1 65  ? 12.312  1.854   -4.199  1.00 11.03 ? 71  TYR B CE1 1 
ATOM   564  C CE2 . TYR A 1 65  ? 13.684  0.355   -2.952  1.00 10.70 ? 71  TYR B CE2 1 
ATOM   565  C CZ  . TYR A 1 65  ? 12.944  0.629   -4.078  1.00 11.23 ? 71  TYR B CZ  1 
ATOM   566  O OH  . TYR A 1 65  ? 12.820  -0.316  -5.073  1.00 12.29 ? 71  TYR B OH  1 
ATOM   567  N N   . TRP A 1 66  ? 10.775  1.549   0.066   1.00 8.49  ? 72  TRP B N   1 
ATOM   568  C CA  . TRP A 1 66  ? 10.566  0.130   0.469   1.00 8.87  ? 72  TRP B CA  1 
ATOM   569  C C   . TRP A 1 66  ? 10.034  -0.652  -0.730  1.00 8.43  ? 72  TRP B C   1 
ATOM   570  O O   . TRP A 1 66  ? 9.604   -0.072  -1.724  1.00 9.40  ? 72  TRP B O   1 
ATOM   571  C CB  . TRP A 1 66  ? 9.683   0.035   1.737   1.00 8.66  ? 72  TRP B CB  1 
ATOM   572  C CG  . TRP A 1 66  ? 8.294   0.545   1.609   1.00 8.48  ? 72  TRP B CG  1 
ATOM   573  C CD1 . TRP A 1 66  ? 7.165   -0.200  1.370   1.00 8.74  ? 72  TRP B CD1 1 
ATOM   574  C CD2 . TRP A 1 66  ? 7.827   1.881   1.786   1.00 9.03  ? 72  TRP B CD2 1 
ATOM   575  N NE1 . TRP A 1 66  ? 6.051   0.583   1.361   1.00 8.87  ? 72  TRP B NE1 1 
ATOM   576  C CE2 . TRP A 1 66  ? 6.432   1.873   1.606   1.00 9.07  ? 72  TRP B CE2 1 
ATOM   577  C CE3 . TRP A 1 66  ? 8.457   3.106   2.061   1.00 10.04 ? 72  TRP B CE3 1 
ATOM   578  C CZ2 . TRP A 1 66  ? 5.653   3.020   1.710   1.00 9.60  ? 72  TRP B CZ2 1 
ATOM   579  C CZ3 . TRP A 1 66  ? 7.695   4.254   2.185   1.00 12.22 ? 72  TRP B CZ3 1 
ATOM   580  C CH2 . TRP A 1 66  ? 6.317   4.223   1.962   1.00 11.42 ? 72  TRP B CH2 1 
ATOM   581  N N   . GLU A 1 67  ? 10.037  -1.971  -0.546  1.00 8.89  ? 73  GLU B N   1 
ATOM   582  C CA  . GLU A 1 67  ? 9.566   -2.911  -1.597  1.00 8.85  ? 73  GLU B CA  1 
ATOM   583  C C   . GLU A 1 67  ? 8.545   -3.898  -1.063  1.00 8.74  ? 73  GLU B C   1 
ATOM   584  O O   . GLU A 1 67  ? 8.627   -4.304  0.080   1.00 9.00  ? 73  GLU B O   1 
ATOM   585  C CB  . GLU A 1 67  ? 10.701  -3.686  -2.241  1.00 10.73 ? 73  GLU B CB  1 
ATOM   586  C CG  . GLU A 1 67  ? 11.649  -2.752  -2.989  1.00 13.01 ? 73  GLU B CG  1 
ATOM   587  C CD  . GLU A 1 67  ? 12.837  -3.413  -3.662  1.00 15.03 ? 73  GLU B CD  1 
ATOM   588  O OE1 . GLU A 1 67  ? 13.076  -4.637  -3.400  1.00 20.28 ? 73  GLU B OE1 1 
ATOM   589  O OE2 . GLU A 1 67  ? 13.594  -2.695  -4.401  1.00 14.08 ? 73  GLU B OE2 1 
ATOM   590  N N   . VAL A 1 68  ? 7.588   -4.245  -1.912  1.00 8.43  ? 74  VAL B N   1 
ATOM   591  C CA  . VAL A 1 68  ? 6.486   -5.151  -1.552  1.00 8.33  ? 74  VAL B CA  1 
ATOM   592  C C   . VAL A 1 68  ? 6.396   -6.216  -2.618  1.00 8.28  ? 74  VAL B C   1 
ATOM   593  O O   . VAL A 1 68  ? 6.315   -5.935  -3.833  1.00 9.50  ? 74  VAL B O   1 
ATOM   594  C CB  . VAL A 1 68  ? 5.150   -4.406  -1.415  1.00 8.23  ? 74  VAL B CB  1 
ATOM   595  C CG1 . VAL A 1 68  ? 4.079   -5.340  -0.931  1.00 9.19  ? 74  VAL B CG1 1 
ATOM   596  C CG2 . VAL A 1 68  ? 5.313   -3.164  -0.534  1.00 9.22  ? 74  VAL B CG2 1 
ATOM   597  N N   . ASP A 1 69  ? 6.310   -7.469  -2.170  1.00 8.60  ? 75  ASP B N   1 
ATOM   598  C CA  . ASP A 1 69  ? 6.072   -8.649  -3.019  1.00 9.11  ? 75  ASP B CA  1 
ATOM   599  C C   . ASP A 1 69  ? 4.585   -8.873  -3.197  1.00 8.47  ? 75  ASP B C   1 
ATOM   600  O O   . ASP A 1 69  ? 3.843   -8.956  -2.177  1.00 9.32  ? 75  ASP B O   1 
ATOM   601  C CB  . ASP A 1 69  ? 6.735   -9.898  -2.416  1.00 11.07 ? 75  ASP B CB  1 
ATOM   602  C CG  . ASP A 1 69  ? 6.858   -11.050 -3.419  1.00 13.68 ? 75  ASP B CG  1 
ATOM   603  O OD1 . ASP A 1 69  ? 5.878   -11.483 -3.938  1.00 12.60 ? 75  ASP B OD1 1 
ATOM   604  O OD2 . ASP A 1 69  ? 7.970   -11.321 -3.905  1.00 17.21 ? 75  ASP B OD2 1 
ATOM   605  N N   . VAL A 1 70  ? 4.138   -8.957  -4.453  1.00 8.40  ? 76  VAL B N   1 
ATOM   606  C CA  . VAL A 1 70  ? 2.705   -9.133  -4.857  1.00 9.00  ? 76  VAL B CA  1 
ATOM   607  C C   . VAL A 1 70  ? 2.511   -10.418 -5.682  1.00 9.12  ? 76  VAL B C   1 
ATOM   608  O O   . VAL A 1 70  ? 1.497   -10.549 -6.383  1.00 9.92  ? 76  VAL B O   1 
ATOM   609  C CB  . VAL A 1 70  ? 2.213   -7.874  -5.620  1.00 9.18  ? 76  VAL B CB  1 
ATOM   610  C CG1 . VAL A 1 70  ? 2.258   -6.601  -4.750  1.00 9.39  ? 76  VAL B CG1 1 
ATOM   611  C CG2 . VAL A 1 70  ? 2.939   -7.641  -6.929  1.00 9.76  ? 76  VAL B CG2 1 
ATOM   612  N N   . THR A 1 71  ? 3.469   -11.337 -5.627  1.00 9.14  ? 77  THR B N   1 
ATOM   613  C CA  . THR A 1 71  ? 3.435   -12.578 -6.431  1.00 10.08 ? 77  THR B CA  1 
ATOM   614  C C   . THR A 1 71  ? 2.083   -13.293 -6.316  1.00 9.81  ? 77  THR B C   1 
ATOM   615  O O   . THR A 1 71  ? 1.589   -13.532 -5.218  1.00 10.43 ? 77  THR B O   1 
ATOM   616  C CB  . THR A 1 71  ? 4.544   -13.520 -5.985  1.00 10.83 ? 77  THR B CB  1 
ATOM   617  O OG1 . THR A 1 71  ? 5.838   -12.907 -6.157  1.00 13.01 ? 77  THR B OG1 1 
ATOM   618  C CG2 . THR A 1 71  ? 4.571   -14.818 -6.757  1.00 12.44 ? 77  THR B CG2 1 
ATOM   619  N N   . GLN A 1 72  ? 1.561   -13.711 -7.458  0.50 9.76  ? 78  GLN B N   1 
ATOM   620  C CA  . GLN A 1 72  ? 0.332   -14.537 -7.594  0.50 9.68  ? 78  GLN B CA  1 
ATOM   621  C C   . GLN A 1 72  ? -0.926  -13.843 -7.065  0.50 10.19 ? 78  GLN B C   1 
ATOM   622  O O   . GLN A 1 72  ? -1.947  -14.537 -6.905  0.50 11.98 ? 78  GLN B O   1 
ATOM   623  C CB  . GLN A 1 72  ? 0.430   -15.879 -6.870  0.50 9.85  ? 78  GLN B CB  1 
ATOM   624  C CG  . GLN A 1 72  ? -0.418  -16.989 -7.511  0.50 10.19 ? 78  GLN B CG  1 
ATOM   625  C CD  . GLN A 1 72  ? 0.118   -17.498 -8.833  0.50 10.23 ? 78  GLN B CD  1 
ATOM   626  O OE1 . GLN A 1 72  ? -0.315  -17.125 -9.922  0.50 12.02 ? 78  GLN B OE1 1 
ATOM   627  N NE2 . GLN A 1 72  ? 1.137   -18.323 -8.743  0.50 9.39  ? 78  GLN B NE2 1 
ATOM   628  N N   . LYS A 1 73  ? -0.923  -12.525 -6.870  1.00 10.37 ? 79  LYS B N   1 
ATOM   629  C CA  . LYS A 1 73  ? -2.175  -11.843 -6.507  1.00 9.43  ? 79  LYS B CA  1 
ATOM   630  C C   . LYS A 1 73  ? -2.942  -11.360 -7.738  1.00 8.78  ? 79  LYS B C   1 
ATOM   631  O O   . LYS A 1 73  ? -2.307  -10.884 -8.717  1.00 10.44 ? 79  LYS B O   1 
ATOM   632  C CB  . LYS A 1 73  ? -1.867  -10.713 -5.530  1.00 9.81  ? 79  LYS B CB  1 
ATOM   633  C CG  . LYS A 1 73  ? -1.426  -11.254 -4.128  1.00 10.16 ? 79  LYS B CG  1 
ATOM   634  C CD  . LYS A 1 73  ? -1.359  -10.190 -3.045  1.00 10.55 ? 79  LYS B CD  1 
ATOM   635  C CE  . LYS A 1 73  ? -2.725  -9.696  -2.628  1.00 9.60  ? 79  LYS B CE  1 
ATOM   636  N NZ  . LYS A 1 73  ? -3.695  -10.770 -2.241  1.00 8.37  ? 79  LYS B NZ  1 
ATOM   637  N N   . GLU A 1 74  ? -4.257  -11.337 -7.634  1.00 7.99  ? 80  GLU B N   1 
ATOM   638  C CA  . GLU A 1 74  ? -5.177  -10.806 -8.655  1.00 8.07  ? 80  GLU B CA  1 
ATOM   639  C C   . GLU A 1 74  ? -5.606  -9.379  -8.356  1.00 7.78  ? 80  GLU B C   1 
ATOM   640  O O   . GLU A 1 74  ? -6.122  -8.718  -9.254  1.00 8.72  ? 80  GLU B O   1 
ATOM   641  C CB  . GLU A 1 74  ? -6.442  -11.654 -8.748  1.00 9.19  ? 80  GLU B CB  1 
ATOM   642  C CG  . GLU A 1 74  ? -6.260  -13.088 -9.169  1.00 10.92 ? 80  GLU B CG  1 
ATOM   643  C CD  . GLU A 1 74  ? -7.554  -13.911 -9.064  1.00 10.51 ? 80  GLU B CD  1 
ATOM   644  O OE1 . GLU A 1 74  ? -7.544  -15.016 -9.667  1.00 13.87 ? 80  GLU B OE1 1 
ATOM   645  O OE2 . GLU A 1 74  ? -8.513  -13.473 -8.463  1.00 11.27 ? 80  GLU B OE2 1 
ATOM   646  N N   . ALA A 1 75  ? -5.555  -8.933  -7.107  1.00 7.91  ? 81  ALA B N   1 
ATOM   647  C CA  . ALA A 1 75  ? -6.048  -7.612  -6.723  1.00 7.77  ? 81  ALA B CA  1 
ATOM   648  C C   . ALA A 1 75  ? -5.302  -7.171  -5.481  1.00 7.63  ? 81  ALA B C   1 
ATOM   649  O O   . ALA A 1 75  ? -5.093  -7.965  -4.529  1.00 8.20  ? 81  ALA B O   1 
ATOM   650  C CB  . ALA A 1 75  ? -7.525  -7.639  -6.462  1.00 8.51  ? 81  ALA B CB  1 
ATOM   651  N N   . TRP A 1 76  ? -4.952  -5.880  -5.419  1.00 7.33  ? 82  TRP B N   1 
ATOM   652  C CA  . TRP A 1 76  ? -4.279  -5.244  -4.249  1.00 7.06  ? 82  TRP B CA  1 
ATOM   653  C C   . TRP A 1 76  ? -4.213  -3.751  -4.504  1.00 7.42  ? 82  TRP B C   1 
ATOM   654  O O   . TRP A 1 76  ? -4.323  -3.289  -5.665  1.00 7.88  ? 82  TRP B O   1 
ATOM   655  C CB  . TRP A 1 76  ? -2.869  -5.804  -4.036  1.00 7.63  ? 82  TRP B CB  1 
ATOM   656  C CG  . TRP A 1 76  ? -2.005  -5.873  -5.250  1.00 7.74  ? 82  TRP B CG  1 
ATOM   657  C CD1 . TRP A 1 76  ? -1.731  -6.975  -6.001  1.00 8.60  ? 82  TRP B CD1 1 
ATOM   658  C CD2 . TRP A 1 76  ? -1.247  -4.820  -5.901  1.00 7.88  ? 82  TRP B CD2 1 
ATOM   659  N NE1 . TRP A 1 76  ? -0.889  -6.714  -7.027  1.00 8.63  ? 82  TRP B NE1 1 
ATOM   660  C CE2 . TRP A 1 76  ? -0.579  -5.366  -7.016  1.00 8.80  ? 82  TRP B CE2 1 
ATOM   661  C CE3 . TRP A 1 76  ? -1.067  -3.433  -5.661  1.00 8.72  ? 82  TRP B CE3 1 
ATOM   662  C CZ2 . TRP A 1 76  ? 0.272   -4.635  -7.856  1.00 9.04  ? 82  TRP B CZ2 1 
ATOM   663  C CZ3 . TRP A 1 76  ? -0.243  -2.697  -6.498  1.00 9.67  ? 82  TRP B CZ3 1 
ATOM   664  C CH2 . TRP A 1 76  ? 0.414   -3.290  -7.595  1.00 9.92  ? 82  TRP B CH2 1 
ATOM   665  N N   . ASP A 1 77  ? -4.028  -3.005  -3.434  1.00 7.15  ? 83  ASP B N   1 
ATOM   666  C CA  . ASP A 1 77  ? -3.670  -1.580  -3.496  1.00 7.55  ? 83  ASP B CA  1 
ATOM   667  C C   . ASP A 1 77  ? -2.401  -1.370  -2.684  1.00 7.18  ? 83  ASP B C   1 
ATOM   668  O O   . ASP A 1 77  ? -2.277  -1.972  -1.596  1.00 7.75  ? 83  ASP B O   1 
ATOM   669  C CB  . ASP A 1 77  ? -4.761  -0.653  -2.940  1.00 9.57  ? 83  ASP B CB  1 
ATOM   670  C CG  . ASP A 1 77  ? -6.197  -0.947  -3.287  1.00 11.12 ? 83  ASP B CG  1 
ATOM   671  O OD1 . ASP A 1 77  ? -6.391  -1.301  -4.409  1.00 14.40 ? 83  ASP B OD1 1 
ATOM   672  O OD2 . ASP A 1 77  ? -7.085  -0.802  -2.393  1.00 13.28 ? 83  ASP B OD2 1 
ATOM   673  N N   . LEU A 1 78  ? -1.526  -0.466  -3.111  1.00 6.57  ? 84  LEU B N   1 
ATOM   674  C CA  . LEU A 1 78  ? -0.275  -0.142  -2.376  1.00 7.17  ? 84  LEU B CA  1 
ATOM   675  C C   . LEU A 1 78  ? 0.005   1.346   -2.479  1.00 6.67  ? 84  LEU B C   1 
ATOM   676  O O   . LEU A 1 78  ? -0.194  1.961   -3.523  1.00 6.95  ? 84  LEU B O   1 
ATOM   677  C CB  . LEU A 1 78  ? 0.920   -0.893  -2.970  1.00 7.76  ? 84  LEU B CB  1 
ATOM   678  C CG  . LEU A 1 78  ? 0.987   -2.403  -2.719  1.00 8.65  ? 84  LEU B CG  1 
ATOM   679  C CD1 . LEU A 1 78  ? 2.158   -2.992  -3.502  1.00 9.75  ? 84  LEU B CD1 1 
ATOM   680  C CD2 . LEU A 1 78  ? 1.138   -2.672  -1.248  1.00 9.09  ? 84  LEU B CD2 1 
ATOM   681  N N   . GLY A 1 79  ? 0.599   1.879   -1.416  1.00 6.43  ? 85  GLY B N   1 
ATOM   682  C CA  . GLY A 1 79  ? 1.181   3.237   -1.482  1.00 6.73  ? 85  GLY B CA  1 
ATOM   683  C C   . GLY A 1 79  ? 1.402   3.796   -0.101  1.00 6.70  ? 85  GLY B C   1 
ATOM   684  O O   . GLY A 1 79  ? 1.952   3.105   0.774   1.00 7.16  ? 85  GLY B O   1 
ATOM   685  N N   A VAL A 1 80  ? 1.018   5.060   0.058   0.25 6.84  ? 86  VAL B N   1 
ATOM   686  N N   B VAL A 1 80  ? 0.978   5.026   0.100   0.25 7.01  ? 86  VAL B N   1 
ATOM   687  C CA  A VAL A 1 80  ? 1.044   5.775   1.366   0.25 6.92  ? 86  VAL B CA  1 
ATOM   688  C CA  B VAL A 1 80  ? 1.222   5.744   1.378   0.25 7.17  ? 86  VAL B CA  1 
ATOM   689  C C   A VAL A 1 80  ? -0.266  6.513   1.585   0.25 7.12  ? 86  VAL B C   1 
ATOM   690  C C   B VAL A 1 80  ? -0.036  6.615   1.588   0.25 7.36  ? 86  VAL B C   1 
ATOM   691  O O   A VAL A 1 80  ? -1.050  6.789   0.651   0.25 7.36  ? 86  VAL B O   1 
ATOM   692  O O   B VAL A 1 80  ? -0.650  6.988   0.577   0.25 8.14  ? 86  VAL B O   1 
ATOM   693  C CB  A VAL A 1 80  ? 2.172   6.814   1.496   0.25 7.07  ? 86  VAL B CB  1 
ATOM   694  C CB  B VAL A 1 80  ? 2.562   6.511   1.265   0.25 7.61  ? 86  VAL B CB  1 
ATOM   695  C CG1 A VAL A 1 80  ? 3.498   6.098   1.528   0.25 6.83  ? 86  VAL B CG1 1 
ATOM   696  C CG1 B VAL A 1 80  ? 2.452   7.668   0.284   0.25 7.61  ? 86  VAL B CG1 1 
ATOM   697  C CG2 A VAL A 1 80  ? 2.139   7.881   0.408   0.25 6.99  ? 86  VAL B CG2 1 
ATOM   698  C CG2 B VAL A 1 80  ? 3.087   6.981   2.606   0.25 7.85  ? 86  VAL B CG2 1 
ATOM   699  N N   . CYS A 1 81  ? -0.461  6.859   2.844   1.00 7.87  ? 87  CYS B N   1 
ATOM   700  C CA  . CYS A 1 81  ? -1.619  7.650   3.171   1.00 8.25  ? 87  CYS B CA  1 
ATOM   701  C C   . CYS A 1 81  ? -1.355  8.540   4.366   1.00 7.81  ? 87  CYS B C   1 
ATOM   702  O O   . CYS A 1 81  ? -0.431  8.305   5.151   1.00 7.90  ? 87  CYS B O   1 
ATOM   703  C CB  . CYS A 1 81  ? -2.832  6.767   3.401   1.00 9.18  ? 87  CYS B CB  1 
ATOM   704  S SG  . CYS A 1 81  ? -2.758  5.723   4.873   1.00 9.08  ? 87  CYS B SG  1 
ATOM   705  N N   A ARG A 1 82  ? -2.177  9.564   4.501   0.25 8.03  ? 88  ARG B N   1 
ATOM   706  N N   B ARG A 1 82  ? -2.146  9.604   4.487   0.25 7.71  ? 88  ARG B N   1 
ATOM   707  C CA  A ARG A 1 82  ? -2.127  10.361  5.739   0.25 8.56  ? 88  ARG B CA  1 
ATOM   708  C CA  B ARG A 1 82  ? -2.108  10.464  5.697   0.25 8.11  ? 88  ARG B CA  1 
ATOM   709  C C   A ARG A 1 82  ? -2.439  9.501   6.965   0.25 8.33  ? 88  ARG B C   1 
ATOM   710  C C   B ARG A 1 82  ? -2.529  9.652   6.937   0.25 8.26  ? 88  ARG B C   1 
ATOM   711  O O   A ARG A 1 82  ? -3.237  8.559   6.936   0.25 7.58  ? 88  ARG B O   1 
ATOM   712  O O   B ARG A 1 82  ? -3.504  8.862   6.852   0.25 8.63  ? 88  ARG B O   1 
ATOM   713  C CB  A ARG A 1 82  ? -3.160  11.479  5.696   0.25 9.77  ? 88  ARG B CB  1 
ATOM   714  C CB  B ARG A 1 82  ? -3.056  11.661  5.537   0.25 8.69  ? 88  ARG B CB  1 
ATOM   715  C CG  A ARG A 1 82  ? -2.918  12.415  4.533   0.25 10.64 ? 88  ARG B CG  1 
ATOM   716  C CG  B ARG A 1 82  ? -2.771  12.829  6.469   0.25 8.62  ? 88  ARG B CG  1 
ATOM   717  C CD  A ARG A 1 82  ? -3.859  13.582  4.581   0.25 11.82 ? 88  ARG B CD  1 
ATOM   718  C CD  B ARG A 1 82  ? -3.755  13.980  6.310   0.25 8.78  ? 88  ARG B CD  1 
ATOM   719  N NE  A ARG A 1 82  ? -3.650  14.474  3.449   0.25 11.64 ? 88  ARG B NE  1 
ATOM   720  N NE  B ARG A 1 82  ? -3.647  14.521  4.979   0.25 8.64  ? 88  ARG B NE  1 
ATOM   721  C CZ  A ARG A 1 82  ? -4.626  15.036  2.767   0.25 12.66 ? 88  ARG B CZ  1 
ATOM   722  C CZ  B ARG A 1 82  ? -4.633  14.561  4.096   0.25 8.62  ? 88  ARG B CZ  1 
ATOM   723  N NH1 A ARG A 1 82  ? -5.877  14.782  3.095   0.25 12.99 ? 88  ARG B NH1 1 
ATOM   724  N NH1 B ARG A 1 82  ? -5.864  14.240  4.437   0.25 9.83  ? 88  ARG B NH1 1 
ATOM   725  N NH2 A ARG A 1 82  ? -4.345  15.842  1.761   0.25 13.63 ? 88  ARG B NH2 1 
ATOM   726  N NH2 B ARG A 1 82  ? -4.364  14.986  2.877   0.25 8.40  ? 88  ARG B NH2 1 
ATOM   727  N N   . ASP A 1 83  ? -1.858  9.883   8.086   1.00 9.06  ? 89  ASP B N   1 
ATOM   728  C CA  . ASP A 1 83  ? -2.182  9.191   9.345   1.00 10.47 ? 89  ASP B CA  1 
ATOM   729  C C   . ASP A 1 83  ? -3.654  9.341   9.649   1.00 10.45 ? 89  ASP B C   1 
ATOM   730  O O   . ASP A 1 83  ? -4.229  8.414   10.310  1.00 14.20 ? 89  ASP B O   1 
ATOM   731  C CB  . ASP A 1 83  ? -1.323  9.715   10.499  1.00 11.85 ? 89  ASP B CB  1 
ATOM   732  C CG  . ASP A 1 83  ? -1.433  11.178  10.811  1.00 13.69 ? 89  ASP B CG  1 
ATOM   733  O OD1 . ASP A 1 83  ? -2.108  11.938  10.079  1.00 16.16 ? 89  ASP B OD1 1 
ATOM   734  O OD2 . ASP A 1 83  ? -0.869  11.545  11.901  1.00 17.42 ? 89  ASP B OD2 1 
ATOM   735  N N   . SER A 1 84  ? -4.298  10.412  9.263   1.00 9.96  ? 90  SER B N   1 
ATOM   736  C CA  . SER A 1 84  ? -5.704  10.690  9.677   1.00 12.01 ? 90  SER B CA  1 
ATOM   737  C C   . SER A 1 84  ? -6.745  10.301  8.618   1.00 10.33 ? 90  SER B C   1 
ATOM   738  O O   . SER A 1 84  ? -7.869  10.767  8.708   1.00 11.82 ? 90  SER B O   1 
ATOM   739  C CB  . SER A 1 84  ? -5.833  12.095  10.066  1.00 14.75 ? 90  SER B CB  1 
ATOM   740  O OG  . SER A 1 84  ? -5.494  12.911  9.018   1.00 14.29 ? 90  SER B OG  1 
ATOM   741  N N   . VAL A 1 85  ? -6.422  9.417   7.671   1.00 9.97  ? 91  VAL B N   1 
ATOM   742  C CA  . VAL A 1 85  ? -7.471  8.948   6.741   1.00 9.46  ? 91  VAL B CA  1 
ATOM   743  C C   . VAL A 1 85  ? -8.606  8.286   7.528   1.00 9.34  ? 91  VAL B C   1 
ATOM   744  O O   . VAL A 1 85  ? -8.401  7.642   8.570   1.00 10.00 ? 91  VAL B O   1 
ATOM   745  C CB  . VAL A 1 85  ? -6.921  7.981   5.685   1.00 9.25  ? 91  VAL B CB  1 
ATOM   746  C CG1 . VAL A 1 85  ? -5.988  8.726   4.727   1.00 9.49  ? 91  VAL B CG1 1 
ATOM   747  C CG2 . VAL A 1 85  ? -6.307  6.724   6.270   1.00 9.52  ? 91  VAL B CG2 1 
ATOM   748  N N   . GLN A 1 86  ? -9.793  8.443   6.992   1.00 10.15 ? 92  GLN B N   1 
ATOM   749  C CA  . GLN A 1 86  ? -11.027 7.716   7.402   1.00 11.87 ? 92  GLN B CA  1 
ATOM   750  C C   . GLN A 1 86  ? -10.758 6.210   7.491   1.00 10.46 ? 92  GLN B C   1 
ATOM   751  O O   . GLN A 1 86  ? -10.183 5.625   6.586   1.00 11.89 ? 92  GLN B O   1 
ATOM   752  C CB  . GLN A 1 86  ? -12.111 8.020   6.356   1.00 14.65 ? 92  GLN B CB  1 
ATOM   753  C CG  . GLN A 1 86  ? -13.495 7.366   6.574   1.00 16.41 ? 92  GLN B CG  1 
ATOM   754  C CD  . GLN A 1 86  ? -14.385 7.615   5.350   1.00 19.26 ? 92  GLN B CD  1 
ATOM   755  O OE1 . GLN A 1 86  ? -14.158 8.535   4.518   1.00 22.07 ? 92  GLN B OE1 1 
ATOM   756  N NE2 . GLN A 1 86  ? -15.463 6.842   5.203   1.00 22.45 ? 92  GLN B NE2 1 
ATOM   757  N N   . ARG A 1 87  ? -11.264 5.587   8.536   1.00 9.91  ? 93  ARG B N   1 
ATOM   758  C CA  . ARG A 1 87  ? -11.110 4.114   8.755   1.00 9.69  ? 93  ARG B CA  1 
ATOM   759  C C   . ARG A 1 87  ? -12.421 3.382   8.529   1.00 10.29 ? 93  ARG B C   1 
ATOM   760  O O   . ARG A 1 87  ? -12.369 2.193   8.213   1.00 10.53 ? 93  ARG B O   1 
ATOM   761  C CB  . ARG A 1 87  ? -10.607 3.791   10.140  1.00 10.46 ? 93  ARG B CB  1 
ATOM   762  C CG  . ARG A 1 87  ? -9.338  4.512   10.538  1.00 10.49 ? 93  ARG B CG  1 
ATOM   763  C CD  . ARG A 1 87  ? -8.140  4.282   9.575   1.00 10.75 ? 93  ARG B CD  1 
ATOM   764  N NE  . ARG A 1 87  ? -7.032  5.232   9.841   1.00 12.07 ? 93  ARG B NE  1 
ATOM   765  C CZ  . ARG A 1 87  ? -6.106  5.028   10.747  1.00 10.48 ? 93  ARG B CZ  1 
ATOM   766  N NH1 . ARG A 1 87  ? -6.066  3.893   11.404  1.00 14.29 ? 93  ARG B NH1 1 
ATOM   767  N NH2 . ARG A 1 87  ? -5.201  5.957   10.998  1.00 14.07 ? 93  ARG B NH2 1 
ATOM   768  N N   . LYS A 1 88  ? -13.571 4.013   8.754   1.00 10.74 ? 94  LYS B N   1 
ATOM   769  C CA  . LYS A 1 88  ? -14.887 3.320   8.813   1.00 10.51 ? 94  LYS B CA  1 
ATOM   770  C C   . LYS A 1 88  ? -15.730 3.674   7.609   1.00 11.29 ? 94  LYS B C   1 
ATOM   771  O O   . LYS A 1 88  ? -15.671 4.845   7.117   1.00 13.13 ? 94  LYS B O   1 
ATOM   772  C CB  . LYS A 1 88  ? -15.616 3.714   10.103  1.00 11.25 ? 94  LYS B CB  1 
ATOM   773  C CG  . LYS A 1 88  ? -14.834 3.503   11.377  1.00 11.91 ? 94  LYS B CG  1 
ATOM   774  C CD  . LYS A 1 88  ? -14.266 2.096   11.581  1.00 12.56 ? 94  LYS B CD  1 
ATOM   775  C CE  . LYS A 1 88  ? -13.557 2.005   12.893  1.00 12.43 ? 94  LYS B CE  1 
ATOM   776  N NZ  . LYS A 1 88  ? -13.045 0.642   13.169  1.00 12.52 ? 94  LYS B NZ  1 
ATOM   777  N N   . GLY A 1 89  ? -16.485 2.725   7.100   1.00 11.41 ? 95  GLY B N   1 
ATOM   778  C CA  . GLY A 1 89  ? -17.389 2.968   5.987   1.00 12.15 ? 95  GLY B CA  1 
ATOM   779  C C   . GLY A 1 89  ? -16.686 2.926   4.632   1.00 13.26 ? 95  GLY B C   1 
ATOM   780  O O   . GLY A 1 89  ? -15.495 2.487   4.520   1.00 13.05 ? 95  GLY B O   1 
ATOM   781  N N   . GLN A 1 90  ? -17.389 3.430   3.634   1.00 13.98 ? 96  GLN B N   1 
ATOM   782  C CA  . GLN A 1 90  ? -16.932 3.407   2.234   1.00 15.00 ? 96  GLN B CA  1 
ATOM   783  C C   . GLN A 1 90  ? -16.198 4.697   1.904   1.00 14.70 ? 96  GLN B C   1 
ATOM   784  O O   . GLN A 1 90  ? -16.546 5.776   2.410   1.00 15.36 ? 96  GLN B O   1 
ATOM   785  C CB  . GLN A 1 90  ? -18.142 3.396   1.292   1.00 19.32 ? 96  GLN B CB  1 
ATOM   786  C CG  . GLN A 1 90  ? -18.825 2.064   1.208   1.00 26.58 ? 96  GLN B CG  1 
ATOM   787  C CD  . GLN A 1 90  ? -20.022 2.205   0.300   1.00 32.38 ? 96  GLN B CD  1 
ATOM   788  O OE1 . GLN A 1 90  ? -20.135 1.504   -0.698  1.00 42.57 ? 96  GLN B OE1 1 
ATOM   789  N NE2 . GLN A 1 90  ? -20.862 3.191   0.598   1.00 38.08 ? 96  GLN B NE2 1 
ATOM   790  N N   . PHE A 1 91  ? -15.171 4.578   1.064   1.00 12.73 ? 97  PHE B N   1 
ATOM   791  C CA  . PHE A 1 91  ? -14.442 5.751   0.547   1.00 12.60 ? 97  PHE B CA  1 
ATOM   792  C C   . PHE A 1 91  ? -13.627 5.337   -0.668  1.00 12.55 ? 97  PHE B C   1 
ATOM   793  O O   . PHE A 1 91  ? -13.353 4.154   -0.872  1.00 13.67 ? 97  PHE B O   1 
ATOM   794  C CB  . PHE A 1 91  ? -13.499 6.320   1.616   1.00 12.88 ? 97  PHE B CB  1 
ATOM   795  C CG  . PHE A 1 91  ? -12.547 5.304   2.225   1.00 11.90 ? 97  PHE B CG  1 
ATOM   796  C CD1 . PHE A 1 91  ? -11.313 5.023   1.638   1.00 12.41 ? 97  PHE B CD1 1 
ATOM   797  C CD2 . PHE A 1 91  ? -12.858 4.624   3.408   1.00 12.19 ? 97  PHE B CD2 1 
ATOM   798  C CE1 . PHE A 1 91  ? -10.434 4.112   2.188   1.00 12.38 ? 97  PHE B CE1 1 
ATOM   799  C CE2 . PHE A 1 91  ? -11.974 3.707   3.955   1.00 11.61 ? 97  PHE B CE2 1 
ATOM   800  C CZ  . PHE A 1 91  ? -10.756 3.471   3.353   1.00 12.17 ? 97  PHE B CZ  1 
ATOM   801  N N   A SER A 1 92  ? -13.257 6.306   -1.504  0.25 12.69 ? 98  SER B N   1 
ATOM   802  N N   B SER A 1 92  ? -13.255 6.350   -1.455  0.25 12.18 ? 98  SER B N   1 
ATOM   803  C CA  A SER A 1 92  ? -12.365 6.059   -2.666  0.25 13.07 ? 98  SER B CA  1 
ATOM   804  C CA  B SER A 1 92  ? -12.368 6.238   -2.640  0.25 12.38 ? 98  SER B CA  1 
ATOM   805  C C   A SER A 1 92  ? -10.931 6.453   -2.306  0.25 11.90 ? 98  SER B C   1 
ATOM   806  C C   B SER A 1 92  ? -10.905 6.414   -2.206  0.25 11.39 ? 98  SER B C   1 
ATOM   807  O O   A SER A 1 92  ? -10.714 7.451   -1.588  0.25 11.34 ? 98  SER B O   1 
ATOM   808  O O   B SER A 1 92  ? -10.634 7.176   -1.248  0.25 11.11 ? 98  SER B O   1 
ATOM   809  C CB  A SER A 1 92  ? -12.815 6.793   -3.885  0.25 14.81 ? 98  SER B CB  1 
ATOM   810  C CB  B SER A 1 92  ? -12.760 7.246   -3.700  0.25 13.18 ? 98  SER B CB  1 
ATOM   811  O OG  A SER A 1 92  ? -12.948 8.164   -3.577  0.25 17.53 ? 98  SER B OG  1 
ATOM   812  O OG  B SER A 1 92  ? -14.045 6.936   -4.230  0.25 15.06 ? 98  SER B OG  1 
ATOM   813  N N   . LEU A 1 93  ? -9.995  5.720   -2.883  1.00 10.80 ? 99  LEU B N   1 
ATOM   814  C CA  . LEU A 1 93  ? -8.565  6.016   -2.726  1.00 11.08 ? 99  LEU B CA  1 
ATOM   815  C C   . LEU A 1 93  ? -8.204  7.138   -3.657  1.00 10.68 ? 99  LEU B C   1 
ATOM   816  O O   . LEU A 1 93  ? -8.120  6.972   -4.887  1.00 13.51 ? 99  LEU B O   1 
ATOM   817  C CB  . LEU A 1 93  ? -7.711  4.790   -3.018  1.00 11.78 ? 99  LEU B CB  1 
ATOM   818  C CG  . LEU A 1 93  ? -8.005  3.589   -2.146  1.00 12.37 ? 99  LEU B CG  1 
ATOM   819  C CD1 . LEU A 1 93  ? -7.173  2.390   -2.630  1.00 14.15 ? 99  LEU B CD1 1 
ATOM   820  C CD2 . LEU A 1 93  ? -7.726  3.890   -0.690  1.00 13.25 ? 99  LEU B CD2 1 
ATOM   821  N N   . SER A 1 94  ? -7.964  8.327   -3.125  1.00 9.77  ? 100 SER B N   1 
ATOM   822  C CA  . SER A 1 94  ? -7.654  9.531   -3.926  1.00 9.92  ? 100 SER B CA  1 
ATOM   823  C C   . SER A 1 94  ? -6.754  10.439  -3.087  1.00 9.17  ? 100 SER B C   1 
ATOM   824  O O   . SER A 1 94  ? -6.888  10.434  -1.861  1.00 8.74  ? 100 SER B O   1 
ATOM   825  C CB  . SER A 1 94  ? -8.897  10.312  -4.352  1.00 11.66 ? 100 SER B CB  1 
ATOM   826  O OG  . SER A 1 94  ? -9.539  10.814  -3.197  1.00 14.44 ? 100 SER B OG  1 
ATOM   827  N N   . PRO A 1 95  ? -6.013  11.348  -3.695  1.00 9.40  ? 101 PRO B N   1 
ATOM   828  C CA  . PRO A 1 95  ? -5.270  12.342  -2.903  1.00 10.52 ? 101 PRO B CA  1 
ATOM   829  C C   . PRO A 1 95  ? -6.206  13.244  -2.104  1.00 10.23 ? 101 PRO B C   1 
ATOM   830  O O   . PRO A 1 95  ? -5.846  13.586  -0.962  1.00 10.12 ? 101 PRO B O   1 
ATOM   831  C CB  . PRO A 1 95  ? -4.479  13.132  -3.983  1.00 11.02 ? 101 PRO B CB  1 
ATOM   832  C CG  . PRO A 1 95  ? -4.240  12.040  -5.050  1.00 11.72 ? 101 PRO B CG  1 
ATOM   833  C CD  . PRO A 1 95  ? -5.579  11.330  -5.096  1.00 11.17 ? 101 PRO B CD  1 
ATOM   834  N N   . GLU A 1 96  ? -7.378  13.563  -2.616  1.00 10.80 ? 102 GLU B N   1 
ATOM   835  C CA  . GLU A 1 96  ? -8.364  14.387  -1.864  1.00 12.87 ? 102 GLU B CA  1 
ATOM   836  C C   . GLU A 1 96  ? -8.694  13.694  -0.539  1.00 12.14 ? 102 GLU B C   1 
ATOM   837  O O   . GLU A 1 96  ? -9.003  14.383  0.455   1.00 13.46 ? 102 GLU B O   1 
ATOM   838  C CB  . GLU A 1 96  ? -9.584  14.632  -2.752  1.00 16.96 ? 102 GLU B CB  1 
ATOM   839  C CG  . GLU A 1 96  ? -9.239  15.308  -4.063  1.00 25.70 ? 102 GLU B CG  1 
ATOM   840  C CD  . GLU A 1 96  ? -9.171  14.425  -5.305  1.00 30.51 ? 102 GLU B CD  1 
ATOM   841  O OE1 . GLU A 1 96  ? -8.117  13.688  -5.528  1.00 19.07 ? 102 GLU B OE1 1 
ATOM   842  O OE2 . GLU A 1 96  ? -10.197 14.487  -6.077  1.00 37.04 ? 102 GLU B OE2 1 
ATOM   843  N N   . ASN A 1 97  ? -8.747  12.362  -0.483  1.00 10.06 ? 103 ASN B N   1 
ATOM   844  C CA  . ASN A 1 97  ? -9.043  11.607  0.745   1.00 10.52 ? 103 ASN B CA  1 
ATOM   845  C C   . ASN A 1 97  ? -7.782  11.218  1.515   1.00 9.67  ? 103 ASN B C   1 
ATOM   846  O O   . ASN A 1 97  ? -7.908  10.537  2.541   1.00 10.85 ? 103 ASN B O   1 
ATOM   847  C CB  . ASN A 1 97  ? -9.875  10.371  0.427   1.00 11.56 ? 103 ASN B CB  1 
ATOM   848  C CG  . ASN A 1 97  ? -11.294 10.686  0.045   1.00 13.45 ? 103 ASN B CG  1 
ATOM   849  O OD1 . ASN A 1 97  ? -11.814 11.787  0.314   1.00 16.17 ? 103 ASN B OD1 1 
ATOM   850  N ND2 . ASN A 1 97  ? -11.939 9.766   -0.653  1.00 14.96 ? 103 ASN B ND2 1 
ATOM   851  N N   . GLY A 1 98  ? -6.611  11.663  1.083   1.00 8.43  ? 104 GLY B N   1 
ATOM   852  C CA  . GLY A 1 98  ? -5.370  11.416  1.812   1.00 8.05  ? 104 GLY B CA  1 
ATOM   853  C C   . GLY A 1 98  ? -4.618  10.134  1.435   1.00 6.81  ? 104 GLY B C   1 
ATOM   854  O O   . GLY A 1 98  ? -3.851  9.629   2.230   1.00 8.14  ? 104 GLY B O   1 
ATOM   855  N N   . PHE A 1 99  ? -4.810  9.661   0.183   1.00 7.72  ? 105 PHE B N   1 
ATOM   856  C CA  . PHE A 1 99  ? -4.124  8.429   -0.334  1.00 7.43  ? 105 PHE B CA  1 
ATOM   857  C C   . PHE A 1 99  ? -3.352  8.680   -1.626  1.00 7.06  ? 105 PHE B C   1 
ATOM   858  O O   . PHE A 1 99  ? -3.919  9.325   -2.528  1.00 8.50  ? 105 PHE B O   1 
ATOM   859  C CB  . PHE A 1 99  ? -5.160  7.323   -0.612  1.00 8.31  ? 105 PHE B CB  1 
ATOM   860  C CG  . PHE A 1 99  ? -5.966  6.874   0.588   1.00 8.03  ? 105 PHE B CG  1 
ATOM   861  C CD1 . PHE A 1 99  ? -7.170  7.474   0.897   1.00 8.60  ? 105 PHE B CD1 1 
ATOM   862  C CD2 . PHE A 1 99  ? -5.577  5.807   1.376   1.00 8.36  ? 105 PHE B CD2 1 
ATOM   863  C CE1 . PHE A 1 99  ? -7.941  7.060   1.986   1.00 9.10  ? 105 PHE B CE1 1 
ATOM   864  C CE2 . PHE A 1 99  ? -6.340  5.410   2.458   1.00 9.59  ? 105 PHE B CE2 1 
ATOM   865  C CZ  . PHE A 1 99  ? -7.521  6.023   2.752   1.00 9.09  ? 105 PHE B CZ  1 
ATOM   866  N N   . TRP A 1 100 ? -2.145  8.155   -1.684  1.00 6.62  ? 106 TRP B N   1 
ATOM   867  C CA  . TRP A 1 100 ? -1.297  8.124   -2.892  1.00 7.03  ? 106 TRP B CA  1 
ATOM   868  C C   . TRP A 1 100 ? -0.933  6.662   -3.179  1.00 6.51  ? 106 TRP B C   1 
ATOM   869  O O   . TRP A 1 100 ? -0.056  6.113   -2.561  1.00 7.31  ? 106 TRP B O   1 
ATOM   870  C CB  . TRP A 1 100 ? -0.084  9.041   -2.738  1.00 7.30  ? 106 TRP B CB  1 
ATOM   871  C CG  . TRP A 1 100 ? -0.480  10.476  -2.492  1.00 7.40  ? 106 TRP B CG  1 
ATOM   872  C CD1 . TRP A 1 100 ? -0.607  11.477  -3.416  1.00 8.75  ? 106 TRP B CD1 1 
ATOM   873  C CD2 . TRP A 1 100 ? -0.836  11.081  -1.219  1.00 7.77  ? 106 TRP B CD2 1 
ATOM   874  N NE1 . TRP A 1 100 ? -1.095  12.630  -2.835  1.00 8.42  ? 106 TRP B NE1 1 
ATOM   875  C CE2 . TRP A 1 100 ? -1.232  12.407  -1.492  1.00 8.68  ? 106 TRP B CE2 1 
ATOM   876  C CE3 . TRP A 1 100 ? -0.925  10.621  0.110   1.00 8.61  ? 106 TRP B CE3 1 
ATOM   877  C CZ2 . TRP A 1 100 ? -1.682  13.243  -0.453  1.00 9.78  ? 106 TRP B CZ2 1 
ATOM   878  C CZ3 . TRP A 1 100 ? -1.354  11.472  1.113   1.00 9.73  ? 106 TRP B CZ3 1 
ATOM   879  C CH2 . TRP A 1 100 ? -1.778  12.737  0.815   1.00 9.90  ? 106 TRP B CH2 1 
ATOM   880  N N   . THR A 1 101 ? -1.679  6.072   -4.137  1.00 6.39  ? 107 THR B N   1 
ATOM   881  C CA  . THR A 1 101 ? -1.720  4.600   -4.287  1.00 6.81  ? 107 THR B CA  1 
ATOM   882  C C   . THR A 1 101 ? -1.773  4.234   -5.779  1.00 6.53  ? 107 THR B C   1 
ATOM   883  O O   . THR A 1 101 ? -2.235  5.021   -6.626  1.00 6.97  ? 107 THR B O   1 
ATOM   884  C CB  . THR A 1 101 ? -2.923  3.977   -3.571  1.00 7.24  ? 107 THR B CB  1 
ATOM   885  O OG1 . THR A 1 101 ? -4.150  4.409   -4.129  1.00 8.16  ? 107 THR B OG1 1 
ATOM   886  C CG2 . THR A 1 101 ? -2.868  4.229   -2.079  1.00 7.66  ? 107 THR B CG2 1 
ATOM   887  N N   . ILE A 1 102 ? -1.379  2.990   -6.024  1.00 6.96  ? 108 ILE B N   1 
ATOM   888  C CA  . ILE A 1 102 ? -1.679  2.293   -7.316  1.00 6.94  ? 108 ILE B CA  1 
ATOM   889  C C   . ILE A 1 102 ? -2.331  0.966   -6.956  1.00 7.37  ? 108 ILE B C   1 
ATOM   890  O O   . ILE A 1 102 ? -2.251  0.480   -5.788  1.00 7.49  ? 108 ILE B O   1 
ATOM   891  C CB  . ILE A 1 102 ? -0.441  2.098   -8.217  1.00 7.26  ? 108 ILE B CB  1 
ATOM   892  C CG1 . ILE A 1 102 ? 0.549   1.105   -7.610  1.00 8.25  ? 108 ILE B CG1 1 
ATOM   893  C CG2 . ILE A 1 102 ? 0.215   3.447   -8.517  1.00 7.56  ? 108 ILE B CG2 1 
ATOM   894  C CD1 . ILE A 1 102 ? 1.646   0.670   -8.538  1.00 8.62  ? 108 ILE B CD1 1 
ATOM   895  N N   . TRP A 1 103 ? -2.952  0.329   -7.938  1.00 7.19  ? 109 TRP B N   1 
ATOM   896  C CA  . TRP A 1 103 ? -3.621  -0.966  -7.717  1.00 7.91  ? 109 TRP B CA  1 
ATOM   897  C C   . TRP A 1 103 ? -3.560  -1.826  -8.945  1.00 7.61  ? 109 TRP B C   1 
ATOM   898  O O   . TRP A 1 103 ? -3.384  -1.368  -10.111 1.00 8.12  ? 109 TRP B O   1 
ATOM   899  C CB  . TRP A 1 103 ? -5.019  -0.821  -7.214  1.00 10.19 ? 109 TRP B CB  1 
ATOM   900  C CG  . TRP A 1 103 ? -5.945  -0.106  -8.089  1.00 11.33 ? 109 TRP B CG  1 
ATOM   901  C CD1 . TRP A 1 103 ? -6.536  -0.575  -9.210  1.00 11.43 ? 109 TRP B CD1 1 
ATOM   902  C CD2 . TRP A 1 103 ? -6.542  1.162   -7.831  1.00 11.85 ? 109 TRP B CD2 1 
ATOM   903  N NE1 . TRP A 1 103 ? -7.479  0.309   -9.662  1.00 14.06 ? 109 TRP B NE1 1 
ATOM   904  C CE2 . TRP A 1 103 ? -7.512  1.397   -8.838  1.00 12.68 ? 109 TRP B CE2 1 
ATOM   905  C CE3 . TRP A 1 103 ? -6.378  2.113   -6.841  1.00 14.38 ? 109 TRP B CE3 1 
ATOM   906  C CZ2 . TRP A 1 103 ? -8.272  2.575   -8.901  1.00 15.82 ? 109 TRP B CZ2 1 
ATOM   907  C CZ3 . TRP A 1 103 ? -7.125  3.257   -6.891  1.00 15.19 ? 109 TRP B CZ3 1 
ATOM   908  C CH2 . TRP A 1 103 ? -8.059  3.474   -7.887  1.00 14.89 ? 109 TRP B CH2 1 
ATOM   909  N N   . LEU A 1 104 ? -3.816  -3.116  -8.688  1.00 7.33  ? 110 LEU B N   1 
ATOM   910  C CA  . LEU A 1 104 ? -4.149  -4.139  -9.708  1.00 7.88  ? 110 LEU B CA  1 
ATOM   911  C C   . LEU A 1 104 ? -5.587  -4.532  -9.475  1.00 7.68  ? 110 LEU B C   1 
ATOM   912  O O   . LEU A 1 104 ? -6.001  -4.814  -8.342  1.00 7.96  ? 110 LEU B O   1 
ATOM   913  C CB  . LEU A 1 104 ? -3.284  -5.360  -9.518  1.00 8.47  ? 110 LEU B CB  1 
ATOM   914  C CG  . LEU A 1 104 ? -3.663  -6.584  -10.368 1.00 8.97  ? 110 LEU B CG  1 
ATOM   915  C CD1 . LEU A 1 104 ? -3.596  -6.327  -11.877 1.00 9.51  ? 110 LEU B CD1 1 
ATOM   916  C CD2 . LEU A 1 104 ? -2.797  -7.761  -10.016 1.00 10.55 ? 110 LEU B CD2 1 
ATOM   917  N N   . TRP A 1 105 ? -6.364  -4.613  -10.550 1.00 8.86  ? 111 TRP B N   1 
ATOM   918  C CA  . TRP A 1 105 ? -7.790  -5.004  -10.500 1.00 9.73  ? 111 TRP B CA  1 
ATOM   919  C C   . TRP A 1 105 ? -8.172  -5.492  -11.889 1.00 10.78 ? 111 TRP B C   1 
ATOM   920  O O   . TRP A 1 105 ? -7.995  -4.759  -12.889 1.00 11.45 ? 111 TRP B O   1 
ATOM   921  C CB  . TRP A 1 105 ? -8.644  -3.811  -10.123 1.00 12.41 ? 111 TRP B CB  1 
ATOM   922  C CG  . TRP A 1 105 ? -10.098 -4.039  -10.209 1.00 13.10 ? 111 TRP B CG  1 
ATOM   923  C CD1 . TRP A 1 105 ? -11.013 -3.437  -11.033 1.00 14.21 ? 111 TRP B CD1 1 
ATOM   924  C CD2 . TRP A 1 105 ? -10.832 -4.864  -9.309  1.00 14.59 ? 111 TRP B CD2 1 
ATOM   925  N NE1 . TRP A 1 105 ? -12.249 -3.897  -10.731 1.00 15.16 ? 111 TRP B NE1 1 
ATOM   926  C CE2 . TRP A 1 105 ? -12.188 -4.769  -9.674  1.00 13.99 ? 111 TRP B CE2 1 
ATOM   927  C CE3 . TRP A 1 105 ? -10.502 -5.675  -8.216  1.00 14.06 ? 111 TRP B CE3 1 
ATOM   928  C CZ2 . TRP A 1 105 ? -13.208 -5.467  -9.027  1.00 16.53 ? 111 TRP B CZ2 1 
ATOM   929  C CZ3 . TRP A 1 105 ? -11.505 -6.404  -7.587  1.00 17.67 ? 111 TRP B CZ3 1 
ATOM   930  C CH2 . TRP A 1 105 ? -12.841 -6.297  -7.982  1.00 16.56 ? 111 TRP B CH2 1 
ATOM   931  N N   . GLN A 1 106 ? -8.716  -6.722  -11.978 1.00 9.59  ? 112 GLN B N   1 
ATOM   932  C CA  . GLN A 1 106 ? -9.292  -7.243  -13.252 1.00 10.23 ? 112 GLN B CA  1 
ATOM   933  C C   . GLN A 1 106 ? -8.249  -7.088  -14.337 1.00 10.82 ? 112 GLN B C   1 
ATOM   934  O O   . GLN A 1 106 ? -8.612  -6.645  -15.491 1.00 13.12 ? 112 GLN B O   1 
ATOM   935  C CB  . GLN A 1 106 ? -10.607 -6.577  -13.580 1.00 11.73 ? 112 GLN B CB  1 
ATOM   936  C CG  . GLN A 1 106 ? -11.585 -6.869  -12.490 1.00 12.59 ? 112 GLN B CG  1 
ATOM   937  C CD  . GLN A 1 106 ? -13.006 -6.467  -12.778 1.00 13.90 ? 112 GLN B CD  1 
ATOM   938  O OE1 . GLN A 1 106 ? -13.938 -6.875  -12.066 1.00 16.68 ? 112 GLN B OE1 1 
ATOM   939  N NE2 . GLN A 1 106 ? -13.216 -5.686  -13.817 1.00 12.76 ? 112 GLN B NE2 1 
ATOM   940  N N   . ASP A 1 107 ? -7.058  -7.558  -14.104 1.00 11.51 ? 113 ASP B N   1 
ATOM   941  C CA  . ASP A 1 107 ? -5.986  -7.747  -15.101 1.00 15.08 ? 113 ASP B CA  1 
ATOM   942  C C   . ASP A 1 107 ? -5.410  -6.412  -15.590 1.00 16.33 ? 113 ASP B C   1 
ATOM   943  O O   . ASP A 1 107 ? -4.553  -6.516  -16.566 1.00 20.26 ? 113 ASP B O   1 
ATOM   944  C CB  . ASP A 1 107 ? -6.504  -8.569  -16.294 1.00 18.04 ? 113 ASP B CB  1 
ATOM   945  C CG  . ASP A 1 107 ? -5.436  -9.324  -17.032 1.00 28.27 ? 113 ASP B CG  1 
ATOM   946  O OD1 . ASP A 1 107 ? -4.381  -9.624  -16.437 1.00 32.81 ? 113 ASP B OD1 1 
ATOM   947  O OD2 . ASP A 1 107 ? -5.686  -9.623  -18.218 1.00 42.26 ? 113 ASP B OD2 1 
ATOM   948  N N   . SER A 1 108 ? -5.786  -5.266  -14.998 1.00 13.02 ? 114 SER B N   1 
ATOM   949  C CA  . SER A 1 108 ? -5.140  -3.979  -15.373 1.00 14.69 ? 114 SER B CA  1 
ATOM   950  C C   . SER A 1 108 ? -4.691  -3.227  -14.125 1.00 10.98 ? 114 SER B C   1 
ATOM   951  O O   . SER A 1 108 ? -5.205  -3.419  -12.969 1.00 11.93 ? 114 SER B O   1 
ATOM   952  C CB  . SER A 1 108 ? -6.034  -3.237  -16.337 1.00 17.29 ? 114 SER B CB  1 
ATOM   953  O OG  . SER A 1 108 ? -7.075  -2.676  -15.668 1.00 21.76 ? 114 SER B OG  1 
ATOM   954  N N   . TYR A 1 109 ? -3.764  -2.321  -14.348 1.00 9.39  ? 115 TYR B N   1 
ATOM   955  C CA  . TYR A 1 109 ? -3.127  -1.492  -13.298 1.00 8.73  ? 115 TYR B CA  1 
ATOM   956  C C   . TYR A 1 109 ? -3.572  -0.060  -13.445 1.00 8.66  ? 115 TYR B C   1 
ATOM   957  O O   . TYR A 1 109 ? -3.628  0.456   -14.584 1.00 9.12  ? 115 TYR B O   1 
ATOM   958  C CB  . TYR A 1 109 ? -1.620  -1.638  -13.381 1.00 9.68  ? 115 TYR B CB  1 
ATOM   959  C CG  . TYR A 1 109 ? -1.086  -3.045  -13.184 1.00 9.75  ? 115 TYR B CG  1 
ATOM   960  C CD1 . TYR A 1 109 ? -0.910  -3.913  -14.264 1.00 10.27 ? 115 TYR B CD1 1 
ATOM   961  C CD2 . TYR A 1 109 ? -0.701  -3.483  -11.941 1.00 9.49  ? 115 TYR B CD2 1 
ATOM   962  C CE1 . TYR A 1 109 ? -0.398  -5.189  -14.068 1.00 11.13 ? 115 TYR B CE1 1 
ATOM   963  C CE2 . TYR A 1 109 ? -0.183  -4.749  -11.743 1.00 10.00 ? 115 TYR B CE2 1 
ATOM   964  C CZ  . TYR A 1 109 ? -0.039  -5.606  -12.812 1.00 9.90  ? 115 TYR B CZ  1 
ATOM   965  O OH  . TYR A 1 109 ? 0.434   -6.896  -12.704 1.00 11.38 ? 115 TYR B OH  1 
ATOM   966  N N   A GLU A 1 110 ? -3.848  0.600   -12.320 0.25 8.20  ? 116 GLU B N   1 
ATOM   967  N N   B GLU A 1 110 ? -3.977  0.575   -12.331 0.25 8.47  ? 116 GLU B N   1 
ATOM   968  C CA  A GLU A 1 110 ? -4.304  2.010   -12.358 0.25 8.32  ? 116 GLU B CA  1 
ATOM   969  C CA  B GLU A 1 110 ? -4.405  1.999   -12.300 0.25 8.78  ? 116 GLU B CA  1 
ATOM   970  C C   A GLU A 1 110 ? -3.737  2.775   -11.171 0.25 7.47  ? 116 GLU B C   1 
ATOM   971  C C   B GLU A 1 110 ? -3.637  2.740   -11.200 0.25 7.59  ? 116 GLU B C   1 
ATOM   972  O O   A GLU A 1 110 ? -3.609  2.229   -10.078 0.25 7.19  ? 116 GLU B O   1 
ATOM   973  O O   B GLU A 1 110 ? -3.187  2.112   -10.195 0.25 7.18  ? 116 GLU B O   1 
ATOM   974  C CB  A GLU A 1 110 ? -5.825  2.093   -12.332 0.25 9.29  ? 116 GLU B CB  1 
ATOM   975  C CB  B GLU A 1 110 ? -5.913  2.102   -12.070 0.25 10.25 ? 116 GLU B CB  1 
ATOM   976  C CG  A GLU A 1 110 ? -6.532  1.403   -13.499 0.25 10.72 ? 116 GLU B CG  1 
ATOM   977  C CG  B GLU A 1 110 ? -6.770  1.458   -13.150 0.25 12.26 ? 116 GLU B CG  1 
ATOM   978  C CD  A GLU A 1 110 ? -8.051  1.430   -13.381 0.25 11.69 ? 116 GLU B CD  1 
ATOM   979  C CD  B GLU A 1 110 ? -7.053  2.335   -14.363 0.25 13.53 ? 116 GLU B CD  1 
ATOM   980  O OE1 A GLU A 1 110 ? -8.566  1.221   -12.263 0.25 14.49 ? 116 GLU B OE1 1 
ATOM   981  O OE1 B GLU A 1 110 ? -6.945  3.583   -14.260 0.25 16.23 ? 116 GLU B OE1 1 
ATOM   982  O OE2 A GLU A 1 110 ? -8.719  1.661   -14.417 0.25 12.36 ? 116 GLU B OE2 1 
ATOM   983  O OE2 B GLU A 1 110 ? -7.419  1.763   -15.409 0.25 18.19 ? 116 GLU B OE2 1 
ATOM   984  N N   . ALA A 1 111 ? -3.511  4.066   -11.379 1.00 7.45  ? 117 ALA B N   1 
ATOM   985  C CA  . ALA A 1 111 ? -3.134  4.973   -10.278 1.00 7.82  ? 117 ALA B CA  1 
ATOM   986  C C   . ALA A 1 111 ? -4.391  5.556   -9.675  1.00 7.57  ? 117 ALA B C   1 
ATOM   987  O O   . ALA A 1 111 ? -5.340  5.935   -10.386 1.00 8.16  ? 117 ALA B O   1 
ATOM   988  C CB  . ALA A 1 111 ? -2.222  6.102   -10.734 1.00 8.14  ? 117 ALA B CB  1 
ATOM   989  N N   . GLY A 1 112 ? -4.390  5.674   -8.337  1.00 7.85  ? 118 GLY B N   1 
ATOM   990  C CA  . GLY A 1 112 ? -5.514  6.202   -7.561  1.00 9.28  ? 118 GLY B CA  1 
ATOM   991  C C   . GLY A 1 112 ? -5.598  7.693   -7.579  1.00 9.15  ? 118 GLY B C   1 
ATOM   992  O O   . GLY A 1 112 ? -5.669  8.349   -6.545  1.00 11.98 ? 118 GLY B O   1 
ATOM   993  N N   . THR A 1 113 ? -5.604  8.323   -8.741  1.00 11.47 ? 119 THR B N   1 
ATOM   994  C CA  . THR A 1 113 ? -6.072  9.693   -8.929  1.00 12.14 ? 119 THR B CA  1 
ATOM   995  C C   . THR A 1 113 ? -7.590  9.723   -8.983  1.00 11.90 ? 119 THR B C   1 
ATOM   996  O O   . THR A 1 113 ? -8.203  8.688   -9.035  1.00 14.09 ? 119 THR B O   1 
ATOM   997  C CB  . THR A 1 113 ? -5.474  10.192  -10.226 1.00 10.61 ? 119 THR B CB  1 
ATOM   998  O OG1 . THR A 1 113 ? -5.776  9.309   -11.321 1.00 10.26 ? 119 THR B OG1 1 
ATOM   999  C CG2 . THR A 1 113 ? -3.991  10.340  -10.170 1.00 11.49 ? 119 THR B CG2 1 
ATOM   1000 N N   . SER A 1 114 ? -8.193  10.915  -9.041  1.00 15.41 ? 120 SER B N   1 
ATOM   1001 C CA  . SER A 1 114 ? -9.661  11.043  -9.181  1.00 17.68 ? 120 SER B CA  1 
ATOM   1002 C C   . SER A 1 114 ? -9.984  11.903  -10.408 1.00 19.24 ? 120 SER B C   1 
ATOM   1003 O O   . SER A 1 114 ? -9.658  13.090  -10.435 1.00 21.75 ? 120 SER B O   1 
ATOM   1004 C CB  . SER A 1 114 ? -10.329 11.553  -7.893  1.00 21.70 ? 120 SER B CB  1 
ATOM   1005 O OG  . SER A 1 114 ? -11.752 11.674  -8.074  1.00 24.75 ? 120 SER B OG  1 
ATOM   1006 N N   . PRO A 1 115 ? -10.469 11.293  -11.512 1.00 16.95 ? 121 PRO B N   1 
ATOM   1007 C CA  . PRO A 1 115 ? -10.690 9.859   -11.634 1.00 16.17 ? 121 PRO B CA  1 
ATOM   1008 C C   . PRO A 1 115 ? -9.351  9.106   -11.816 1.00 13.25 ? 121 PRO B C   1 
ATOM   1009 O O   . PRO A 1 115 ? -8.329  9.697   -12.054 1.00 12.50 ? 121 PRO B O   1 
ATOM   1010 C CB  . PRO A 1 115 ? -11.575 9.705   -12.872 1.00 19.84 ? 121 PRO B CB  1 
ATOM   1011 C CG  . PRO A 1 115 ? -11.098 10.835  -13.726 1.00 20.27 ? 121 PRO B CG  1 
ATOM   1012 C CD  . PRO A 1 115 ? -10.812 11.995  -12.773 1.00 19.86 ? 121 PRO B CD  1 
ATOM   1013 N N   . GLN A 1 116 ? -9.423  7.794   -11.775 1.00 12.36 ? 122 GLN B N   1 
ATOM   1014 C CA  . GLN A 1 116 ? -8.213  6.941   -11.816 1.00 11.77 ? 122 GLN B CA  1 
ATOM   1015 C C   . GLN A 1 116 ? -7.519  7.034   -13.184 1.00 10.41 ? 122 GLN B C   1 
ATOM   1016 O O   . GLN A 1 116 ? -8.214  7.315   -14.200 1.00 11.66 ? 122 GLN B O   1 
ATOM   1017 C CB  . GLN A 1 116 ? -8.543  5.494   -11.441 1.00 15.69 ? 122 GLN B CB  1 
ATOM   1018 C CG  . GLN A 1 116 ? -9.421  4.758   -12.431 1.00 23.38 ? 122 GLN B CG  1 
ATOM   1019 C CD  . GLN A 1 116 ? -10.867 4.660   -12.009 1.00 31.31 ? 122 GLN B CD  1 
ATOM   1020 O OE1 . GLN A 1 116 ? -11.474 5.606   -11.500 1.00 37.33 ? 122 GLN B OE1 1 
ATOM   1021 N NE2 . GLN A 1 116 ? -11.443 3.495   -12.279 1.00 38.49 ? 122 GLN B NE2 1 
ATOM   1022 N N   . THR A 1 117 ? -6.246  6.751   -13.193 1.00 8.98  ? 123 THR B N   1 
ATOM   1023 C CA  . THR A 1 117 ? -5.414  6.846   -14.400 1.00 9.16  ? 123 THR B CA  1 
ATOM   1024 C C   . THR A 1 117 ? -4.905  5.477   -14.781 1.00 8.98  ? 123 THR B C   1 
ATOM   1025 O O   . THR A 1 117 ? -4.289  4.779   -13.982 1.00 9.93  ? 123 THR B O   1 
ATOM   1026 C CB  . THR A 1 117 ? -4.231  7.783   -14.135 1.00 9.28  ? 123 THR B CB  1 
ATOM   1027 O OG1 . THR A 1 117 ? -4.720  9.088   -13.788 1.00 9.78  ? 123 THR B OG1 1 
ATOM   1028 C CG2 . THR A 1 117 ? -3.313  7.896   -15.332 1.00 9.78  ? 123 THR B CG2 1 
ATOM   1029 N N   . THR A 1 118 ? -5.068  5.144   -16.058 1.00 9.20  ? 124 THR B N   1 
ATOM   1030 C CA  . THR A 1 118 ? -4.532  3.896   -16.645 1.00 9.58  ? 124 THR B CA  1 
ATOM   1031 C C   . THR A 1 118 ? -3.007  3.846   -16.576 1.00 8.91  ? 124 THR B C   1 
ATOM   1032 O O   . THR A 1 118 ? -2.344  4.870   -16.951 1.00 10.82 ? 124 THR B O   1 
ATOM   1033 C CB  . THR A 1 118 ? -5.038  3.781   -18.086 1.00 11.20 ? 124 THR B CB  1 
ATOM   1034 O OG1 . THR A 1 118 ? -6.457  3.693   -18.054 1.00 13.32 ? 124 THR B OG1 1 
ATOM   1035 C CG2 . THR A 1 118 ? -4.376  2.642   -18.839 1.00 13.26 ? 124 THR B CG2 1 
ATOM   1036 N N   . LEU A 1 119 ? -2.446  2.758   -16.109 1.00 8.11  ? 125 LEU B N   1 
ATOM   1037 C CA  . LEU A 1 119 ? -1.013  2.536   -16.130 1.00 8.22  ? 125 LEU B CA  1 
ATOM   1038 C C   . LEU A 1 119 ? -0.627  1.642   -17.313 1.00 9.51  ? 125 LEU B C   1 
ATOM   1039 O O   . LEU A 1 119 ? -1.506  0.905   -17.841 1.00 12.02 ? 125 LEU B O   1 
ATOM   1040 C CB  . LEU A 1 119 ? -0.519  1.912   -14.813 1.00 8.15  ? 125 LEU B CB  1 
ATOM   1041 C CG  . LEU A 1 119 ? -0.824  2.742   -13.570 1.00 7.72  ? 125 LEU B CG  1 
ATOM   1042 C CD1 . LEU A 1 119 ? -0.466  1.999   -12.292 1.00 8.45  ? 125 LEU B CD1 1 
ATOM   1043 C CD2 . LEU A 1 119 ? -0.117  4.083   -13.624 1.00 8.70  ? 125 LEU B CD2 1 
ATOM   1044 N N   . HIS A 1 120 ? 0.607   1.727   -17.763 1.00 9.14  ? 126 HIS B N   1 
ATOM   1045 C CA  . HIS A 1 120 ? 1.122   1.030   -18.976 1.00 10.03 ? 126 HIS B CA  1 
ATOM   1046 C C   . HIS A 1 120 ? 2.247   0.138   -18.512 1.00 10.88 ? 126 HIS B C   1 
ATOM   1047 O O   . HIS A 1 120 ? 3.386   0.581   -18.267 1.00 13.74 ? 126 HIS B O   1 
ATOM   1048 C CB  . HIS A 1 120 ? 1.619   2.050   -20.016 1.00 10.78 ? 126 HIS B CB  1 
ATOM   1049 C CG  . HIS A 1 120 ? 0.546   2.951   -20.477 1.00 10.96 ? 126 HIS B CG  1 
ATOM   1050 N ND1 . HIS A 1 120 ? 0.387   4.236   -19.951 1.00 12.84 ? 126 HIS B ND1 1 
ATOM   1051 C CD2 . HIS A 1 120 ? -0.431  2.779   -21.357 1.00 12.08 ? 126 HIS B CD2 1 
ATOM   1052 C CE1 . HIS A 1 120 ? -0.664  4.788   -20.505 1.00 13.21 ? 126 HIS B CE1 1 
ATOM   1053 N NE2 . HIS A 1 120 ? -1.186  3.941   -21.392 1.00 12.73 ? 126 HIS B NE2 1 
ATOM   1054 N N   . ILE A 1 121 ? 1.957   -1.139  -18.315 1.00 12.33 ? 127 ILE B N   1 
ATOM   1055 C CA  . ILE A 1 121 ? 2.889   -2.141  -17.729 1.00 14.68 ? 127 ILE B CA  1 
ATOM   1056 C C   . ILE A 1 121 ? 2.951   -3.351  -18.691 1.00 14.25 ? 127 ILE B C   1 
ATOM   1057 O O   . ILE A 1 121 ? 1.940   -4.026  -18.910 1.00 19.89 ? 127 ILE B O   1 
ATOM   1058 C CB  . ILE A 1 121 ? 2.494   -2.541  -16.287 1.00 15.88 ? 127 ILE B CB  1 
ATOM   1059 C CG1 . ILE A 1 121 ? 2.575   -1.337  -15.330 1.00 15.25 ? 127 ILE B CG1 1 
ATOM   1060 C CG2 . ILE A 1 121 ? 3.319   -3.763  -15.859 1.00 19.26 ? 127 ILE B CG2 1 
ATOM   1061 C CD1 . ILE A 1 121 ? 2.183   -1.565  -13.886 1.00 15.84 ? 127 ILE B CD1 1 
ATOM   1062 N N   . GLN A 1 122 ? 4.081   -3.527  -19.336 1.00 16.62 ? 128 GLN B N   1 
ATOM   1063 C CA  . GLN A 1 122 ? 4.314   -4.639  -20.297 1.00 17.29 ? 128 GLN B CA  1 
ATOM   1064 C C   . GLN A 1 122 ? 4.732   -5.894  -19.534 1.00 17.10 ? 128 GLN B C   1 
ATOM   1065 O O   . GLN A 1 122 ? 4.393   -7.015  -20.001 1.00 18.40 ? 128 GLN B O   1 
ATOM   1066 C CB  . GLN A 1 122 ? 5.441   -4.211  -21.245 1.00 19.25 ? 128 GLN B CB  1 
ATOM   1067 C CG  . GLN A 1 122 ? 5.874   -5.258  -22.279 1.00 24.66 ? 128 GLN B CG  1 
ATOM   1068 C CD  . GLN A 1 122 ? 4.774   -5.671  -23.234 1.00 28.81 ? 128 GLN B CD  1 
ATOM   1069 O OE1 . GLN A 1 122 ? 3.868   -4.899  -23.553 1.00 35.15 ? 128 GLN B OE1 1 
ATOM   1070 N NE2 . GLN A 1 122 ? 4.858   -6.902  -23.721 1.00 31.97 ? 128 GLN B NE2 1 
ATOM   1071 N N   . VAL A 1 123 ? 5.432   -5.744  -18.411 1.00 15.14 ? 129 VAL B N   1 
ATOM   1072 C CA  . VAL A 1 123 ? 5.971   -6.885  -17.609 1.00 13.74 ? 129 VAL B CA  1 
ATOM   1073 C C   . VAL A 1 123 ? 5.258   -6.891  -16.262 1.00 13.76 ? 129 VAL B C   1 
ATOM   1074 O O   . VAL A 1 123 ? 5.610   -6.073  -15.379 1.00 13.00 ? 129 VAL B O   1 
ATOM   1075 C CB  . VAL A 1 123 ? 7.485   -6.766  -17.427 1.00 15.24 ? 129 VAL B CB  1 
ATOM   1076 C CG1 . VAL A 1 123 ? 8.017   -7.887  -16.522 1.00 17.25 ? 129 VAL B CG1 1 
ATOM   1077 C CG2 . VAL A 1 123 ? 8.203   -6.799  -18.773 1.00 17.76 ? 129 VAL B CG2 1 
ATOM   1078 N N   . PRO A 1 124 ? 4.204   -7.711  -16.053 1.00 12.39 ? 130 PRO B N   1 
ATOM   1079 C CA  . PRO A 1 124 ? 3.474   -7.625  -14.776 1.00 12.81 ? 130 PRO B CA  1 
ATOM   1080 C C   . PRO A 1 124 ? 4.418   -7.800  -13.606 1.00 12.21 ? 130 PRO B C   1 
ATOM   1081 O O   . PRO A 1 124 ? 5.228   -8.732  -13.545 1.00 12.72 ? 130 PRO B O   1 
ATOM   1082 C CB  . PRO A 1 124 ? 2.488   -8.789  -14.862 1.00 14.99 ? 130 PRO B CB  1 
ATOM   1083 C CG  . PRO A 1 124 ? 2.238   -8.875  -16.377 1.00 16.06 ? 130 PRO B CG  1 
ATOM   1084 C CD  . PRO A 1 124 ? 3.581   -8.644  -17.024 1.00 14.84 ? 130 PRO B CD  1 
ATOM   1085 N N   . PRO A 1 125 ? 4.420   -6.876  -12.622 1.00 11.68 ? 131 PRO B N   1 
ATOM   1086 C CA  . PRO A 1 125 ? 5.375   -6.932  -11.540 1.00 10.93 ? 131 PRO B CA  1 
ATOM   1087 C C   . PRO A 1 125 ? 5.064   -8.029  -10.513 1.00 10.23 ? 131 PRO B C   1 
ATOM   1088 O O   . PRO A 1 125 ? 3.929   -8.162  -10.116 1.00 11.37 ? 131 PRO B O   1 
ATOM   1089 C CB  . PRO A 1 125 ? 5.309   -5.507  -10.940 1.00 11.03 ? 131 PRO B CB  1 
ATOM   1090 C CG  . PRO A 1 125 ? 3.984   -5.048  -11.278 1.00 12.80 ? 131 PRO B CG  1 
ATOM   1091 C CD  . PRO A 1 125 ? 3.705   -5.594  -12.648 1.00 11.52 ? 131 PRO B CD  1 
ATOM   1092 N N   . CYS A 1 126 ? 6.107   -8.696  -10.061 1.00 10.94 ? 132 CYS B N   1 
ATOM   1093 C CA  . CYS A 1 126 ? 6.050   -9.522  -8.835  1.00 10.45 ? 132 CYS B CA  1 
ATOM   1094 C C   . CYS A 1 126 ? 6.491   -8.767  -7.594  1.00 10.28 ? 132 CYS B C   1 
ATOM   1095 O O   . CYS A 1 126 ? 6.175   -9.191  -6.484  1.00 9.88  ? 132 CYS B O   1 
ATOM   1096 C CB  . CYS A 1 126 ? 6.895   -10.778 -8.967  1.00 13.08 ? 132 CYS B CB  1 
ATOM   1097 S SG  . CYS A 1 126 ? 6.417   -11.864 -10.343 1.00 19.69 ? 132 CYS B SG  1 
ATOM   1098 N N   A GLN A 1 127 ? 7.342   -7.729  -7.726  0.25 9.93  ? 133 GLN B N   1 
ATOM   1099 N N   B GLN A 1 127 ? 7.091   -7.604  -7.815  0.25 10.52 ? 133 GLN B N   1 
ATOM   1100 C CA  A GLN A 1 127 ? 7.659   -6.797  -6.600  0.25 9.97  ? 133 GLN B CA  1 
ATOM   1101 C CA  B GLN A 1 127 ? 7.674   -6.782  -6.732  0.25 11.22 ? 133 GLN B CA  1 
ATOM   1102 C C   A GLN A 1 127 ? 7.597   -5.338  -7.082  0.25 9.21  ? 133 GLN B C   1 
ATOM   1103 C C   B GLN A 1 127 ? 7.501   -5.316  -7.141  0.25 9.78  ? 133 GLN B C   1 
ATOM   1104 O O   A GLN A 1 127 ? 8.079   -5.040  -8.209  0.25 8.56  ? 133 GLN B O   1 
ATOM   1105 O O   B GLN A 1 127 ? 7.653   -5.016  -8.338  0.25 9.06  ? 133 GLN B O   1 
ATOM   1106 C CB  A GLN A 1 127 ? 9.028   -7.010  -5.937  0.25 11.03 ? 133 GLN B CB  1 
ATOM   1107 C CB  B GLN A 1 127 ? 9.122   -7.213  -6.497  0.25 13.67 ? 133 GLN B CB  1 
ATOM   1108 C CG  A GLN A 1 127 ? 9.295   -8.405  -5.386  0.25 11.66 ? 133 GLN B CG  1 
ATOM   1109 C CG  B GLN A 1 127 ? 9.261   -8.581  -5.849  0.25 15.86 ? 133 GLN B CG  1 
ATOM   1110 C CD  A GLN A 1 127 ? 9.808   -9.356  -6.443  0.25 12.91 ? 133 GLN B CD  1 
ATOM   1111 C CD  B GLN A 1 127 ? 10.578  -8.768  -5.139  0.25 18.02 ? 133 GLN B CD  1 
ATOM   1112 O OE1 A GLN A 1 127 ? 10.543  -8.981  -7.350  0.25 13.87 ? 133 GLN B OE1 1 
ATOM   1113 O OE1 B GLN A 1 127 ? 11.485  -7.950  -5.247  0.25 22.79 ? 133 GLN B OE1 1 
ATOM   1114 N NE2 A GLN A 1 127 ? 9.414   -10.618 -6.339  0.25 13.18 ? 133 GLN B NE2 1 
ATOM   1115 N NE2 B GLN A 1 127 ? 10.691  -9.865  -4.419  0.25 20.00 ? 133 GLN B NE2 1 
ATOM   1116 N N   . ILE A 1 128 ? 7.084   -4.484  -6.187  1.00 9.31  ? 134 ILE B N   1 
ATOM   1117 C CA  . ILE A 1 128 ? 6.827   -3.033  -6.393  1.00 9.50  ? 134 ILE B CA  1 
ATOM   1118 C C   . ILE A 1 128 ? 7.797   -2.310  -5.450  1.00 9.16  ? 134 ILE B C   1 
ATOM   1119 O O   . ILE A 1 128 ? 7.812   -2.599  -4.232  1.00 9.36  ? 134 ILE B O   1 
ATOM   1120 C CB  . ILE A 1 128 ? 5.354   -2.705  -6.090  1.00 10.12 ? 134 ILE B CB  1 
ATOM   1121 C CG1 . ILE A 1 128 ? 4.309   -3.455  -6.947  1.00 12.65 ? 134 ILE B CG1 1 
ATOM   1122 C CG2 . ILE A 1 128 ? 5.142   -1.179  -6.193  1.00 11.11 ? 134 ILE B CG2 1 
ATOM   1123 C CD1 . ILE A 1 128 ? 4.324   -3.056  -8.372  1.00 13.07 ? 134 ILE B CD1 1 
ATOM   1124 N N   . GLY A 1 129 ? 8.476   -1.274  -5.962  1.00 8.80  ? 135 GLY B N   1 
ATOM   1125 C CA  . GLY A 1 129 ? 9.227   -0.313  -5.138  1.00 8.45  ? 135 GLY B CA  1 
ATOM   1126 C C   . GLY A 1 129 ? 8.453   0.975   -4.981  1.00 8.16  ? 135 GLY B C   1 
ATOM   1127 O O   . GLY A 1 129 ? 7.819   1.434   -5.928  1.00 9.10  ? 135 GLY B O   1 
ATOM   1128 N N   . ILE A 1 130 ? 8.425   1.512   -3.773  1.00 8.30  ? 136 ILE B N   1 
ATOM   1129 C CA  . ILE A 1 130 ? 7.688   2.761   -3.424  1.00 8.33  ? 136 ILE B CA  1 
ATOM   1130 C C   . ILE A 1 130 ? 8.681   3.747   -2.844  1.00 8.82  ? 136 ILE B C   1 
ATOM   1131 O O   . ILE A 1 130 ? 9.415   3.409   -1.897  1.00 8.82  ? 136 ILE B O   1 
ATOM   1132 C CB  . ILE A 1 130 ? 6.579   2.462   -2.416  1.00 8.88  ? 136 ILE B CB  1 
ATOM   1133 C CG1 . ILE A 1 130 ? 5.622   1.410   -2.987  1.00 9.70  ? 136 ILE B CG1 1 
ATOM   1134 C CG2 . ILE A 1 130 ? 5.822   3.741   -2.052  1.00 9.80  ? 136 ILE B CG2 1 
ATOM   1135 C CD1 . ILE A 1 130 ? 4.582   0.977   -2.077  1.00 12.50 ? 136 ILE B CD1 1 
ATOM   1136 N N   . PHE A 1 131 ? 8.769   4.911   -3.474  1.00 8.33  ? 137 PHE B N   1 
ATOM   1137 C CA  . PHE A 1 131 ? 9.667   6.017   -3.065  1.00 8.28  ? 137 PHE B CA  1 
ATOM   1138 C C   . PHE A 1 131 ? 8.828   7.226   -2.682  1.00 7.66  ? 137 PHE B C   1 
ATOM   1139 O O   . PHE A 1 131 ? 7.953   7.646   -3.429  1.00 8.68  ? 137 PHE B O   1 
ATOM   1140 C CB  . PHE A 1 131 ? 10.598  6.373   -4.206  1.00 9.16  ? 137 PHE B CB  1 
ATOM   1141 C CG  . PHE A 1 131 ? 11.479  7.549   -3.919  1.00 10.69 ? 137 PHE B CG  1 
ATOM   1142 C CD1 . PHE A 1 131 ? 12.473  7.467   -2.979  1.00 11.64 ? 137 PHE B CD1 1 
ATOM   1143 C CD2 . PHE A 1 131 ? 11.345  8.744   -4.596  1.00 11.97 ? 137 PHE B CD2 1 
ATOM   1144 C CE1 . PHE A 1 131 ? 13.303  8.556   -2.711  1.00 13.62 ? 137 PHE B CE1 1 
ATOM   1145 C CE2 . PHE A 1 131 ? 12.163  9.841   -4.314  1.00 14.15 ? 137 PHE B CE2 1 
ATOM   1146 C CZ  . PHE A 1 131 ? 13.149  9.710   -3.397  1.00 13.46 ? 137 PHE B CZ  1 
ATOM   1147 N N   . VAL A 1 132 ? 9.113   7.794   -1.501  1.00 8.19  ? 138 VAL B N   1 
ATOM   1148 C CA  . VAL A 1 132 ? 8.468   9.015   -0.992  1.00 8.58  ? 138 VAL B CA  1 
ATOM   1149 C C   . VAL A 1 132 ? 9.558   10.052  -0.746  1.00 7.96  ? 138 VAL B C   1 
ATOM   1150 O O   . VAL A 1 132 ? 10.510  9.800   0.002   1.00 9.38  ? 138 VAL B O   1 
ATOM   1151 C CB  . VAL A 1 132 ? 7.643   8.765   0.261   1.00 9.21  ? 138 VAL B CB  1 
ATOM   1152 C CG1 . VAL A 1 132 ? 7.023   10.053  0.768   1.00 11.01 ? 138 VAL B CG1 1 
ATOM   1153 C CG2 . VAL A 1 132 ? 6.603   7.662   0.043   1.00 10.24 ? 138 VAL B CG2 1 
ATOM   1154 N N   . ASP A 1 133 ? 9.391   11.213  -1.359  1.00 8.26  ? 139 ASP B N   1 
ATOM   1155 C CA  . ASP A 1 133 ? 10.200  12.419  -1.037  1.00 9.49  ? 139 ASP B CA  1 
ATOM   1156 C C   . ASP A 1 133 ? 9.267   13.431  -0.404  1.00 8.54  ? 139 ASP B C   1 
ATOM   1157 O O   . ASP A 1 133 ? 8.482   14.079  -1.064  1.00 9.17  ? 139 ASP B O   1 
ATOM   1158 C CB  . ASP A 1 133 ? 10.900  12.957  -2.262  1.00 11.04 ? 139 ASP B CB  1 
ATOM   1159 C CG  . ASP A 1 133 ? 11.810  14.167  -2.033  1.00 11.92 ? 139 ASP B CG  1 
ATOM   1160 O OD1 . ASP A 1 133 ? 11.641  14.850  -1.006  1.00 12.63 ? 139 ASP B OD1 1 
ATOM   1161 O OD2 . ASP A 1 133 ? 12.720  14.319  -2.913  1.00 15.74 ? 139 ASP B OD2 1 
ATOM   1162 N N   . TYR A 1 134 ? 9.334   13.513  0.936   1.00 9.51  ? 140 TYR B N   1 
ATOM   1163 C CA  . TYR A 1 134 ? 8.367   14.330  1.697   1.00 9.82  ? 140 TYR B CA  1 
ATOM   1164 C C   . TYR A 1 134 ? 8.487   15.797  1.279   1.00 9.56  ? 140 TYR B C   1 
ATOM   1165 O O   . TYR A 1 134 ? 7.533   16.442  0.958   1.00 10.62 ? 140 TYR B O   1 
ATOM   1166 C CB  . TYR A 1 134 ? 8.516   14.146  3.213   1.00 9.60  ? 140 TYR B CB  1 
ATOM   1167 C CG  . TYR A 1 134 ? 7.293   14.641  3.954   1.00 9.62  ? 140 TYR B CG  1 
ATOM   1168 C CD1 . TYR A 1 134 ? 7.033   16.004  4.143   1.00 10.04 ? 140 TYR B CD1 1 
ATOM   1169 C CD2 . TYR A 1 134 ? 6.325   13.744  4.400   1.00 9.48  ? 140 TYR B CD2 1 
ATOM   1170 C CE1 . TYR A 1 134 ? 5.865   16.443  4.729   1.00 9.22  ? 140 TYR B CE1 1 
ATOM   1171 C CE2 . TYR A 1 134 ? 5.154   14.162  5.019   1.00 9.62  ? 140 TYR B CE2 1 
ATOM   1172 C CZ  . TYR A 1 134 ? 4.907   15.515  5.153   1.00 8.66  ? 140 TYR B CZ  1 
ATOM   1173 O OH  . TYR A 1 134 ? 3.762   15.985  5.729   1.00 9.81  ? 140 TYR B OH  1 
ATOM   1174 N N   . GLU A 1 135 ? 9.712   16.293  1.295   1.00 10.90 ? 141 GLU B N   1 
ATOM   1175 C CA  . GLU A 1 135 ? 9.945   17.744  1.041   1.00 11.82 ? 141 GLU B CA  1 
ATOM   1176 C C   . GLU A 1 135 ? 9.506   18.095  -0.372  1.00 11.88 ? 141 GLU B C   1 
ATOM   1177 O O   . GLU A 1 135 ? 8.834   19.111  -0.570  1.00 13.37 ? 141 GLU B O   1 
ATOM   1178 C CB  . GLU A 1 135 ? 11.413  18.109  1.214   1.00 13.94 ? 141 GLU B CB  1 
ATOM   1179 C CG  . GLU A 1 135 ? 11.901  18.150  2.648   1.00 20.81 ? 141 GLU B CG  1 
ATOM   1180 C CD  . GLU A 1 135 ? 11.473  17.115  3.623   1.00 26.87 ? 141 GLU B CD  1 
ATOM   1181 O OE1 . GLU A 1 135 ? 10.806  17.458  4.572   1.00 20.35 ? 141 GLU B OE1 1 
ATOM   1182 O OE2 . GLU A 1 135 ? 11.827  15.954  3.401   1.00 29.47 ? 141 GLU B OE2 1 
ATOM   1183 N N   . ALA A 1 136 ? 9.812   17.268  -1.372  1.00 10.55 ? 142 ALA B N   1 
ATOM   1184 C CA  . ALA A 1 136 ? 9.509   17.545  -2.767  1.00 11.49 ? 142 ALA B CA  1 
ATOM   1185 C C   . ALA A 1 136 ? 8.011   17.339  -3.041  1.00 11.78 ? 142 ALA B C   1 
ATOM   1186 O O   . ALA A 1 136 ? 7.516   17.833  -4.067  1.00 13.77 ? 142 ALA B O   1 
ATOM   1187 C CB  . ALA A 1 136 ? 10.342  16.686  -3.689  1.00 13.63 ? 142 ALA B CB  1 
ATOM   1188 N N   . GLY A 1 137 ? 7.277   16.598  -2.227  1.00 10.10 ? 143 GLY B N   1 
ATOM   1189 C CA  . GLY A 1 137 ? 5.881   16.276  -2.538  1.00 9.55  ? 143 GLY B CA  1 
ATOM   1190 C C   . GLY A 1 137 ? 5.747   15.231  -3.656  1.00 8.44  ? 143 GLY B C   1 
ATOM   1191 O O   . GLY A 1 137 ? 4.955   15.446  -4.574  1.00 9.84  ? 143 GLY B O   1 
ATOM   1192 N N   . VAL A 1 138 ? 6.537   14.163  -3.562  1.00 8.65  ? 144 VAL B N   1 
ATOM   1193 C CA  . VAL A 1 138 ? 6.595   13.108  -4.624  1.00 8.95  ? 144 VAL B CA  1 
ATOM   1194 C C   . VAL A 1 138 ? 6.346   11.742  -3.999  1.00 8.31  ? 144 VAL B C   1 
ATOM   1195 O O   . VAL A 1 138 ? 6.953   11.403  -2.990  1.00 9.17  ? 144 VAL B O   1 
ATOM   1196 C CB  . VAL A 1 138 ? 7.960   13.150  -5.319  1.00 9.77  ? 144 VAL B CB  1 
ATOM   1197 C CG1 . VAL A 1 138 ? 8.155   11.903  -6.207  1.00 10.56 ? 144 VAL B CG1 1 
ATOM   1198 C CG2 . VAL A 1 138 ? 8.070   14.459  -6.112  1.00 11.27 ? 144 VAL B CG2 1 
ATOM   1199 N N   . VAL A 1 139 ? 5.556   10.940  -4.708  1.00 7.86  ? 145 VAL B N   1 
ATOM   1200 C CA  . VAL A 1 139 ? 5.405   9.483   -4.445  1.00 7.80  ? 145 VAL B CA  1 
ATOM   1201 C C   . VAL A 1 139 ? 5.581   8.769   -5.800  1.00 7.53  ? 145 VAL B C   1 
ATOM   1202 O O   . VAL A 1 139 ? 4.764   9.016   -6.692  1.00 8.15  ? 145 VAL B O   1 
ATOM   1203 C CB  . VAL A 1 139 ? 4.041   9.137   -3.812  1.00 7.70  ? 145 VAL B CB  1 
ATOM   1204 C CG1 . VAL A 1 139 ? 4.007   7.645   -3.478  1.00 8.37  ? 145 VAL B CG1 1 
ATOM   1205 C CG2 . VAL A 1 139 ? 3.737   9.958   -2.579  1.00 8.23  ? 145 VAL B CG2 1 
ATOM   1206 N N   . SER A 1 140 ? 6.560   7.903   -5.891  1.00 7.21  ? 146 SER B N   1 
ATOM   1207 C CA  . SER A 1 140 ? 6.822   7.176   -7.140  1.00 7.79  ? 146 SER B CA  1 
ATOM   1208 C C   . SER A 1 140 ? 6.820   5.663   -6.889  1.00 7.72  ? 146 SER B C   1 
ATOM   1209 O O   . SER A 1 140 ? 7.176   5.185   -5.827  1.00 8.66  ? 146 SER B O   1 
ATOM   1210 C CB  . SER A 1 140 ? 8.137   7.584   -7.766  1.00 8.10  ? 146 SER B CB  1 
ATOM   1211 O OG  . SER A 1 140 ? 8.117   8.947   -8.199  1.00 9.07  ? 146 SER B OG  1 
ATOM   1212 N N   . PHE A 1 141 ? 6.441   4.947   -7.953  1.00 7.08  ? 147 PHE B N   1 
ATOM   1213 C CA  . PHE A 1 141 ? 6.269   3.489   -7.946  1.00 7.56  ? 147 PHE B CA  1 
ATOM   1214 C C   . PHE A 1 141 ? 7.143   2.932   -9.056  1.00 7.54  ? 147 PHE B C   1 
ATOM   1215 O O   . PHE A 1 141 ? 7.093   3.426   -10.213 1.00 7.73  ? 147 PHE B O   1 
ATOM   1216 C CB  . PHE A 1 141 ? 4.793   3.114   -8.172  1.00 7.63  ? 147 PHE B CB  1 
ATOM   1217 C CG  . PHE A 1 141 ? 3.884   3.581   -7.064  1.00 7.06  ? 147 PHE B CG  1 
ATOM   1218 C CD1 . PHE A 1 141 ? 3.389   4.882   -7.040  1.00 7.44  ? 147 PHE B CD1 1 
ATOM   1219 C CD2 . PHE A 1 141 ? 3.519   2.716   -6.040  1.00 7.29  ? 147 PHE B CD2 1 
ATOM   1220 C CE1 . PHE A 1 141 ? 2.591   5.300   -5.990  1.00 7.57  ? 147 PHE B CE1 1 
ATOM   1221 C CE2 . PHE A 1 141 ? 2.713   3.159   -4.996  1.00 7.62  ? 147 PHE B CE2 1 
ATOM   1222 C CZ  . PHE A 1 141 ? 2.248   4.446   -4.971  1.00 7.48  ? 147 PHE B CZ  1 
ATOM   1223 N N   . TYR A 1 142 ? 7.808   1.815   -8.771  1.00 7.71  ? 148 TYR B N   1 
ATOM   1224 C CA  . TYR A 1 142 ? 8.839   1.191   -9.651  1.00 8.93  ? 148 TYR B CA  1 
ATOM   1225 C C   . TYR A 1 142 ? 8.512   -0.296  -9.794  1.00 8.72  ? 148 TYR B C   1 
ATOM   1226 O O   . TYR A 1 142 ? 8.145   -1.021  -8.829  1.00 9.19  ? 148 TYR B O   1 
ATOM   1227 C CB  . TYR A 1 142 ? 10.251  1.428   -9.141  1.00 9.75  ? 148 TYR B CB  1 
ATOM   1228 C CG  . TYR A 1 142 ? 10.600  2.889   -9.148  1.00 9.76  ? 148 TYR B CG  1 
ATOM   1229 C CD1 . TYR A 1 142 ? 11.041  3.545   -10.284 1.00 10.22 ? 148 TYR B CD1 1 
ATOM   1230 C CD2 . TYR A 1 142 ? 10.415  3.642   -7.995  1.00 10.05 ? 148 TYR B CD2 1 
ATOM   1231 C CE1 . TYR A 1 142 ? 11.297  4.903   -10.280 1.00 10.46 ? 148 TYR B CE1 1 
ATOM   1232 C CE2 . TYR A 1 142 ? 10.711  4.989   -7.972  1.00 10.86 ? 148 TYR B CE2 1 
ATOM   1233 C CZ  . TYR A 1 142 ? 11.162  5.624   -9.110  1.00 10.21 ? 148 TYR B CZ  1 
ATOM   1234 O OH  . TYR A 1 142 ? 11.416  6.986   -9.100  1.00 12.23 ? 148 TYR B OH  1 
ATOM   1235 N N   . ASN A 1 143 ? 8.771   -0.813  -10.989 1.00 9.32  ? 149 ASN B N   1 
ATOM   1236 C CA  . ASN A 1 143 ? 8.560   -2.244  -11.345 1.00 9.54  ? 149 ASN B CA  1 
ATOM   1237 C C   . ASN A 1 143 ? 9.867   -2.978  -11.119 1.00 9.85  ? 149 ASN B C   1 
ATOM   1238 O O   . ASN A 1 143 ? 10.795  -2.929  -11.997 1.00 11.67 ? 149 ASN B O   1 
ATOM   1239 C CB  . ASN A 1 143 ? 8.116   -2.324  -12.796 1.00 9.74  ? 149 ASN B CB  1 
ATOM   1240 C CG  . ASN A 1 143 ? 7.758   -3.730  -13.246 1.00 10.13 ? 149 ASN B CG  1 
ATOM   1241 O OD1 . ASN A 1 143 ? 8.207   -4.700  -12.593 1.00 11.58 ? 149 ASN B OD1 1 
ATOM   1242 N ND2 . ASN A 1 143 ? 6.997   -3.821  -14.286 1.00 11.17 ? 149 ASN B ND2 1 
ATOM   1243 N N   . ILE A 1 144 ? 10.050  -3.644  -9.987  1.00 10.47 ? 150 ILE B N   1 
ATOM   1244 C CA  . ILE A 1 144 ? 11.338  -4.281  -9.649  1.00 11.28 ? 150 ILE B CA  1 
ATOM   1245 C C   . ILE A 1 144 ? 11.596  -5.459  -10.604 1.00 12.73 ? 150 ILE B C   1 
ATOM   1246 O O   . ILE A 1 144 ? 12.770  -5.726  -10.951 1.00 14.80 ? 150 ILE B O   1 
ATOM   1247 C CB  . ILE A 1 144 ? 11.335  -4.723  -8.178  1.00 12.06 ? 150 ILE B CB  1 
ATOM   1248 C CG1 . ILE A 1 144 ? 11.048  -3.548  -7.231  1.00 13.56 ? 150 ILE B CG1 1 
ATOM   1249 C CG2 . ILE A 1 144 ? 12.609  -5.453  -7.820  1.00 13.85 ? 150 ILE B CG2 1 
ATOM   1250 C CD1 . ILE A 1 144 ? 11.770  -2.280  -7.562  1.00 16.96 ? 150 ILE B CD1 1 
ATOM   1251 N N   . THR A 1 145 ? 10.567  -6.136  -11.058 1.00 12.29 ? 151 THR B N   1 
ATOM   1252 C CA  . THR A 1 145 ? 10.661  -7.305  -11.976 1.00 13.11 ? 151 THR B CA  1 
ATOM   1253 C C   . THR A 1 145 ? 11.222  -6.829  -13.314 1.00 15.36 ? 151 THR B C   1 
ATOM   1254 O O   . THR A 1 145 ? 12.054  -7.568  -13.904 1.00 18.62 ? 151 THR B O   1 
ATOM   1255 C CB  . THR A 1 145 ? 9.280   -7.934  -12.162 1.00 13.05 ? 151 THR B CB  1 
ATOM   1256 O OG1 . THR A 1 145 ? 8.753   -8.238  -10.875 1.00 13.45 ? 151 THR B OG1 1 
ATOM   1257 C CG2 . THR A 1 145 ? 9.326   -9.186  -13.013 1.00 14.40 ? 151 THR B CG2 1 
ATOM   1258 N N   . ASP A 1 146 ? 10.931  -5.618  -13.760 1.00 13.69 ? 152 ASP B N   1 
ATOM   1259 C CA  . ASP A 1 146 ? 11.428  -5.022  -15.024 1.00 15.02 ? 152 ASP B CA  1 
ATOM   1260 C C   . ASP A 1 146 ? 12.558  -4.022  -14.767 1.00 15.55 ? 152 ASP B C   1 
ATOM   1261 O O   . ASP A 1 146 ? 12.454  -2.905  -15.233 1.00 17.11 ? 152 ASP B O   1 
ATOM   1262 C CB  . ASP A 1 146 ? 10.269  -4.419  -15.755 1.00 14.83 ? 152 ASP B CB  1 
ATOM   1263 C CG  . ASP A 1 146 ? 10.625  -3.887  -17.115 1.00 17.17 ? 152 ASP B CG  1 
ATOM   1264 O OD1 . ASP A 1 146 ? 11.400  -4.558  -17.842 1.00 19.65 ? 152 ASP B OD1 1 
ATOM   1265 O OD2 . ASP A 1 146 ? 10.137  -2.823  -17.441 1.00 17.96 ? 152 ASP B OD2 1 
ATOM   1266 N N   . HIS A 1 147 ? 13.575  -4.422  -14.030 1.00 17.24 ? 153 HIS B N   1 
ATOM   1267 C CA  . HIS A 1 147 ? 14.829  -3.649  -13.848 1.00 19.93 ? 153 HIS B CA  1 
ATOM   1268 C C   . HIS A 1 147 ? 14.500  -2.267  -13.276 1.00 17.31 ? 153 HIS B C   1 
ATOM   1269 O O   . HIS A 1 147 ? 15.189  -1.288  -13.582 1.00 20.68 ? 153 HIS B O   1 
ATOM   1270 C CB  . HIS A 1 147 ? 15.603  -3.459  -15.168 1.00 26.06 ? 153 HIS B CB  1 
ATOM   1271 C CG  . HIS A 1 147 ? 15.710  -4.642  -16.075 1.00 32.35 ? 153 HIS B CG  1 
ATOM   1272 N ND1 . HIS A 1 147 ? 16.680  -5.609  -15.901 1.00 37.02 ? 153 HIS B ND1 1 
ATOM   1273 C CD2 . HIS A 1 147 ? 15.032  -4.971  -17.199 1.00 34.77 ? 153 HIS B CD2 1 
ATOM   1274 C CE1 . HIS A 1 147 ? 16.569  -6.519  -16.856 1.00 40.50 ? 153 HIS B CE1 1 
ATOM   1275 N NE2 . HIS A 1 147 ? 15.559  -6.151  -17.669 1.00 38.76 ? 153 HIS B NE2 1 
ATOM   1276 N N   . GLY A 1 148 ? 13.476  -2.151  -12.436 1.00 14.61 ? 154 GLY B N   1 
ATOM   1277 C CA  . GLY A 1 148 ? 13.205  -0.881  -11.741 1.00 13.52 ? 154 GLY B CA  1 
ATOM   1278 C C   . GLY A 1 148 ? 12.517  0.157   -12.591 1.00 12.36 ? 154 GLY B C   1 
ATOM   1279 O O   . GLY A 1 148 ? 12.636  1.326   -12.225 1.00 14.01 ? 154 GLY B O   1 
ATOM   1280 N N   . SER A 1 149 ? 11.889  -0.187  -13.683 1.00 11.27 ? 155 SER B N   1 
ATOM   1281 C CA  . SER A 1 149 ? 11.261  0.805   -14.563 1.00 10.73 ? 155 SER B CA  1 
ATOM   1282 C C   . SER A 1 149 ? 10.160  1.586   -13.819 1.00 10.60 ? 155 SER B C   1 
ATOM   1283 O O   . SER A 1 149 ? 9.399   1.008   -12.980 1.00 10.43 ? 155 SER B O   1 
ATOM   1284 C CB  . SER A 1 149 ? 10.751  0.141   -15.829 1.00 11.59 ? 155 SER B CB  1 
ATOM   1285 O OG  . SER A 1 149 ? 9.791   -0.871  -15.546 1.00 12.70 ? 155 SER B OG  1 
ATOM   1286 N N   . LEU A 1 150 ? 10.000  2.847   -14.162 1.00 9.49  ? 156 LEU B N   1 
ATOM   1287 C CA  . LEU A 1 150 ? 8.949   3.690   -13.554 1.00 8.78  ? 156 LEU B CA  1 
ATOM   1288 C C   . LEU A 1 150 ? 7.570   3.221   -13.961 1.00 8.38  ? 156 LEU B C   1 
ATOM   1289 O O   . LEU A 1 150 ? 7.263   2.992   -15.154 1.00 9.26  ? 156 LEU B O   1 
ATOM   1290 C CB  . LEU A 1 150 ? 9.177   5.120   -14.007 1.00 9.45  ? 156 LEU B CB  1 
ATOM   1291 C CG  . LEU A 1 150 ? 8.185   6.150   -13.430 1.00 9.07  ? 156 LEU B CG  1 
ATOM   1292 C CD1 . LEU A 1 150 ? 8.352   6.310   -11.928 1.00 9.53  ? 156 LEU B CD1 1 
ATOM   1293 C CD2 . LEU A 1 150 ? 8.384   7.525   -14.096 1.00 10.33 ? 156 LEU B CD2 1 
ATOM   1294 N N   . ILE A 1 151 ? 6.697   3.105   -12.960 1.00 8.03  ? 157 ILE B N   1 
ATOM   1295 C CA  . ILE A 1 151 ? 5.262   2.847   -13.124 1.00 8.39  ? 157 ILE B CA  1 
ATOM   1296 C C   . ILE A 1 151 ? 4.466   4.153   -13.100 1.00 8.06  ? 157 ILE B C   1 
ATOM   1297 O O   . ILE A 1 151 ? 3.633   4.393   -13.941 1.00 8.00  ? 157 ILE B O   1 
ATOM   1298 C CB  . ILE A 1 151 ? 4.750   1.835   -12.081 1.00 8.26  ? 157 ILE B CB  1 
ATOM   1299 C CG1 . ILE A 1 151 ? 5.391   0.466   -12.274 1.00 9.16  ? 157 ILE B CG1 1 
ATOM   1300 C CG2 . ILE A 1 151 ? 3.230   1.758   -12.164 1.00 9.01  ? 157 ILE B CG2 1 
ATOM   1301 C CD1 . ILE A 1 151 ? 5.128   -0.502  -11.113 1.00 9.01  ? 157 ILE B CD1 1 
ATOM   1302 N N   . TYR A 1 152 ? 4.677   4.967   -12.053 1.00 7.61  ? 158 TYR B N   1 
ATOM   1303 C CA  . TYR A 1 152 ? 3.844   6.172   -11.884 1.00 7.63  ? 158 TYR B CA  1 
ATOM   1304 C C   . TYR A 1 152 ? 4.528   7.103   -10.901 1.00 7.38  ? 158 TYR B C   1 
ATOM   1305 O O   . TYR A 1 152 ? 5.070   6.634   -9.902  1.00 8.10  ? 158 TYR B O   1 
ATOM   1306 C CB  . TYR A 1 152 ? 2.421   5.844   -11.346 1.00 7.47  ? 158 TYR B CB  1 
ATOM   1307 C CG  . TYR A 1 152 ? 1.471   6.994   -11.450 1.00 7.33  ? 158 TYR B CG  1 
ATOM   1308 C CD1 . TYR A 1 152 ? 0.831   7.317   -12.635 1.00 8.28  ? 158 TYR B CD1 1 
ATOM   1309 C CD2 . TYR A 1 152 ? 1.201   7.790   -10.334 1.00 7.68  ? 158 TYR B CD2 1 
ATOM   1310 C CE1 . TYR A 1 152 ? 0.018   8.422   -12.762 1.00 8.32  ? 158 TYR B CE1 1 
ATOM   1311 C CE2 . TYR A 1 152 ? 0.390   8.906   -10.434 1.00 8.42  ? 158 TYR B CE2 1 
ATOM   1312 C CZ  . TYR A 1 152 ? -0.182  9.216   -11.643 1.00 8.51  ? 158 TYR B CZ  1 
ATOM   1313 O OH  . TYR A 1 152 ? -0.974  10.335  -11.777 1.00 10.80 ? 158 TYR B OH  1 
ATOM   1314 N N   . THR A 1 153 ? 4.403   8.413   -11.139 1.00 7.03  ? 159 THR B N   1 
ATOM   1315 C CA  . THR A 1 153 ? 4.801   9.466   -10.186 1.00 7.56  ? 159 THR B CA  1 
ATOM   1316 C C   . THR A 1 153 ? 3.647   10.397  -9.905  1.00 7.55  ? 159 THR B C   1 
ATOM   1317 O O   . THR A 1 153 ? 3.133   11.048  -10.802 1.00 8.02  ? 159 THR B O   1 
ATOM   1318 C CB  . THR A 1 153 ? 6.026   10.267  -10.694 1.00 8.54  ? 159 THR B CB  1 
ATOM   1319 O OG1 . THR A 1 153 ? 7.137   9.374   -10.735 1.00 8.82  ? 159 THR B OG1 1 
ATOM   1320 C CG2 . THR A 1 153 ? 6.289   11.487  -9.817  1.00 9.11  ? 159 THR B CG2 1 
ATOM   1321 N N   . PHE A 1 154 ? 3.245   10.466  -8.627  1.00 7.81  ? 160 PHE B N   1 
ATOM   1322 C CA  . PHE A 1 154 ? 2.414   11.559  -8.090  1.00 7.93  ? 160 PHE B CA  1 
ATOM   1323 C C   . PHE A 1 154 ? 3.384   12.688  -7.721  1.00 8.19  ? 160 PHE B C   1 
ATOM   1324 O O   . PHE A 1 154 ? 4.275   12.526  -6.907  1.00 8.96  ? 160 PHE B O   1 
ATOM   1325 C CB  . PHE A 1 154 ? 1.669   11.181  -6.815  1.00 8.45  ? 160 PHE B CB  1 
ATOM   1326 C CG  . PHE A 1 154 ? 0.582   10.146  -6.925  1.00 7.17  ? 160 PHE B CG  1 
ATOM   1327 C CD1 . PHE A 1 154 ? 0.845   8.790   -6.843  1.00 7.02  ? 160 PHE B CD1 1 
ATOM   1328 C CD2 . PHE A 1 154 ? -0.721  10.546  -7.085  1.00 7.36  ? 160 PHE B CD2 1 
ATOM   1329 C CE1 . PHE A 1 154 ? -0.192  7.862   -6.904  1.00 7.58  ? 160 PHE B CE1 1 
ATOM   1330 C CE2 . PHE A 1 154 ? -1.744  9.613   -7.136  1.00 7.84  ? 160 PHE B CE2 1 
ATOM   1331 C CZ  . PHE A 1 154 ? -1.471  8.275   -7.053  1.00 7.34  ? 160 PHE B CZ  1 
ATOM   1332 N N   . SER A 1 155 ? 3.189   13.851  -8.340  1.00 9.35  ? 161 SER B N   1 
ATOM   1333 C CA  . SER A 1 155 ? 3.964   15.063  -8.002  1.00 10.07 ? 161 SER B CA  1 
ATOM   1334 C C   . SER A 1 155 ? 2.989   16.134  -7.555  1.00 9.93  ? 161 SER B C   1 
ATOM   1335 O O   . SER A 1 155 ? 1.795   16.024  -7.691  1.00 11.43 ? 161 SER B O   1 
ATOM   1336 C CB  . SER A 1 155 ? 4.833   15.462  -9.153  1.00 11.43 ? 161 SER B CB  1 
ATOM   1337 O OG  . SER A 1 155 ? 4.057   15.901  -10.236 1.00 14.99 ? 161 SER B OG  1 
ATOM   1338 N N   . GLU A 1 156 ? 3.566   17.208  -6.981  1.00 11.73 ? 162 GLU B N   1 
ATOM   1339 C CA  . GLU A 1 156 ? 2.756   18.306  -6.373  1.00 12.86 ? 162 GLU B CA  1 
ATOM   1340 C C   . GLU A 1 156 ? 1.831   17.735  -5.296  1.00 11.22 ? 162 GLU B C   1 
ATOM   1341 O O   . GLU A 1 156 ? 0.687   18.214  -5.143  1.00 12.80 ? 162 GLU B O   1 
ATOM   1342 C CB  . GLU A 1 156 ? 1.941   19.041  -7.431  1.00 15.78 ? 162 GLU B CB  1 
ATOM   1343 C CG  . GLU A 1 156 ? 2.681   19.456  -8.690  1.00 21.39 ? 162 GLU B CG  1 
ATOM   1344 C CD  . GLU A 1 156 ? 1.821   20.423  -9.478  1.00 31.25 ? 162 GLU B CD  1 
ATOM   1345 O OE1 . GLU A 1 156 ? 0.902   19.970  -10.206 1.00 35.09 ? 162 GLU B OE1 1 
ATOM   1346 O OE2 . GLU A 1 156 ? 1.995   21.633  -9.277  1.00 39.06 ? 162 GLU B OE2 1 
ATOM   1347 N N   . CYS A 1 157 ? 2.300   16.714  -4.580  1.00 10.41 ? 163 CYS B N   1 
ATOM   1348 C CA  . CYS A 1 157 ? 1.485   16.112  -3.504  1.00 9.68  ? 163 CYS B CA  1 
ATOM   1349 C C   . CYS A 1 157 ? 1.310   17.101  -2.347  1.00 10.50 ? 163 CYS B C   1 
ATOM   1350 O O   . CYS A 1 157 ? 2.308   17.788  -1.969  1.00 11.59 ? 163 CYS B O   1 
ATOM   1351 C CB  . CYS A 1 157 ? 2.072   14.812  -2.942  1.00 9.23  ? 163 CYS B CB  1 
ATOM   1352 S SG  . CYS A 1 157 ? 2.221   13.493  -4.155  1.00 9.65  ? 163 CYS B SG  1 
ATOM   1353 N N   . VAL A 1 158 ? 0.117   17.124  -1.800  1.00 10.23 ? 164 VAL B N   1 
ATOM   1354 C CA  . VAL A 1 158 ? -0.155  17.926  -0.578  1.00 11.29 ? 164 VAL B CA  1 
ATOM   1355 C C   . VAL A 1 158 ? -0.440  16.930  0.549   1.00 10.11 ? 164 VAL B C   1 
ATOM   1356 O O   . VAL A 1 158 ? -1.587  16.575  0.786   1.00 11.76 ? 164 VAL B O   1 
ATOM   1357 C CB  . VAL A 1 158 ? -1.242  18.989  -0.891  1.00 13.17 ? 164 VAL B CB  1 
ATOM   1358 C CG1 . VAL A 1 158 ? -1.544  19.809  0.358   1.00 13.42 ? 164 VAL B CG1 1 
ATOM   1359 C CG2 . VAL A 1 158 ? -0.879  19.900  -2.064  1.00 15.15 ? 164 VAL B CG2 1 
ATOM   1360 N N   . PHE A 1 159 ? 0.594   16.468  1.216   1.00 9.44  ? 165 PHE B N   1 
ATOM   1361 C CA  . PHE A 1 159 ? 0.468   15.372  2.189   1.00 9.94  ? 165 PHE B CA  1 
ATOM   1362 C C   . PHE A 1 159 ? -0.401  15.851  3.346   1.00 10.56 ? 165 PHE B C   1 
ATOM   1363 O O   . PHE A 1 159 ? -1.271  15.092  3.801   1.00 11.97 ? 165 PHE B O   1 
ATOM   1364 C CB  . PHE A 1 159 ? 1.833   14.878  2.611   1.00 9.35  ? 165 PHE B CB  1 
ATOM   1365 C CG  . PHE A 1 159 ? 2.665   14.274  1.492   1.00 9.04  ? 165 PHE B CG  1 
ATOM   1366 C CD1 . PHE A 1 159 ? 2.109   13.310  0.651   1.00 8.70  ? 165 PHE B CD1 1 
ATOM   1367 C CD2 . PHE A 1 159 ? 4.003   14.596  1.292   1.00 9.61  ? 165 PHE B CD2 1 
ATOM   1368 C CE1 . PHE A 1 159 ? 2.840   12.729  -0.387  1.00 9.04  ? 165 PHE B CE1 1 
ATOM   1369 C CE2 . PHE A 1 159 ? 4.738   14.036  0.242   1.00 9.27  ? 165 PHE B CE2 1 
ATOM   1370 C CZ  . PHE A 1 159 ? 4.169   13.068  -0.560  1.00 9.61  ? 165 PHE B CZ  1 
ATOM   1371 N N   . ALA A 1 160 ? -0.134  17.058  3.875   1.00 9.60  ? 166 ALA B N   1 
ATOM   1372 C CA  . ALA A 1 160 ? -0.944  17.723  4.918   1.00 10.16 ? 166 ALA B CA  1 
ATOM   1373 C C   . ALA A 1 160 ? -0.959  16.937  6.213   1.00 10.30 ? 166 ALA B C   1 
ATOM   1374 O O   . ALA A 1 160 ? -1.963  17.099  7.013   1.00 11.09 ? 166 ALA B O   1 
ATOM   1375 C CB  . ALA A 1 160 ? -2.317  17.988  4.415   1.00 11.22 ? 166 ALA B CB  1 
ATOM   1376 N N   . GLY A 1 161 ? 0.068   16.214  6.519   1.00 10.59 ? 167 GLY B N   1 
ATOM   1377 C CA  . GLY A 1 161 ? 0.133   15.439  7.762   1.00 10.94 ? 167 GLY B CA  1 
ATOM   1378 C C   . GLY A 1 161 ? 1.237   14.417  7.695   1.00 9.80  ? 167 GLY B C   1 
ATOM   1379 O O   . GLY A 1 161 ? 1.871   14.229  6.613   1.00 10.32 ? 167 GLY B O   1 
ATOM   1380 N N   . PRO A 1 162 ? 1.491   13.711  8.774   1.00 9.45  ? 168 PRO B N   1 
ATOM   1381 C CA  . PRO A 1 162 ? 2.380   12.561  8.734   1.00 9.93  ? 168 PRO B CA  1 
ATOM   1382 C C   . PRO A 1 162 ? 1.832   11.493  7.766   1.00 9.64  ? 168 PRO B C   1 
ATOM   1383 O O   . PRO A 1 162 ? 0.599   11.330  7.639   1.00 9.95  ? 168 PRO B O   1 
ATOM   1384 C CB  . PRO A 1 162 ? 2.388   11.999  10.175  1.00 10.37 ? 168 PRO B CB  1 
ATOM   1385 C CG  . PRO A 1 162 ? 1.787   13.168  10.994  1.00 10.90 ? 168 PRO B CG  1 
ATOM   1386 C CD  . PRO A 1 162 ? 0.845   13.866  10.086  1.00 9.61  ? 168 PRO B CD  1 
ATOM   1387 N N   . LEU A 1 163 ? 2.745   10.771  7.151   1.00 8.75  ? 169 LEU B N   1 
ATOM   1388 C CA  . LEU A 1 163 ? 2.403   9.663   6.210   1.00 8.54  ? 169 LEU B CA  1 
ATOM   1389 C C   . LEU A 1 163 ? 2.688   8.309   6.825   1.00 7.98  ? 169 LEU B C   1 
ATOM   1390 O O   . LEU A 1 163 ? 3.651   8.131   7.574   1.00 9.78  ? 169 LEU B O   1 
ATOM   1391 C CB  . LEU A 1 163 ? 3.218   9.790   4.923   1.00 9.18  ? 169 LEU B CB  1 
ATOM   1392 C CG  . LEU A 1 163 ? 2.928   10.971  4.011   1.00 9.94  ? 169 LEU B CG  1 
ATOM   1393 C CD1 . LEU A 1 163 ? 3.920   10.989  2.874   1.00 9.58  ? 169 LEU B CD1 1 
ATOM   1394 C CD2 . LEU A 1 163 ? 1.510   10.929  3.504   1.00 10.33 ? 169 LEU B CD2 1 
ATOM   1395 N N   . ARG A 1 164 ? 1.874   7.324   6.438   1.00 7.81  ? 170 ARG B N   1 
ATOM   1396 C CA  . ARG A 1 164 ? 2.078   5.915   6.812   1.00 8.34  ? 170 ARG B CA  1 
ATOM   1397 C C   . ARG A 1 164 ? 2.045   5.041   5.573   1.00 7.59  ? 170 ARG B C   1 
ATOM   1398 O O   . ARG A 1 164 ? 1.245   5.269   4.666   1.00 7.62  ? 170 ARG B O   1 
ATOM   1399 C CB  . ARG A 1 164 ? 0.989   5.487   7.807   1.00 9.74  ? 170 ARG B CB  1 
ATOM   1400 C CG  . ARG A 1 164 ? 1.088   6.276   9.112   1.00 11.67 ? 170 ARG B CG  1 
ATOM   1401 C CD  . ARG A 1 164 ? 0.113   5.883   10.187  1.00 12.14 ? 170 ARG B CD  1 
ATOM   1402 N NE  . ARG A 1 164 ? 0.444   4.564   10.671  1.00 11.97 ? 170 ARG B NE  1 
ATOM   1403 C CZ  . ARG A 1 164 ? -0.228  3.991   11.657  1.00 11.70 ? 170 ARG B CZ  1 
ATOM   1404 N NH1 . ARG A 1 164 ? -1.171  4.658   12.288  1.00 13.23 ? 170 ARG B NH1 1 
ATOM   1405 N NH2 . ARG A 1 164 ? 0.091   2.769   12.005  1.00 12.53 ? 170 ARG B NH2 1 
ATOM   1406 N N   . PRO A 1 165 ? 2.874   3.993   5.541   1.00 7.04  ? 171 PRO B N   1 
ATOM   1407 C CA  . PRO A 1 165 ? 2.738   2.990   4.482   1.00 7.22  ? 171 PRO B CA  1 
ATOM   1408 C C   . PRO A 1 165 ? 1.321   2.386   4.511   1.00 7.13  ? 171 PRO B C   1 
ATOM   1409 O O   . PRO A 1 165 ? 0.770   2.171   5.573   1.00 7.65  ? 171 PRO B O   1 
ATOM   1410 C CB  . PRO A 1 165 ? 3.787   1.942   4.808   1.00 7.81  ? 171 PRO B CB  1 
ATOM   1411 C CG  . PRO A 1 165 ? 4.806   2.716   5.665   1.00 9.07  ? 171 PRO B CG  1 
ATOM   1412 C CD  . PRO A 1 165 ? 3.958   3.663   6.476   1.00 8.91  ? 171 PRO B CD  1 
ATOM   1413 N N   . PHE A 1 166 ? 0.767   2.169   3.319   1.00 6.96  ? 172 PHE B N   1 
ATOM   1414 C CA  . PHE A 1 166 ? -0.620  1.730   3.124   1.00 7.05  ? 172 PHE B CA  1 
ATOM   1415 C C   . PHE A 1 166 ? -0.650  0.450   2.293   1.00 6.48  ? 172 PHE B C   1 
ATOM   1416 O O   . PHE A 1 166 ? 0.019   0.332   1.255   1.00 7.10  ? 172 PHE B O   1 
ATOM   1417 C CB  . PHE A 1 166 ? -1.437  2.820   2.429   1.00 7.03  ? 172 PHE B CB  1 
ATOM   1418 C CG  . PHE A 1 166 ? -2.831  2.391   2.065   1.00 7.09  ? 172 PHE B CG  1 
ATOM   1419 C CD1 . PHE A 1 166 ? -3.836  2.381   3.030   1.00 7.93  ? 172 PHE B CD1 1 
ATOM   1420 C CD2 . PHE A 1 166 ? -3.149  1.955   0.793   1.00 8.19  ? 172 PHE B CD2 1 
ATOM   1421 C CE1 . PHE A 1 166 ? -5.107  1.948   2.716   1.00 8.48  ? 172 PHE B CE1 1 
ATOM   1422 C CE2 . PHE A 1 166 ? -4.418  1.496   0.506   1.00 8.67  ? 172 PHE B CE2 1 
ATOM   1423 C CZ  . PHE A 1 166 ? -5.386  1.507   1.455   1.00 8.89  ? 172 PHE B CZ  1 
ATOM   1424 N N   . PHE A 1 167 ? -1.520  -0.508  2.694   1.00 6.57  ? 173 PHE B N   1 
ATOM   1425 C CA  . PHE A 1 167 ? -1.645  -1.836  2.034   1.00 6.74  ? 173 PHE B CA  1 
ATOM   1426 C C   . PHE A 1 167 ? -3.133  -2.236  2.000   1.00 7.26  ? 173 PHE B C   1 
ATOM   1427 O O   . PHE A 1 167 ? -3.840  -2.106  3.004   1.00 7.61  ? 173 PHE B O   1 
ATOM   1428 C CB  . PHE A 1 167 ? -0.905  -2.910  2.844   1.00 7.37  ? 173 PHE B CB  1 
ATOM   1429 C CG  . PHE A 1 167 ? 0.534   -2.551  3.159   1.00 7.37  ? 173 PHE B CG  1 
ATOM   1430 C CD1 . PHE A 1 167 ? 0.845   -1.795  4.275   1.00 7.41  ? 173 PHE B CD1 1 
ATOM   1431 C CD2 . PHE A 1 167 ? 1.584   -2.991  2.358   1.00 8.26  ? 173 PHE B CD2 1 
ATOM   1432 C CE1 . PHE A 1 167 ? 2.159   -1.416  4.540   1.00 8.18  ? 173 PHE B CE1 1 
ATOM   1433 C CE2 . PHE A 1 167 ? 2.900   -2.623  2.623   1.00 8.72  ? 173 PHE B CE2 1 
ATOM   1434 C CZ  . PHE A 1 167 ? 3.174   -1.854  3.724   1.00 8.48  ? 173 PHE B CZ  1 
ATOM   1435 N N   . ASN A 1 168 ? -3.526  -2.855  0.895   1.00 7.18  ? 174 ASN B N   1 
ATOM   1436 C CA  . ASN A 1 168 ? -4.808  -3.557  0.759   1.00 7.08  ? 174 ASN B CA  1 
ATOM   1437 C C   . ASN A 1 168 ? -4.516  -4.896  0.107   1.00 6.71  ? 174 ASN B C   1 
ATOM   1438 O O   . ASN A 1 168 ? -4.050  -4.925  -1.050  1.00 7.36  ? 174 ASN B O   1 
ATOM   1439 C CB  . ASN A 1 168 ? -5.792  -2.761  -0.074  1.00 7.68  ? 174 ASN B CB  1 
ATOM   1440 C CG  . ASN A 1 168 ? -7.173  -3.387  -0.071  1.00 7.92  ? 174 ASN B CG  1 
ATOM   1441 O OD1 . ASN A 1 168 ? -7.430  -4.466  0.450   1.00 8.94  ? 174 ASN B OD1 1 
ATOM   1442 N ND2 . ASN A 1 168 ? -8.124  -2.726  -0.694  1.00 9.62  ? 174 ASN B ND2 1 
ATOM   1443 N N   . VAL A 1 169 ? -4.770  -6.005  0.818   1.00 7.33  ? 175 VAL B N   1 
ATOM   1444 C CA  . VAL A 1 169 ? -4.542  -7.349  0.244   1.00 7.65  ? 175 VAL B CA  1 
ATOM   1445 C C   . VAL A 1 169 ? -5.632  -7.734  -0.745  1.00 7.33  ? 175 VAL B C   1 
ATOM   1446 O O   . VAL A 1 169 ? -5.459  -8.758  -1.448  1.00 8.58  ? 175 VAL B O   1 
ATOM   1447 C CB  . VAL A 1 169 ? -4.389  -8.456  1.309   1.00 8.01  ? 175 VAL B CB  1 
ATOM   1448 C CG1 . VAL A 1 169 ? -3.198  -8.232  2.215   1.00 9.50  ? 175 VAL B CG1 1 
ATOM   1449 C CG2 . VAL A 1 169 ? -5.669  -8.658  2.097   1.00 8.38  ? 175 VAL B CG2 1 
ATOM   1450 N N   . GLY A 1 170 ? -6.723  -6.981  -0.808  1.00 7.88  ? 176 GLY B N   1 
ATOM   1451 C CA  . GLY A 1 170 ? -7.868  -7.320  -1.684  1.00 8.14  ? 176 GLY B CA  1 
ATOM   1452 C C   . GLY A 1 170 ? -8.731  -8.433  -1.114  1.00 8.06  ? 176 GLY B C   1 
ATOM   1453 O O   . GLY A 1 170 ? -8.349  -9.200  -0.253  1.00 8.38  ? 176 GLY B O   1 
ATOM   1454 N N   . PHE A 1 171 ? -9.967  -8.453  -1.598  1.00 8.71  ? 177 PHE B N   1 
ATOM   1455 C CA  . PHE A 1 171 ? -10.915 -9.549  -1.320  1.00 8.30  ? 177 PHE B CA  1 
ATOM   1456 C C   . PHE A 1 171 ? -10.465 -10.805 -2.052  1.00 7.98  ? 177 PHE B C   1 
ATOM   1457 O O   . PHE A 1 171 ? -9.623  -10.763 -2.962  1.00 8.25  ? 177 PHE B O   1 
ATOM   1458 C CB  . PHE A 1 171 ? -12.354 -9.155  -1.669  1.00 9.47  ? 177 PHE B CB  1 
ATOM   1459 C CG  . PHE A 1 171 ? -12.917 -8.105  -0.753  1.00 10.70 ? 177 PHE B CG  1 
ATOM   1460 C CD1 . PHE A 1 171 ? -13.339 -8.431  0.509   1.00 12.75 ? 177 PHE B CD1 1 
ATOM   1461 C CD2 . PHE A 1 171 ? -13.002 -6.789  -1.153  1.00 12.98 ? 177 PHE B CD2 1 
ATOM   1462 C CE1 . PHE A 1 171 ? -13.851 -7.455  1.354   1.00 14.36 ? 177 PHE B CE1 1 
ATOM   1463 C CE2 . PHE A 1 171 ? -13.515 -5.808  -0.296  1.00 13.88 ? 177 PHE B CE2 1 
ATOM   1464 C CZ  . PHE A 1 171 ? -13.950 -6.168  0.919   1.00 13.71 ? 177 PHE B CZ  1 
ATOM   1465 N N   . ASN A 1 172 ? -11.056 -11.925 -1.659  1.00 8.61  ? 178 ASN B N   1 
ATOM   1466 C CA  . ASN A 1 172 ? -10.772 -13.214 -2.305  1.00 8.46  ? 178 ASN B CA  1 
ATOM   1467 C C   . ASN A 1 172 ? -12.113 -13.878 -2.646  1.00 8.47  ? 178 ASN B C   1 
ATOM   1468 O O   . ASN A 1 172 ? -12.318 -15.068 -2.366  1.00 9.92  ? 178 ASN B O   1 
ATOM   1469 C CB  . ASN A 1 172 ? -9.884  -14.083 -1.443  1.00 9.17  ? 178 ASN B CB  1 
ATOM   1470 C CG  . ASN A 1 172 ? -9.446  -15.328 -2.144  1.00 9.04  ? 178 ASN B CG  1 
ATOM   1471 O OD1 . ASN A 1 172 ? -9.337  -15.358 -3.359  1.00 9.72  ? 178 ASN B OD1 1 
ATOM   1472 N ND2 . ASN A 1 172 ? -9.137  -16.359 -1.373  1.00 11.21 ? 178 ASN B ND2 1 
ATOM   1473 N N   . TYR A 1 173 ? -12.991 -13.183 -3.326  1.00 8.95  ? 179 TYR B N   1 
ATOM   1474 C CA  . TYR A 1 173 ? -14.245 -13.763 -3.867  1.00 8.68  ? 179 TYR B CA  1 
ATOM   1475 C C   . TYR A 1 173 ? -13.939 -14.820 -4.903  1.00 9.10  ? 179 TYR B C   1 
ATOM   1476 O O   . TYR A 1 173 ? -14.728 -15.824 -5.029  1.00 10.72 ? 179 TYR B O   1 
ATOM   1477 C CB  . TYR A 1 173 ? -15.144 -12.699 -4.501  1.00 9.42  ? 179 TYR B CB  1 
ATOM   1478 C CG  . TYR A 1 173 ? -15.652 -11.664 -3.538  1.00 11.33 ? 179 TYR B CG  1 
ATOM   1479 C CD1 . TYR A 1 173 ? -16.703 -11.971 -2.676  1.00 15.40 ? 179 TYR B CD1 1 
ATOM   1480 C CD2 . TYR A 1 173 ? -15.182 -10.365 -3.577  1.00 12.63 ? 179 TYR B CD2 1 
ATOM   1481 C CE1 . TYR A 1 173 ? -17.170 -11.014 -1.780  1.00 16.17 ? 179 TYR B CE1 1 
ATOM   1482 C CE2 . TYR A 1 173 ? -15.663 -9.409  -2.680  1.00 13.86 ? 179 TYR B CE2 1 
ATOM   1483 C CZ  . TYR A 1 173 ? -16.642 -9.745  -1.795  1.00 15.65 ? 179 TYR B CZ  1 
ATOM   1484 O OH  . TYR A 1 173 ? -17.144 -8.774  -0.947  1.00 20.67 ? 179 TYR B OH  1 
ATOM   1485 N N   . SER A 1 174 ? -12.859 -14.714 -5.670  1.00 9.15  ? 180 SER B N   1 
ATOM   1486 C CA  . SER A 1 174 ? -12.561 -15.604 -6.805  1.00 10.08 ? 180 SER B CA  1 
ATOM   1487 C C   . SER A 1 174 ? -11.917 -16.925 -6.343  1.00 9.90  ? 180 SER B C   1 
ATOM   1488 O O   . SER A 1 174 ? -11.837 -17.887 -7.126  1.00 11.79 ? 180 SER B O   1 
ATOM   1489 C CB  . SER A 1 174 ? -11.648 -14.932 -7.753  1.00 9.83  ? 180 SER B CB  1 
ATOM   1490 O OG  . SER A 1 174 ? -10.372 -14.734 -7.118  1.00 9.98  ? 180 SER B OG  1 
ATOM   1491 N N   . GLY A 1 175 ? -11.344 -16.984 -5.149  1.00 8.74  ? 181 GLY B N   1 
ATOM   1492 C CA  . GLY A 1 175 ? -10.496 -18.113 -4.766  1.00 8.99  ? 181 GLY B CA  1 
ATOM   1493 C C   . GLY A 1 175 ? -9.120  -18.044 -5.379  1.00 9.31  ? 181 GLY B C   1 
ATOM   1494 O O   . GLY A 1 175 ? -8.345  -19.013 -5.176  1.00 11.42 ? 181 GLY B O   1 
ATOM   1495 N N   . GLY A 1 176 ? -8.764  -17.001 -6.137  1.00 8.73  ? 182 GLY B N   1 
ATOM   1496 C CA  . GLY A 1 176 ? -7.457  -16.868 -6.772  1.00 9.07  ? 182 GLY B CA  1 
ATOM   1497 C C   . GLY A 1 176 ? -6.635  -15.734 -6.166  1.00 8.77  ? 182 GLY B C   1 
ATOM   1498 O O   . GLY A 1 176 ? -5.524  -15.497 -6.704  1.00 10.26 ? 182 GLY B O   1 
ATOM   1499 N N   . ASN A 1 177 ? -7.047  -15.112 -5.093  1.00 7.88  ? 183 ASN B N   1 
ATOM   1500 C CA  . ASN A 1 177 ? -6.356  -13.936 -4.533  1.00 7.91  ? 183 ASN B CA  1 
ATOM   1501 C C   . ASN A 1 177 ? -5.970  -14.156 -3.089  1.00 8.10  ? 183 ASN B C   1 
ATOM   1502 O O   . ASN A 1 177 ? -5.780  -13.161 -2.369  1.00 9.11  ? 183 ASN B O   1 
ATOM   1503 C CB  . ASN A 1 177 ? -7.172  -12.660 -4.673  1.00 7.63  ? 183 ASN B CB  1 
ATOM   1504 C CG  . ASN A 1 177 ? -6.327  -11.407 -4.512  1.00 7.83  ? 183 ASN B CG  1 
ATOM   1505 O OD1 . ASN A 1 177 ? -5.170  -11.394 -4.931  1.00 8.38  ? 183 ASN B OD1 1 
ATOM   1506 N ND2 . ASN A 1 177 ? -6.871  -10.397 -3.852  1.00 7.37  ? 183 ASN B ND2 1 
ATOM   1507 N N   . ALA A 1 178 ? -5.715  -15.402 -2.662  1.00 8.68  ? 184 ALA B N   1 
ATOM   1508 C CA  . ALA A 1 178 ? -5.353  -15.678 -1.262  1.00 9.76  ? 184 ALA B CA  1 
ATOM   1509 C C   . ALA A 1 178 ? -3.912  -15.296 -0.916  1.00 9.89  ? 184 ALA B C   1 
ATOM   1510 O O   . ALA A 1 178 ? -3.598  -15.151 0.269   1.00 10.38 ? 184 ALA B O   1 
ATOM   1511 C CB  . ALA A 1 178 ? -5.558  -17.167 -0.951  1.00 10.53 ? 184 ALA B CB  1 
ATOM   1512 N N   . ALA A 1 179 ? -3.044  -15.159 -1.903  1.00 8.27  ? 185 ALA B N   1 
ATOM   1513 C CA  . ALA A 1 179 ? -1.607  -14.962 -1.618  1.00 9.12  ? 185 ALA B CA  1 
ATOM   1514 C C   . ALA A 1 179 ? -1.392  -13.693 -0.782  1.00 8.70  ? 185 ALA B C   1 
ATOM   1515 O O   . ALA A 1 179 ? -2.104  -12.686 -0.902  1.00 8.70  ? 185 ALA B O   1 
ATOM   1516 C CB  . ALA A 1 179 ? -0.824  -14.903 -2.909  1.00 9.16  ? 185 ALA B CB  1 
ATOM   1517 N N   . PRO A 1 180 ? -0.338  -13.678 0.041   1.00 8.80  ? 186 PRO B N   1 
ATOM   1518 C CA  . PRO A 1 180 ? -0.034  -12.526 0.880   1.00 9.15  ? 186 PRO B CA  1 
ATOM   1519 C C   . PRO A 1 180 ? 0.627   -11.340 0.141   1.00 8.23  ? 186 PRO B C   1 
ATOM   1520 O O   . PRO A 1 180 ? 1.179   -11.504 -0.918  1.00 9.55  ? 186 PRO B O   1 
ATOM   1521 C CB  . PRO A 1 180 ? 0.996   -13.098 1.887   1.00 9.46  ? 186 PRO B CB  1 
ATOM   1522 C CG  . PRO A 1 180 ? 1.725   -14.122 1.077   1.00 12.15 ? 186 PRO B CG  1 
ATOM   1523 C CD  . PRO A 1 180 ? 0.610   -14.796 0.286   1.00 10.40 ? 186 PRO B CD  1 
ATOM   1524 N N   . LEU A 1 181 ? 0.601   -10.178 0.773   1.00 8.64  ? 187 LEU B N   1 
ATOM   1525 C CA  . LEU A 1 181 ? 1.583   -9.090  0.516   1.00 8.81  ? 187 LEU B CA  1 
ATOM   1526 C C   . LEU A 1 181 ? 2.749   -9.307  1.461   1.00 8.76  ? 187 LEU B C   1 
ATOM   1527 O O   . LEU A 1 181 ? 2.536   -9.559  2.673   1.00 10.24 ? 187 LEU B O   1 
ATOM   1528 C CB  . LEU A 1 181 ? 0.957   -7.733  0.773   1.00 8.44  ? 187 LEU B CB  1 
ATOM   1529 C CG  . LEU A 1 181 ? -0.153  -7.320  -0.199  1.00 8.94  ? 187 LEU B CG  1 
ATOM   1530 C CD1 . LEU A 1 181 ? -0.819  -6.003  0.209   1.00 9.99  ? 187 LEU B CD1 1 
ATOM   1531 C CD2 . LEU A 1 181 ? 0.324   -7.194  -1.629  1.00 10.24 ? 187 LEU B CD2 1 
ATOM   1532 N N   . LYS A 1 182 ? 3.976   -9.169  0.979   1.00 8.43  ? 188 LYS B N   1 
ATOM   1533 C CA  . LYS A 1 182 ? 5.169   -9.375  1.828   1.00 9.33  ? 188 LYS B CA  1 
ATOM   1534 C C   . LYS A 1 182 ? 6.094   -8.192  1.676   1.00 9.92  ? 188 LYS B C   1 
ATOM   1535 O O   . LYS A 1 182 ? 6.483   -7.841  0.529   1.00 10.84 ? 188 LYS B O   1 
ATOM   1536 C CB  . LYS A 1 182 ? 5.953   -10.644 1.483   1.00 10.66 ? 188 LYS B CB  1 
ATOM   1537 C CG  . LYS A 1 182 ? 5.156   -11.933 1.430   1.00 13.65 ? 188 LYS B CG  1 
ATOM   1538 C CD  . LYS A 1 182 ? 6.026   -13.186 1.177   1.00 15.88 ? 188 LYS B CD  1 
ATOM   1539 C CE  . LYS A 1 182 ? 5.236   -14.453 0.954   1.00 19.25 ? 188 LYS B CE  1 
ATOM   1540 N NZ  . LYS A 1 182 ? 6.172   -15.549 0.625   1.00 24.60 ? 188 LYS B NZ  1 
ATOM   1541 N N   . LEU A 1 183 ? 6.570   -7.655  2.768   1.00 9.45  ? 189 LEU B N   1 
ATOM   1542 C CA  . LEU A 1 183 ? 7.634   -6.615  2.735   1.00 10.05 ? 189 LEU B CA  1 
ATOM   1543 C C   . LEU A 1 183 ? 8.964   -7.314  2.510   1.00 10.94 ? 189 LEU B C   1 
ATOM   1544 O O   . LEU A 1 183 ? 9.322   -8.238  3.341   1.00 14.32 ? 189 LEU B O   1 
ATOM   1545 C CB  . LEU A 1 183 ? 7.612   -5.828  4.036   1.00 10.68 ? 189 LEU B CB  1 
ATOM   1546 C CG  . LEU A 1 183 ? 6.484   -4.794  4.081   1.00 11.77 ? 189 LEU B CG  1 
ATOM   1547 C CD1 . LEU A 1 183 ? 6.046   -4.483  5.493   1.00 13.92 ? 189 LEU B CD1 1 
ATOM   1548 C CD2 . LEU A 1 183 ? 6.833   -3.547  3.265   1.00 10.14 ? 189 LEU B CD2 1 
ATOM   1549 N N   . CYS A 1 184 ? 9.659   -6.944  1.453   1.00 12.35 ? 190 CYS B N   1 
ATOM   1550 C CA  . CYS A 1 184 ? 10.895  -7.625  0.960   1.00 15.64 ? 190 CYS B CA  1 
ATOM   1551 C C   . CYS A 1 184 ? 12.094  -7.124  1.718   1.00 16.94 ? 190 CYS B C   1 
ATOM   1552 O O   . CYS A 1 184 ? 12.184  -5.959  2.012   1.00 19.78 ? 190 CYS B O   1 
ATOM   1553 C CB  . CYS A 1 184 ? 11.269  -7.181  -0.443  1.00 19.20 ? 190 CYS B CB  1 
ATOM   1554 S SG  . CYS A 1 184 ? 9.970   -7.352  -1.653  1.00 18.95 ? 190 CYS B SG  1 
ATOM   1555 N N   . PRO A 1 185 ? 13.100  -7.992  1.964   1.00 23.02 ? 191 PRO B N   1 
ATOM   1556 C CA  . PRO A 1 185 ? 14.265  -7.612  2.731   1.00 27.99 ? 191 PRO B CA  1 
ATOM   1557 C C   . PRO A 1 185 ? 15.079  -6.624  1.897   1.00 27.87 ? 191 PRO B C   1 
ATOM   1558 O O   . PRO A 1 185 ? 15.067  -6.736  0.651   1.00 28.28 ? 191 PRO B O   1 
ATOM   1559 C CB  . PRO A 1 185 ? 14.979  -8.948  2.981   1.00 27.37 ? 191 PRO B CB  1 
ATOM   1560 C CG  . PRO A 1 185 ? 14.515  -9.848  1.880   1.00 26.33 ? 191 PRO B CG  1 
ATOM   1561 C CD  . PRO A 1 185 ? 13.096  -9.417  1.603   1.00 24.39 ? 191 PRO B CD  1 
ATOM   1562 N N   . LEU A 1 186 ? 15.693  -5.684  2.628   1.00 35.12 ? 192 LEU B N   1 
ATOM   1563 C CA  . LEU A 1 186 ? 16.806  -4.768  2.250   1.00 36.24 ? 192 LEU B CA  1 
ATOM   1564 C C   . LEU A 1 186 ? 18.018  -5.580  1.790   1.00 43.16 ? 192 LEU B C   1 
ATOM   1565 O O   . LEU A 1 186 ? 18.782  -5.091  0.952   1.00 49.20 ? 192 LEU B O   1 
ATOM   1566 C CB  . LEU A 1 186 ? 17.165  -3.935  3.482   1.00 35.44 ? 192 LEU B CB  1 
HETATM 1567 C C1  . EDO B 2 .   ? -14.006 -12.492 0.188   1.00 25.00 ? 201 EDO B C1  1 
HETATM 1568 O O1  . EDO B 2 .   ? -12.658 -12.355 0.610   1.00 18.36 ? 201 EDO B O1  1 
HETATM 1569 C C2  . EDO B 2 .   ? -15.042 -11.767 0.992   1.00 31.57 ? 201 EDO B C2  1 
HETATM 1570 O O2  . EDO B 2 .   ? -15.058 -12.113 2.370   1.00 36.20 ? 201 EDO B O2  1 
HETATM 1571 N N1  . J4Q C 3 .   ? -23.180 0.680   5.805   0.46 13.61 ? 202 J4Q B N1  1 
HETATM 1572 N N3  . J4Q C 3 .   ? -22.608 -0.074  0.203   0.46 23.32 ? 202 J4Q B N3  1 
HETATM 1573 C C4  . J4Q C 3 .   ? -24.788 0.988   4.263   0.46 14.96 ? 202 J4Q B C4  1 
HETATM 1574 C C5  . J4Q C 3 .   ? -23.484 1.086   2.146   0.46 17.84 ? 202 J4Q B C5  1 
HETATM 1575 C C6  . J4Q C 3 .   ? -23.210 -0.160  1.369   0.46 20.44 ? 202 J4Q B C6  1 
HETATM 1576 C C7  . J4Q C 3 .   ? -23.532 -1.420  1.713   0.46 22.17 ? 202 J4Q B C7  1 
HETATM 1577 C C8  . J4Q C 3 .   ? -22.378 -1.242  -0.307  0.46 24.76 ? 202 J4Q B C8  1 
HETATM 1578 C C1  . J4Q C 3 .   ? -20.185 0.791   5.882   0.46 14.01 ? 202 J4Q B C1  1 
HETATM 1579 S S1  . J4Q C 3 .   ? -20.922 0.545   4.319   0.46 14.90 ? 202 J4Q B S1  1 
HETATM 1580 O O1  . J4Q C 3 .   ? -20.721 -0.807  3.874   0.46 19.25 ? 202 J4Q B O1  1 
HETATM 1581 O O2  . J4Q C 3 .   ? -20.560 1.645   3.484   0.46 17.32 ? 202 J4Q B O2  1 
HETATM 1582 C C2  . J4Q C 3 .   ? -22.631 0.729   4.581   0.46 14.90 ? 202 J4Q B C2  1 
HETATM 1583 C C3  . J4Q C 3 .   ? -24.528 0.837   5.581   0.46 14.14 ? 202 J4Q B C3  1 
HETATM 1584 N N2  . J4Q C 3 .   ? -23.589 0.898   3.593   0.46 15.64 ? 202 J4Q B N2  1 
HETATM 1585 S S2  . J4Q C 3 .   ? -23.187 -2.525  0.467   0.46 28.92 ? 202 J4Q B S2  1 
HETATM 1586 S S   . SO4 D 4 .   ? -15.603 9.291   -1.818  1.00 28.92 ? 203 SO4 B S   1 
HETATM 1587 O O1  . SO4 D 4 .   ? -14.755 8.774   -0.785  1.00 19.75 ? 203 SO4 B O1  1 
HETATM 1588 O O2  . SO4 D 4 .   ? -16.843 9.747   -1.247  1.00 37.98 ? 203 SO4 B O2  1 
HETATM 1589 O O3  . SO4 D 4 .   ? -14.899 10.386  -2.461  1.00 35.29 ? 203 SO4 B O3  1 
HETATM 1590 O O4  . SO4 D 4 .   ? -15.883 8.266   -2.815  1.00 30.70 ? 203 SO4 B O4  1 
HETATM 1591 O O   . HOH E 5 .   ? -11.040 -22.018 4.830   1.00 34.61 ? 301 HOH B O   1 
HETATM 1592 O O   . HOH E 5 .   ? -9.485  7.309   -7.178  1.00 22.13 ? 302 HOH B O   1 
HETATM 1593 O O   . HOH E 5 .   ? -9.559  -0.627  -3.345  1.00 23.86 ? 303 HOH B O   1 
HETATM 1594 O O   . HOH E 5 .   ? -12.255 5.770   13.378  1.00 19.67 ? 304 HOH B O   1 
HETATM 1595 O O   . HOH E 5 .   ? -10.338 6.745   4.177   1.00 19.57 ? 305 HOH B O   1 
HETATM 1596 O O   . HOH E 5 .   ? -16.583 -3.593  1.145   1.00 25.46 ? 306 HOH B O   1 
HETATM 1597 O O   . HOH E 5 .   ? -13.643 -2.535  12.323  1.00 20.40 ? 307 HOH B O   1 
HETATM 1598 O O   . HOH E 5 .   ? -12.054 11.139  -4.213  1.00 26.69 ? 308 HOH B O   1 
HETATM 1599 O O   . HOH E 5 .   ? 6.283   -10.614 -15.248 0.46 14.85 ? 309 HOH B O   1 
HETATM 1600 O O   . HOH E 5 .   ? -13.476 1.051   5.900   1.00 10.87 ? 310 HOH B O   1 
HETATM 1601 O O   . HOH E 5 .   ? -8.928  -12.533 21.359  1.00 19.17 ? 311 HOH B O   1 
HETATM 1602 O O   . HOH E 5 .   ? -15.856 -0.465  13.520  1.00 18.13 ? 312 HOH B O   1 
HETATM 1603 O O   . HOH E 5 .   ? -12.294 -4.547  11.060  1.00 16.92 ? 313 HOH B O   1 
HETATM 1604 O O   . HOH E 5 .   ? -10.888 -3.063  -1.899  1.00 25.26 ? 314 HOH B O   1 
HETATM 1605 O O   . HOH E 5 .   ? -24.408 0.904   -2.763  0.46 22.13 ? 315 HOH B O   1 
HETATM 1606 O O   . HOH E 5 .   ? -16.271 -3.596  11.938  1.00 34.20 ? 316 HOH B O   1 
HETATM 1607 O O   . HOH E 5 .   ? 0.492   -17.885 -2.019  1.00 23.21 ? 317 HOH B O   1 
HETATM 1608 O O   . HOH E 5 .   ? -14.642 5.908   14.372  1.00 24.89 ? 318 HOH B O   1 
HETATM 1609 O O   . HOH E 5 .   ? -13.433 -2.854  -2.683  1.00 23.62 ? 319 HOH B O   1 
# 
